data_9BDG
#
_entry.id   9BDG
#
_cell.length_a   1.00
_cell.length_b   1.00
_cell.length_c   1.00
_cell.angle_alpha   90.00
_cell.angle_beta   90.00
_cell.angle_gamma   90.00
#
_symmetry.space_group_name_H-M   'P 1'
#
loop_
_entity.id
_entity.type
_entity.pdbx_description
1 polymer Hemagglutinin
2 polymer 'Fab ADI-85647 Heavy chain'
3 polymer 'Ig-like domain-containing protein'
4 branched alpha-D-mannopyranose-(1-6)-alpha-D-mannopyranose-(1-3)-[alpha-D-mannopyranose-(1-3)-[alpha-D-mannopyranose-(1-6)]alpha-D-mannopyranose-(1-6)]beta-D-mannopyranose-(1-4)-2-acetamido-2-deoxy-beta-D-glucopyranose-(1-4)-2-acetamido-2-deoxy-beta-D-glucopyranose
5 branched beta-D-mannopyranose-(1-4)-2-acetamido-2-deoxy-beta-D-glucopyranose-(1-4)-2-acetamido-2-deoxy-beta-D-glucopyranose
6 branched alpha-D-mannopyranose-(1-3)-[alpha-D-mannopyranose-(1-6)]beta-D-mannopyranose-(1-4)-2-acetamido-2-deoxy-beta-D-glucopyranose-(1-4)-2-acetamido-2-deoxy-beta-D-glucopyranose
7 branched 2-acetamido-2-deoxy-beta-D-glucopyranose-(1-4)-2-acetamido-2-deoxy-beta-D-glucopyranose
8 branched alpha-D-mannopyranose-(1-3)-alpha-D-mannopyranose-(1-3)-[alpha-D-mannopyranose-(1-3)-[alpha-D-mannopyranose-(1-6)]alpha-D-mannopyranose-(1-6)]beta-D-mannopyranose-(1-4)-2-acetamido-2-deoxy-beta-D-glucopyranose-(1-4)-2-acetamido-2-deoxy-beta-D-glucopyranose
9 non-polymer 2-acetamido-2-deoxy-beta-D-glucopyranose
#
loop_
_entity_poly.entity_id
_entity_poly.type
_entity_poly.pdbx_seq_one_letter_code
_entity_poly.pdbx_strand_id
1 'polypeptide(L)'
;QKIPGNDNSTATLCLGHHAVPNGTIVKTITNDRIEVTNATELVQNSSIGEICGSPHQILDGGNCTLIDALLGDPQCDGFQ
NKEWDLFVERSRANSNCYPYDVPDYASLRSLVASSGTLEFKNESFNWTGVKQNGTSSACIRGSSSSFFSRLNWLTSLNNI
YPAQNVTMPNKEQFDKLYIWGVHHPDTDKNQISLFAQSSGRITVSTKRSQQAVIPNIGSRPRIRDIPSRISIYWTIVKPG
DILLINSTGNLIAPRGYFKIRSGKSSIMRSDAPIGKCKSECITPNGSIPNDKPFQNVNRITYGACPRYVKQSTLKLATGM
RNVPEKQTRGIFGAIAGFIENGWEGMVDGWYGFRWQNSEGRGQAADLKSTQAAIDQINGILNRLIGKTNEKFHQIEKEFS
EVEGRVQDLEKYVEDTKIDLWSYNAELLVALINQHTIDLTDSEMNKLFEKTKKQLRENAEDMGNGCFKIYHKCDNACIGS
IRNETYDHNVYRDEALNNRFQIKGAGSSLEVLFQ
;
A,B,C
2 'polypeptide(L)'
;EVQLVESGGGLVQPGRSLRLSCAASGFTFHNYAMHWVRQAPGKGLDWVTGITWNSVNVDYADSVKGRFTISRDNAKNSLY
LQMNSLRAEDTALYYCVKGQVWSGYYLTHDAFDLWGQGTTVTVSGASTKGPSVFPLAPSSKSTSGGTAALGCLVKDYFPE
PVTVSWNSGALTSGVHTFPAVLQSSGLYSLSSVVTVPSSSLGTQTYICNVNHKPSNTKVDKRVEPKSCDKGSSLEVLFQ
;
D,E,F
3 'polypeptide(L)'
;DIVMTQSPPSLSATVGDRVTITCRASQSISNYLNWYQQKPGKAPKLLISGASSLQLGVPSRFSGSESGTDFTLTISSLQP
EDCATYYCQQGYIMPGTFGQGTKVDIKRTVAAPSVFIFPPSDEQLKSGTASVVCLLNNFYPREAKVQWKVDNALQSGNSQ
ESVTEQDSKDSTYSLSSTLTLSKADYEKHKVYACEVTHQGLSSPVTKSFNRGEC
;
G,H,I
#
# COMPACT_ATOMS: atom_id res chain seq x y z
N PRO A 21 31.64 -51.94 2.87
CA PRO A 21 30.55 -52.42 3.74
C PRO A 21 29.30 -51.55 3.61
N ASN A 22 29.13 -50.62 4.54
CA ASN A 22 28.08 -49.62 4.42
C ASN A 22 28.53 -48.53 3.47
N GLY A 23 27.62 -48.10 2.59
CA GLY A 23 27.92 -47.06 1.62
C GLY A 23 26.83 -46.02 1.60
N THR A 24 27.13 -44.91 0.93
CA THR A 24 26.19 -43.80 0.82
C THR A 24 26.10 -43.36 -0.64
N ILE A 25 24.89 -43.09 -1.10
CA ILE A 25 24.64 -42.73 -2.49
C ILE A 25 24.58 -41.21 -2.59
N VAL A 26 25.40 -40.63 -3.47
CA VAL A 26 25.45 -39.19 -3.67
C VAL A 26 25.25 -38.86 -5.14
N LYS A 27 25.01 -37.58 -5.40
CA LYS A 27 24.66 -37.07 -6.72
C LYS A 27 25.74 -36.10 -7.21
N THR A 28 26.16 -36.28 -8.46
CA THR A 28 27.08 -35.39 -9.15
C THR A 28 26.41 -34.88 -10.42
N ILE A 29 27.19 -34.20 -11.27
CA ILE A 29 26.65 -33.71 -12.52
C ILE A 29 26.59 -34.82 -13.57
N THR A 30 27.69 -35.54 -13.75
CA THR A 30 27.72 -36.59 -14.75
C THR A 30 26.92 -37.81 -14.33
N ASN A 31 26.93 -38.14 -13.05
CA ASN A 31 26.25 -39.33 -12.54
C ASN A 31 25.21 -38.93 -11.50
N ASP A 32 24.09 -39.65 -11.50
CA ASP A 32 22.99 -39.36 -10.59
C ASP A 32 23.03 -40.19 -9.31
N ARG A 33 23.79 -41.28 -9.29
CA ARG A 33 23.94 -42.08 -8.08
C ARG A 33 25.35 -42.68 -8.07
N ILE A 34 26.13 -42.34 -7.06
CA ILE A 34 27.48 -42.87 -6.89
C ILE A 34 27.63 -43.36 -5.46
N GLU A 35 28.16 -44.56 -5.29
CA GLU A 35 28.36 -45.16 -3.97
C GLU A 35 29.71 -44.72 -3.43
N VAL A 36 29.70 -43.88 -2.39
CA VAL A 36 30.91 -43.39 -1.77
C VAL A 36 30.93 -43.86 -0.33
N THR A 37 32.10 -43.72 0.30
CA THR A 37 32.32 -44.24 1.64
C THR A 37 31.58 -43.41 2.68
N ASN A 38 31.87 -42.13 2.75
CA ASN A 38 31.38 -41.25 3.80
C ASN A 38 30.69 -40.05 3.17
N ALA A 39 29.54 -39.66 3.71
CA ALA A 39 28.80 -38.54 3.17
C ALA A 39 28.09 -37.82 4.31
N THR A 40 28.18 -36.49 4.30
CA THR A 40 27.59 -35.67 5.35
C THR A 40 26.29 -35.04 4.86
N GLU A 41 25.50 -34.54 5.79
CA GLU A 41 24.21 -33.93 5.50
C GLU A 41 24.27 -32.44 5.75
N LEU A 42 23.82 -31.66 4.77
CA LEU A 42 23.83 -30.21 4.85
C LEU A 42 22.45 -29.62 5.08
N VAL A 43 21.45 -30.46 5.36
CA VAL A 43 20.08 -30.01 5.59
C VAL A 43 19.65 -30.50 6.96
N GLN A 44 19.24 -29.57 7.81
CA GLN A 44 18.75 -29.89 9.14
C GLN A 44 17.25 -30.16 9.06
N ASN A 45 16.83 -31.37 9.41
CA ASN A 45 15.44 -31.77 9.29
C ASN A 45 14.72 -31.88 10.63
N SER A 46 15.39 -31.58 11.74
CA SER A 46 14.79 -31.76 13.05
C SER A 46 15.16 -30.59 13.94
N SER A 47 14.38 -30.43 15.01
CA SER A 47 14.60 -29.37 15.98
C SER A 47 14.10 -29.80 17.34
N ILE A 48 14.82 -29.41 18.39
CA ILE A 48 14.33 -29.62 19.75
C ILE A 48 13.21 -28.63 20.01
N GLY A 49 12.07 -29.14 20.47
CA GLY A 49 10.89 -28.31 20.63
C GLY A 49 10.96 -27.36 21.81
N GLU A 50 12.00 -26.53 21.86
CA GLU A 50 12.18 -25.57 22.93
C GLU A 50 12.84 -24.32 22.37
N ILE A 51 12.34 -23.16 22.77
CA ILE A 51 12.92 -21.89 22.36
C ILE A 51 13.96 -21.54 23.43
N CYS A 52 15.21 -21.95 23.17
CA CYS A 52 16.29 -21.70 24.11
C CYS A 52 16.54 -20.20 24.25
N GLY A 53 16.73 -19.74 25.47
CA GLY A 53 16.82 -18.31 25.71
C GLY A 53 18.06 -17.84 26.44
N SER A 54 19.20 -18.49 26.18
CA SER A 54 20.42 -18.10 26.87
C SER A 54 21.10 -16.89 26.22
N PRO A 55 21.40 -16.89 24.91
CA PRO A 55 22.09 -15.74 24.33
C PRO A 55 21.19 -14.63 23.80
N HIS A 56 19.87 -14.82 23.80
CA HIS A 56 18.93 -13.82 23.34
C HIS A 56 17.93 -13.55 24.45
N GLN A 57 17.48 -12.30 24.53
CA GLN A 57 16.46 -11.93 25.51
C GLN A 57 15.09 -12.22 24.91
N ILE A 58 14.40 -13.22 25.46
CA ILE A 58 13.14 -13.70 24.92
C ILE A 58 12.04 -13.45 25.93
N LEU A 59 10.97 -12.79 25.49
CA LEU A 59 9.87 -12.39 26.37
C LEU A 59 8.62 -13.16 25.97
N ASP A 60 8.14 -14.02 26.88
CA ASP A 60 7.01 -14.89 26.59
C ASP A 60 5.72 -14.12 26.82
N GLY A 61 5.02 -13.81 25.75
CA GLY A 61 3.78 -13.08 25.85
C GLY A 61 2.56 -13.97 25.92
N GLY A 62 2.49 -14.82 26.94
CA GLY A 62 1.33 -15.66 27.13
C GLY A 62 0.08 -14.86 27.40
N ASN A 63 -0.99 -15.13 26.66
CA ASN A 63 -2.27 -14.44 26.78
C ASN A 63 -2.15 -12.95 26.49
N CYS A 64 -1.11 -12.53 25.79
CA CYS A 64 -0.87 -11.10 25.58
C CYS A 64 -0.22 -10.88 24.23
N THR A 65 -0.88 -10.12 23.37
CA THR A 65 -0.29 -9.69 22.12
C THR A 65 0.62 -8.47 22.35
N LEU A 66 1.42 -8.15 21.35
CA LEU A 66 2.33 -7.01 21.47
C LEU A 66 1.59 -5.70 21.60
N ILE A 67 0.52 -5.51 20.82
CA ILE A 67 -0.22 -4.27 20.89
C ILE A 67 -0.97 -4.15 22.21
N ASP A 68 -1.49 -5.27 22.73
CA ASP A 68 -2.16 -5.23 24.03
C ASP A 68 -1.18 -4.95 25.17
N ALA A 69 0.11 -5.15 24.96
CA ALA A 69 1.11 -4.77 25.95
C ALA A 69 1.61 -3.36 25.75
N LEU A 70 1.63 -2.87 24.51
CA LEU A 70 1.92 -1.46 24.26
C LEU A 70 0.89 -0.59 24.96
N LEU A 71 -0.39 -0.87 24.74
CA LEU A 71 -1.43 -0.29 25.57
C LEU A 71 -1.49 -1.04 26.89
N GLY A 72 -2.33 -0.56 27.79
CA GLY A 72 -2.44 -1.25 29.06
C GLY A 72 -3.61 -2.20 29.15
N ASP A 73 -3.36 -3.47 28.90
CA ASP A 73 -4.38 -4.46 29.18
C ASP A 73 -4.35 -4.78 30.67
N PRO A 74 -5.50 -5.08 31.29
CA PRO A 74 -5.48 -5.44 32.71
C PRO A 74 -4.81 -6.77 32.98
N GLN A 75 -4.51 -7.57 31.94
CA GLN A 75 -3.81 -8.83 32.12
C GLN A 75 -2.44 -8.84 31.49
N CYS A 76 -2.02 -7.75 30.85
CA CYS A 76 -0.68 -7.60 30.31
C CYS A 76 0.14 -6.61 31.13
N ASP A 77 -0.22 -6.39 32.39
CA ASP A 77 0.43 -5.38 33.20
C ASP A 77 1.88 -5.72 33.49
N GLY A 78 2.23 -7.00 33.50
CA GLY A 78 3.58 -7.39 33.83
C GLY A 78 4.60 -7.19 32.73
N PHE A 79 4.15 -6.86 31.52
CA PHE A 79 5.05 -6.62 30.40
C PHE A 79 5.46 -5.16 30.27
N GLN A 80 4.96 -4.29 31.14
CA GLN A 80 5.20 -2.87 30.97
C GLN A 80 6.61 -2.49 31.44
N ASN A 81 7.21 -1.55 30.72
CA ASN A 81 8.58 -1.12 30.94
C ASN A 81 9.55 -2.29 30.84
N LYS A 82 9.39 -3.10 29.80
CA LYS A 82 10.19 -4.27 29.56
C LYS A 82 10.85 -4.21 28.19
N GLU A 83 12.06 -4.76 28.11
CA GLU A 83 12.81 -4.83 26.87
C GLU A 83 12.89 -6.28 26.40
N TRP A 84 13.22 -6.45 25.12
CA TRP A 84 13.29 -7.78 24.56
C TRP A 84 14.15 -7.76 23.30
N ASP A 85 14.62 -8.95 22.93
CA ASP A 85 15.26 -9.18 21.65
C ASP A 85 14.40 -9.99 20.70
N LEU A 86 13.43 -10.72 21.22
CA LEU A 86 12.45 -11.44 20.40
C LEU A 86 11.19 -11.62 21.21
N PHE A 87 10.06 -11.26 20.63
CA PHE A 87 8.76 -11.40 21.27
C PHE A 87 8.06 -12.64 20.73
N VAL A 88 7.55 -13.47 21.64
CA VAL A 88 6.86 -14.70 21.29
C VAL A 88 5.38 -14.51 21.53
N GLU A 89 4.59 -14.59 20.46
CA GLU A 89 3.13 -14.50 20.55
C GLU A 89 2.55 -15.90 20.41
N ARG A 90 1.62 -16.22 21.29
CA ARG A 90 0.99 -17.54 21.32
C ARG A 90 -0.38 -17.50 20.66
N SER A 91 -0.83 -18.67 20.22
CA SER A 91 -2.10 -18.76 19.51
C SER A 91 -3.30 -18.57 20.44
N ARG A 92 -3.11 -18.73 21.75
CA ARG A 92 -4.18 -18.55 22.71
C ARG A 92 -4.35 -17.11 23.16
N ALA A 93 -3.61 -16.18 22.55
CA ALA A 93 -3.70 -14.79 22.96
C ALA A 93 -5.06 -14.21 22.64
N ASN A 94 -5.61 -13.44 23.58
CA ASN A 94 -6.91 -12.82 23.40
C ASN A 94 -6.92 -11.49 24.11
N SER A 95 -7.87 -10.64 23.72
CA SER A 95 -8.05 -9.35 24.36
C SER A 95 -9.15 -9.43 25.40
N ASN A 96 -8.99 -8.67 26.47
CA ASN A 96 -9.94 -8.67 27.58
C ASN A 96 -10.23 -7.24 28.04
N CYS A 97 -10.41 -6.33 27.11
CA CYS A 97 -10.81 -4.97 27.46
C CYS A 97 -11.65 -4.37 26.33
N TYR A 98 -11.75 -3.05 26.31
CA TYR A 98 -12.58 -2.35 25.35
C TYR A 98 -12.20 -2.74 23.93
N PRO A 99 -13.15 -3.11 23.08
CA PRO A 99 -12.82 -3.49 21.71
C PRO A 99 -12.16 -2.33 20.97
N TYR A 100 -11.18 -2.66 20.13
CA TYR A 100 -10.44 -1.64 19.42
C TYR A 100 -9.99 -2.19 18.07
N ASP A 101 -9.71 -1.28 17.15
CA ASP A 101 -9.22 -1.62 15.83
C ASP A 101 -8.07 -0.68 15.48
N VAL A 102 -7.03 -1.22 14.86
CA VAL A 102 -5.91 -0.43 14.37
C VAL A 102 -5.99 -0.39 12.86
N PRO A 103 -6.17 0.78 12.24
CA PRO A 103 -6.32 0.81 10.78
C PRO A 103 -5.13 0.25 10.02
N ASP A 104 -3.92 0.36 10.56
CA ASP A 104 -2.74 -0.28 9.98
C ASP A 104 -2.09 -1.10 11.09
N TYR A 105 -2.58 -2.32 11.30
CA TYR A 105 -2.11 -3.14 12.40
C TYR A 105 -0.69 -3.65 12.16
N ALA A 106 -0.42 -4.12 10.95
CA ALA A 106 0.88 -4.72 10.66
C ALA A 106 2.01 -3.71 10.82
N SER A 107 1.80 -2.48 10.36
CA SER A 107 2.84 -1.46 10.44
C SER A 107 3.18 -1.12 11.88
N LEU A 108 2.16 -0.91 12.72
CA LEU A 108 2.42 -0.59 14.12
C LEU A 108 3.07 -1.75 14.83
N ARG A 109 2.60 -2.97 14.59
CA ARG A 109 3.19 -4.14 15.24
C ARG A 109 4.66 -4.27 14.85
N SER A 110 4.97 -4.13 13.56
CA SER A 110 6.36 -4.25 13.12
C SER A 110 7.23 -3.14 13.69
N LEU A 111 6.71 -1.91 13.72
CA LEU A 111 7.49 -0.79 14.23
C LEU A 111 7.82 -0.98 15.70
N VAL A 112 6.82 -1.36 16.51
CA VAL A 112 7.08 -1.55 17.93
C VAL A 112 7.97 -2.76 18.17
N ALA A 113 7.79 -3.83 17.38
CA ALA A 113 8.62 -5.02 17.54
C ALA A 113 10.08 -4.72 17.23
N SER A 114 10.34 -3.98 16.15
CA SER A 114 11.72 -3.65 15.80
C SER A 114 12.29 -2.54 16.68
N SER A 115 11.45 -1.77 17.35
CA SER A 115 11.95 -0.80 18.31
C SER A 115 12.72 -1.49 19.43
N GLY A 116 12.20 -2.62 19.91
CA GLY A 116 12.90 -3.44 20.86
C GLY A 116 12.65 -3.12 22.32
N THR A 117 11.88 -2.09 22.63
CA THR A 117 11.66 -1.74 24.03
C THR A 117 10.30 -1.09 24.19
N LEU A 118 9.74 -1.26 25.39
CA LEU A 118 8.63 -0.45 25.88
C LEU A 118 9.14 0.27 27.11
N GLU A 119 9.34 1.59 26.99
CA GLU A 119 9.68 2.42 28.14
C GLU A 119 8.83 3.67 28.07
N PHE A 120 7.86 3.75 28.97
CA PHE A 120 6.94 4.86 29.04
C PHE A 120 7.54 5.96 29.91
N LYS A 121 7.48 7.19 29.43
CA LYS A 121 7.78 8.35 30.25
C LYS A 121 6.56 9.25 30.29
N ASN A 122 6.12 9.55 31.49
CA ASN A 122 4.90 10.31 31.70
C ASN A 122 5.11 11.78 31.37
N GLU A 123 4.06 12.40 30.88
CA GLU A 123 4.05 13.83 30.57
C GLU A 123 2.78 14.46 31.13
N SER A 124 2.89 15.74 31.48
CA SER A 124 1.77 16.48 32.07
C SER A 124 1.17 17.38 31.00
N PHE A 125 0.24 16.82 30.23
CA PHE A 125 -0.47 17.62 29.24
C PHE A 125 -1.43 18.58 29.92
N ASN A 126 -1.75 19.66 29.22
CA ASN A 126 -2.55 20.75 29.79
C ASN A 126 -4.02 20.61 29.36
N TRP A 127 -4.65 19.53 29.78
CA TRP A 127 -6.06 19.33 29.49
C TRP A 127 -6.91 20.26 30.34
N THR A 128 -7.96 20.80 29.75
CA THR A 128 -8.77 21.83 30.40
C THR A 128 -10.24 21.42 30.43
N GLY A 129 -10.83 21.52 31.62
CA GLY A 129 -12.28 21.38 31.78
C GLY A 129 -12.87 20.08 31.29
N VAL A 130 -12.17 18.97 31.52
CA VAL A 130 -12.65 17.67 31.09
C VAL A 130 -12.47 16.67 32.22
N LYS A 131 -13.18 15.56 32.13
CA LYS A 131 -13.08 14.47 33.09
C LYS A 131 -12.09 13.44 32.56
N GLN A 132 -11.02 13.22 33.31
CA GLN A 132 -9.97 12.28 32.92
C GLN A 132 -10.12 10.97 33.66
N ASN A 133 -9.33 9.98 33.23
CA ASN A 133 -9.29 8.65 33.84
C ASN A 133 -10.69 8.03 33.88
N GLY A 134 -11.27 7.89 32.69
CA GLY A 134 -12.56 7.24 32.56
C GLY A 134 -12.39 5.73 32.42
N THR A 135 -13.29 4.99 33.06
CA THR A 135 -13.18 3.55 33.19
C THR A 135 -14.36 2.86 32.49
N SER A 136 -14.22 1.56 32.30
CA SER A 136 -15.25 0.75 31.66
C SER A 136 -15.23 -0.64 32.28
N SER A 137 -16.33 -1.36 32.08
CA SER A 137 -16.52 -2.70 32.63
C SER A 137 -15.82 -3.77 31.82
N ALA A 138 -15.34 -3.46 30.61
CA ALA A 138 -14.57 -4.43 29.86
C ALA A 138 -13.25 -4.72 30.57
N CYS A 139 -12.50 -3.69 30.92
CA CYS A 139 -11.34 -3.85 31.79
C CYS A 139 -11.77 -4.03 33.24
N ILE A 140 -11.28 -5.11 33.86
CA ILE A 140 -11.40 -5.30 35.29
C ILE A 140 -10.00 -5.55 35.84
N ARG A 141 -9.55 -4.67 36.73
CA ARG A 141 -8.22 -4.76 37.34
C ARG A 141 -8.42 -5.21 38.79
N GLY A 142 -8.41 -6.51 39.00
CA GLY A 142 -8.66 -7.07 40.31
C GLY A 142 -10.14 -7.12 40.63
N SER A 143 -10.70 -5.99 41.02
CA SER A 143 -12.11 -5.95 41.40
C SER A 143 -12.89 -4.77 40.84
N SER A 144 -12.24 -3.75 40.29
CA SER A 144 -12.91 -2.53 39.87
C SER A 144 -12.76 -2.34 38.37
N SER A 145 -13.75 -1.68 37.76
CA SER A 145 -13.71 -1.37 36.35
C SER A 145 -12.55 -0.43 36.05
N SER A 146 -12.01 -0.53 34.84
CA SER A 146 -10.79 0.23 34.56
C SER A 146 -10.68 0.45 33.05
N PHE A 147 -9.51 0.89 32.61
CA PHE A 147 -9.22 1.17 31.21
C PHE A 147 -7.76 0.85 30.95
N PHE A 148 -7.27 1.25 29.79
CA PHE A 148 -5.86 1.07 29.46
C PHE A 148 -4.99 1.94 30.37
N SER A 149 -3.83 1.41 30.74
CA SER A 149 -2.94 2.13 31.66
C SER A 149 -2.06 3.15 30.96
N ARG A 150 -1.97 3.13 29.64
CA ARG A 150 -1.16 4.09 28.90
C ARG A 150 -1.99 5.04 28.06
N LEU A 151 -3.31 5.05 28.25
CA LEU A 151 -4.20 5.96 27.54
C LEU A 151 -5.04 6.72 28.55
N ASN A 152 -5.87 7.63 28.05
CA ASN A 152 -6.66 8.49 28.93
C ASN A 152 -7.98 8.79 28.24
N TRP A 153 -9.06 8.18 28.73
CA TRP A 153 -10.39 8.42 28.16
C TRP A 153 -10.89 9.75 28.70
N LEU A 154 -10.87 10.77 27.85
CA LEU A 154 -11.35 12.10 28.21
C LEU A 154 -12.82 12.21 27.82
N THR A 155 -13.68 12.39 28.81
CA THR A 155 -15.11 12.60 28.61
C THR A 155 -15.47 14.02 29.03
N SER A 156 -16.75 14.32 28.96
CA SER A 156 -17.23 15.65 29.33
C SER A 156 -17.37 15.77 30.83
N LEU A 157 -17.31 17.00 31.32
CA LEU A 157 -17.54 17.31 32.73
C LEU A 157 -18.58 18.41 32.80
N ASN A 158 -19.64 18.17 33.58
CA ASN A 158 -20.76 19.11 33.71
C ASN A 158 -21.39 19.42 32.35
N ASN A 159 -21.48 18.40 31.49
CA ASN A 159 -22.10 18.48 30.18
C ASN A 159 -21.40 19.49 29.26
N ILE A 160 -20.13 19.78 29.51
CA ILE A 160 -19.33 20.68 28.68
C ILE A 160 -18.03 20.00 28.34
N TYR A 161 -17.64 20.05 27.06
CA TYR A 161 -16.37 19.52 26.58
C TYR A 161 -15.67 20.64 25.83
N PRO A 162 -14.88 21.46 26.53
CA PRO A 162 -14.16 22.54 25.84
C PRO A 162 -13.13 22.00 24.87
N ALA A 163 -12.86 22.80 23.83
CA ALA A 163 -11.88 22.42 22.83
C ALA A 163 -10.49 22.37 23.44
N GLN A 164 -9.72 21.36 23.07
CA GLN A 164 -8.40 21.11 23.62
C GLN A 164 -7.33 21.49 22.60
N ASN A 165 -6.41 22.35 23.02
CA ASN A 165 -5.28 22.78 22.20
C ASN A 165 -4.02 22.60 23.06
N VAL A 166 -3.30 21.51 22.84
CA VAL A 166 -2.20 21.12 23.71
C VAL A 166 -0.93 20.97 22.88
N THR A 167 0.17 21.51 23.41
CA THR A 167 1.45 21.52 22.71
C THR A 167 2.51 20.83 23.56
N MET A 168 3.40 20.11 22.90
CA MET A 168 4.53 19.50 23.60
C MET A 168 5.77 19.40 22.71
N PRO A 169 6.89 19.97 23.13
CA PRO A 169 8.09 19.92 22.30
C PRO A 169 8.98 18.72 22.62
N ASN A 170 9.93 18.48 21.71
CA ASN A 170 10.88 17.38 21.82
C ASN A 170 12.27 18.00 21.98
N LYS A 171 12.68 18.18 23.23
CA LYS A 171 13.98 18.77 23.54
C LYS A 171 15.05 17.71 23.80
N GLU A 172 14.73 16.43 23.60
CA GLU A 172 15.63 15.33 23.88
C GLU A 172 16.38 14.95 22.60
N GLN A 173 17.12 13.85 22.66
CA GLN A 173 17.97 13.43 21.55
C GLN A 173 17.51 12.11 20.93
N PHE A 174 16.21 11.83 20.98
CA PHE A 174 15.68 10.65 20.32
C PHE A 174 14.22 10.88 19.95
N ASP A 175 13.75 10.09 18.99
CA ASP A 175 12.38 10.21 18.54
C ASP A 175 11.43 9.69 19.61
N LYS A 176 10.25 10.32 19.68
CA LYS A 176 9.23 9.97 20.64
C LYS A 176 8.01 9.44 19.91
N LEU A 177 7.48 8.32 20.39
CA LEU A 177 6.30 7.68 19.80
C LEU A 177 5.10 7.94 20.70
N TYR A 178 4.05 8.50 20.11
CA TYR A 178 2.81 8.78 20.82
C TYR A 178 1.71 7.92 20.26
N ILE A 179 0.98 7.23 21.13
CA ILE A 179 -0.15 6.39 20.76
C ILE A 179 -1.41 7.04 21.29
N TRP A 180 -2.29 7.47 20.37
CA TRP A 180 -3.55 8.09 20.73
C TRP A 180 -4.69 7.35 20.03
N GLY A 181 -5.92 7.82 20.23
CA GLY A 181 -7.06 7.12 19.68
C GLY A 181 -8.26 8.00 19.46
N VAL A 182 -9.23 7.43 18.75
CA VAL A 182 -10.53 8.02 18.48
C VAL A 182 -11.60 7.04 18.93
N HIS A 183 -12.72 7.56 19.39
CA HIS A 183 -13.81 6.76 19.90
C HIS A 183 -14.97 6.77 18.92
N HIS A 184 -15.47 5.60 18.57
CA HIS A 184 -16.62 5.46 17.68
C HIS A 184 -17.80 4.92 18.50
N PRO A 185 -18.74 5.77 18.91
CA PRO A 185 -19.89 5.28 19.67
C PRO A 185 -20.97 4.68 18.79
N ASP A 186 -21.88 3.95 19.43
CA ASP A 186 -22.91 3.22 18.70
C ASP A 186 -23.96 4.17 18.14
N THR A 187 -24.44 5.10 18.97
CA THR A 187 -25.54 5.96 18.60
C THR A 187 -25.20 7.41 18.93
N ASP A 188 -26.04 8.32 18.43
CA ASP A 188 -25.84 9.74 18.71
C ASP A 188 -26.09 10.08 20.17
N LYS A 189 -27.02 9.36 20.81
CA LYS A 189 -27.28 9.60 22.23
C LYS A 189 -26.03 9.32 23.05
N ASN A 190 -25.35 8.21 22.76
CA ASN A 190 -24.13 7.89 23.49
C ASN A 190 -23.06 8.93 23.25
N GLN A 191 -22.94 9.41 22.00
CA GLN A 191 -21.95 10.44 21.69
C GLN A 191 -22.20 11.71 22.48
N ILE A 192 -23.45 12.17 22.50
CA ILE A 192 -23.79 13.38 23.24
C ILE A 192 -23.57 13.18 24.73
N SER A 193 -23.91 12.00 25.26
CA SER A 193 -23.73 11.74 26.67
C SER A 193 -22.25 11.74 27.05
N LEU A 194 -21.39 11.22 26.19
CA LEU A 194 -19.96 11.19 26.48
C LEU A 194 -19.29 12.53 26.16
N PHE A 195 -19.52 13.07 24.97
CA PHE A 195 -18.97 14.34 24.53
C PHE A 195 -20.10 15.25 24.10
N ALA A 196 -20.10 16.50 24.59
CA ALA A 196 -21.26 17.36 24.42
C ALA A 196 -21.58 17.65 22.96
N GLN A 197 -20.63 17.50 22.06
CA GLN A 197 -20.82 17.87 20.67
C GLN A 197 -21.37 16.71 19.85
N SER A 198 -22.18 17.04 18.85
CA SER A 198 -22.79 16.02 18.01
C SER A 198 -21.75 15.30 17.17
N SER A 199 -20.77 16.02 16.63
CA SER A 199 -19.71 15.44 15.84
C SER A 199 -18.38 16.05 16.25
N GLY A 200 -17.41 15.20 16.58
CA GLY A 200 -16.10 15.64 16.96
C GLY A 200 -15.11 15.55 15.82
N ARG A 201 -13.90 16.06 16.08
CA ARG A 201 -12.82 16.02 15.12
C ARG A 201 -11.50 16.08 15.86
N ILE A 202 -10.50 15.35 15.37
CA ILE A 202 -9.17 15.31 15.97
C ILE A 202 -8.15 15.72 14.93
N THR A 203 -7.21 16.57 15.33
CA THR A 203 -6.11 16.99 14.48
C THR A 203 -4.82 16.89 15.29
N VAL A 204 -3.97 15.94 14.94
CA VAL A 204 -2.68 15.75 15.59
C VAL A 204 -1.60 16.04 14.56
N SER A 205 -0.77 17.05 14.83
CA SER A 205 0.14 17.57 13.83
C SER A 205 1.53 17.78 14.42
N THR A 206 2.52 17.77 13.53
CA THR A 206 3.89 18.16 13.85
C THR A 206 4.34 19.20 12.82
N LYS A 207 5.62 19.52 12.80
CA LYS A 207 6.14 20.44 11.79
C LYS A 207 6.29 19.78 10.43
N ARG A 208 6.08 18.48 10.32
CA ARG A 208 6.29 17.78 9.06
C ARG A 208 5.19 16.78 8.70
N SER A 209 4.18 16.59 9.54
CA SER A 209 3.12 15.65 9.23
C SER A 209 1.84 16.09 9.93
N GLN A 210 0.71 15.60 9.45
CA GLN A 210 -0.57 15.92 10.05
C GLN A 210 -1.52 14.75 9.86
N GLN A 211 -2.33 14.47 10.90
CA GLN A 211 -3.37 13.45 10.83
C GLN A 211 -4.65 14.06 11.35
N ALA A 212 -5.67 14.10 10.50
CA ALA A 212 -7.00 14.58 10.85
C ALA A 212 -7.97 13.42 10.76
N VAL A 213 -8.67 13.16 11.86
CA VAL A 213 -9.56 11.99 11.97
C VAL A 213 -10.94 12.45 12.42
N ILE A 214 -11.96 11.83 11.85
CA ILE A 214 -13.36 12.14 12.14
C ILE A 214 -14.03 10.84 12.58
N PRO A 215 -14.73 10.83 13.71
CA PRO A 215 -15.38 9.59 14.16
C PRO A 215 -16.58 9.21 13.30
N ASN A 216 -16.91 7.92 13.33
CA ASN A 216 -18.01 7.37 12.56
C ASN A 216 -18.97 6.65 13.50
N ILE A 217 -20.13 7.26 13.72
CA ILE A 217 -21.15 6.63 14.56
C ILE A 217 -21.74 5.42 13.83
N GLY A 218 -22.38 4.55 14.58
CA GLY A 218 -22.99 3.34 14.04
C GLY A 218 -22.84 2.16 14.97
N SER A 219 -23.76 1.21 14.84
CA SER A 219 -23.78 0.03 15.71
C SER A 219 -22.86 -1.05 15.18
N ARG A 220 -22.31 -1.83 16.09
CA ARG A 220 -21.37 -2.90 15.80
C ARG A 220 -21.71 -4.09 16.69
N PRO A 221 -21.28 -5.30 16.30
CA PRO A 221 -21.50 -6.45 17.16
C PRO A 221 -20.84 -6.27 18.52
N ARG A 222 -21.51 -6.75 19.57
CA ARG A 222 -21.06 -6.51 20.93
C ARG A 222 -19.95 -7.49 21.32
N ILE A 223 -18.84 -6.94 21.79
CA ILE A 223 -17.78 -7.71 22.42
C ILE A 223 -17.72 -7.28 23.87
N ARG A 224 -18.00 -8.22 24.78
CA ARG A 224 -18.10 -7.94 26.21
C ARG A 224 -19.09 -6.82 26.49
N ASP A 225 -20.24 -6.88 25.80
CA ASP A 225 -21.35 -5.97 26.00
C ASP A 225 -20.93 -4.52 25.71
N ILE A 226 -20.32 -4.32 24.55
CA ILE A 226 -19.96 -2.98 24.08
C ILE A 226 -20.19 -2.91 22.58
N PRO A 227 -21.08 -2.03 22.12
CA PRO A 227 -21.25 -1.82 20.67
C PRO A 227 -20.42 -0.68 20.09
N SER A 228 -19.58 -0.03 20.90
CA SER A 228 -18.68 1.02 20.44
C SER A 228 -17.30 0.44 20.15
N ARG A 229 -16.44 1.25 19.55
CA ARG A 229 -15.09 0.81 19.24
C ARG A 229 -14.10 1.96 19.44
N ILE A 230 -12.82 1.64 19.35
CA ILE A 230 -11.74 2.60 19.45
C ILE A 230 -10.77 2.36 18.29
N SER A 231 -10.43 3.42 17.58
CA SER A 231 -9.39 3.39 16.56
C SER A 231 -8.10 3.94 17.13
N ILE A 232 -6.98 3.31 16.78
CA ILE A 232 -5.69 3.62 17.38
C ILE A 232 -4.76 4.19 16.32
N TYR A 233 -4.13 5.32 16.63
CA TYR A 233 -3.19 5.97 15.72
C TYR A 233 -1.90 6.27 16.46
N TRP A 234 -0.82 6.42 15.69
CA TRP A 234 0.50 6.69 16.25
C TRP A 234 1.17 7.83 15.50
N THR A 235 2.00 8.58 16.24
CA THR A 235 2.75 9.70 15.71
C THR A 235 4.17 9.66 16.22
N ILE A 236 5.13 10.05 15.38
CA ILE A 236 6.54 10.08 15.75
C ILE A 236 7.03 11.51 15.69
N VAL A 237 7.59 11.98 16.79
CA VAL A 237 8.10 13.35 16.91
C VAL A 237 9.61 13.29 17.00
N LYS A 238 10.28 13.96 16.08
CA LYS A 238 11.72 13.98 15.94
C LYS A 238 12.33 15.07 16.81
N PRO A 239 13.63 15.02 17.08
CA PRO A 239 14.25 16.08 17.87
C PRO A 239 14.08 17.45 17.22
N GLY A 240 13.84 18.45 18.06
CA GLY A 240 13.60 19.80 17.58
C GLY A 240 12.21 20.04 17.04
N ASP A 241 11.31 19.07 17.13
CA ASP A 241 9.98 19.18 16.59
C ASP A 241 8.99 19.49 17.72
N ILE A 242 7.70 19.47 17.39
CA ILE A 242 6.67 19.86 18.34
C ILE A 242 5.39 19.13 17.96
N LEU A 243 4.70 18.58 18.95
CA LEU A 243 3.45 17.85 18.75
C LEU A 243 2.29 18.72 19.21
N LEU A 244 1.34 18.94 18.32
CA LEU A 244 0.15 19.73 18.60
C LEU A 244 -1.07 18.84 18.50
N ILE A 245 -1.89 18.84 19.55
CA ILE A 245 -3.13 18.09 19.60
C ILE A 245 -4.28 19.08 19.70
N ASN A 246 -5.15 19.10 18.71
CA ASN A 246 -6.31 19.97 18.68
C ASN A 246 -7.54 19.10 18.50
N SER A 247 -8.39 19.05 19.53
CA SER A 247 -9.53 18.15 19.49
C SER A 247 -10.77 18.84 20.04
N THR A 248 -11.90 18.62 19.37
CA THR A 248 -13.20 19.05 19.85
C THR A 248 -13.96 17.94 20.57
N GLY A 249 -13.74 16.68 20.19
CA GLY A 249 -14.36 15.59 20.90
C GLY A 249 -13.80 14.26 20.43
N ASN A 250 -14.22 13.20 21.12
CA ASN A 250 -13.91 11.82 20.75
C ASN A 250 -12.42 11.54 20.71
N LEU A 251 -11.71 12.00 21.74
CA LEU A 251 -10.27 11.83 21.83
C LEU A 251 -9.90 10.93 23.00
N ILE A 252 -9.08 9.92 22.72
CA ILE A 252 -8.48 9.08 23.76
C ILE A 252 -7.03 9.51 23.86
N ALA A 253 -6.74 10.38 24.84
CA ALA A 253 -5.47 11.06 24.90
C ALA A 253 -4.36 10.12 25.34
N PRO A 254 -3.10 10.49 25.08
CA PRO A 254 -1.98 9.72 25.63
C PRO A 254 -1.52 10.25 26.98
N ARG A 255 -0.99 9.33 27.79
CA ARG A 255 -0.47 9.65 29.10
C ARG A 255 1.02 9.95 29.10
N GLY A 256 1.68 9.82 27.95
CA GLY A 256 3.11 10.01 27.90
C GLY A 256 3.65 9.55 26.56
N TYR A 257 4.95 9.25 26.53
CA TYR A 257 5.59 8.85 25.29
C TYR A 257 6.46 7.63 25.47
N PHE A 258 6.52 6.82 24.43
CA PHE A 258 7.43 5.68 24.35
C PHE A 258 8.72 6.13 23.67
N LYS A 259 9.71 5.24 23.67
CA LYS A 259 11.02 5.53 23.12
C LYS A 259 11.29 4.60 21.95
N ILE A 260 11.73 5.17 20.83
CA ILE A 260 11.99 4.44 19.60
C ILE A 260 13.49 4.29 19.44
N ARG A 261 13.96 3.06 19.27
CA ARG A 261 15.36 2.78 19.03
C ARG A 261 15.50 1.89 17.81
N SER A 262 16.69 1.92 17.22
CA SER A 262 17.03 1.06 16.11
C SER A 262 17.97 -0.04 16.59
N GLY A 263 17.63 -1.29 16.30
CA GLY A 263 18.45 -2.38 16.75
C GLY A 263 17.96 -3.69 16.19
N LYS A 264 18.43 -4.77 16.80
CA LYS A 264 18.04 -6.12 16.42
C LYS A 264 16.92 -6.58 17.35
N SER A 265 15.72 -6.71 16.79
CA SER A 265 14.56 -7.16 17.53
C SER A 265 13.48 -7.56 16.54
N SER A 266 12.64 -8.52 16.93
CA SER A 266 11.58 -8.99 16.06
C SER A 266 10.48 -9.61 16.91
N ILE A 267 9.47 -10.14 16.22
CA ILE A 267 8.32 -10.76 16.87
C ILE A 267 7.99 -12.04 16.12
N MET A 268 7.67 -13.09 16.87
CA MET A 268 7.42 -14.41 16.30
C MET A 268 6.17 -15.02 16.92
N ARG A 269 5.49 -15.85 16.14
CA ARG A 269 4.33 -16.61 16.60
C ARG A 269 4.74 -18.07 16.73
N SER A 270 4.78 -18.55 17.97
CA SER A 270 5.27 -19.90 18.23
C SER A 270 4.66 -20.44 19.52
N ASP A 271 4.10 -21.64 19.44
CA ASP A 271 3.56 -22.31 20.61
C ASP A 271 4.55 -23.37 21.12
N ALA A 272 5.69 -22.90 21.58
CA ALA A 272 6.72 -23.80 22.06
C ALA A 272 7.21 -23.37 23.43
N PRO A 273 7.55 -24.31 24.31
CA PRO A 273 8.04 -23.94 25.64
C PRO A 273 9.42 -23.30 25.58
N ILE A 274 9.71 -22.49 26.59
CA ILE A 274 10.99 -21.79 26.72
C ILE A 274 11.83 -22.52 27.74
N GLY A 275 13.08 -22.83 27.37
CA GLY A 275 13.97 -23.60 28.21
C GLY A 275 15.24 -22.84 28.57
N LYS A 276 16.12 -23.55 29.28
CA LYS A 276 17.37 -22.97 29.75
C LYS A 276 18.56 -23.28 28.85
N CYS A 277 18.34 -23.93 27.71
CA CYS A 277 19.43 -24.27 26.82
C CYS A 277 20.01 -23.02 26.16
N LYS A 278 21.06 -23.21 25.38
CA LYS A 278 21.70 -22.13 24.63
C LYS A 278 21.75 -22.49 23.17
N SER A 279 21.28 -21.58 22.31
CA SER A 279 21.35 -21.76 20.87
C SER A 279 21.12 -20.40 20.21
N GLU A 280 21.62 -20.27 18.99
CA GLU A 280 21.62 -18.99 18.28
C GLU A 280 20.47 -18.83 17.30
N CYS A 281 20.04 -19.91 16.64
CA CYS A 281 19.02 -19.83 15.61
C CYS A 281 17.68 -20.28 16.17
N ILE A 282 16.69 -19.40 16.09
CA ILE A 282 15.35 -19.67 16.59
C ILE A 282 14.41 -19.86 15.42
N THR A 283 13.34 -20.61 15.65
CA THR A 283 12.34 -20.99 14.67
C THR A 283 11.04 -21.21 15.44
N PRO A 284 9.88 -20.98 14.82
CA PRO A 284 8.62 -21.25 15.52
C PRO A 284 8.48 -22.67 16.05
N ASN A 285 9.12 -23.65 15.42
CA ASN A 285 9.12 -25.00 15.96
C ASN A 285 10.05 -25.14 17.16
N GLY A 286 11.14 -24.39 17.19
CA GLY A 286 12.09 -24.45 18.28
C GLY A 286 13.42 -23.85 17.87
N SER A 287 14.42 -24.09 18.72
CA SER A 287 15.76 -23.63 18.41
C SER A 287 16.51 -24.71 17.65
N ILE A 288 17.15 -24.33 16.56
CA ILE A 288 17.84 -25.32 15.73
C ILE A 288 19.33 -25.00 15.67
N PRO A 289 20.19 -26.02 15.63
CA PRO A 289 21.62 -25.77 15.44
C PRO A 289 21.90 -25.19 14.07
N ASN A 290 22.97 -24.40 13.99
CA ASN A 290 23.32 -23.68 12.77
C ASN A 290 24.62 -24.14 12.16
N ASP A 291 25.08 -25.35 12.49
CA ASP A 291 26.31 -25.85 11.89
C ASP A 291 26.14 -26.09 10.40
N LYS A 292 25.06 -26.73 10.01
CA LYS A 292 24.82 -27.05 8.61
C LYS A 292 24.33 -25.81 7.86
N PRO A 293 24.67 -25.71 6.57
CA PRO A 293 24.34 -24.48 5.83
C PRO A 293 22.86 -24.28 5.57
N PHE A 294 22.08 -25.35 5.44
CA PHE A 294 20.69 -25.24 5.01
C PHE A 294 19.75 -25.84 6.06
N GLN A 295 18.46 -25.63 5.84
CA GLN A 295 17.43 -26.12 6.76
C GLN A 295 16.20 -26.52 5.98
N ASN A 296 15.29 -27.22 6.66
CA ASN A 296 14.04 -27.65 6.06
C ASN A 296 12.86 -27.48 7.02
N VAL A 297 13.02 -26.72 8.10
CA VAL A 297 12.02 -26.69 9.17
C VAL A 297 10.98 -25.62 8.90
N ASN A 298 11.40 -24.35 8.86
CA ASN A 298 10.46 -23.25 8.73
C ASN A 298 11.13 -22.12 7.99
N ARG A 299 10.31 -21.31 7.31
CA ARG A 299 10.81 -20.15 6.58
C ARG A 299 11.00 -18.93 7.47
N ILE A 300 10.52 -18.97 8.71
CA ILE A 300 10.62 -17.87 9.64
C ILE A 300 11.76 -18.17 10.62
N THR A 301 12.80 -17.35 10.58
CA THR A 301 13.99 -17.57 11.37
C THR A 301 14.41 -16.27 12.05
N TYR A 302 15.13 -16.41 13.16
CA TYR A 302 15.71 -15.28 13.87
C TYR A 302 17.17 -15.55 14.18
N GLY A 303 18.02 -14.56 13.96
CA GLY A 303 19.42 -14.70 14.28
C GLY A 303 20.21 -15.40 13.18
N ALA A 304 21.40 -15.85 13.56
CA ALA A 304 22.29 -16.55 12.63
C ALA A 304 21.72 -17.92 12.32
N CYS A 305 21.06 -18.05 11.17
CA CYS A 305 20.29 -19.24 10.85
C CYS A 305 20.69 -19.79 9.49
N PRO A 306 20.55 -21.09 9.28
CA PRO A 306 20.74 -21.65 7.95
C PRO A 306 19.64 -21.22 7.00
N ARG A 307 19.96 -21.25 5.71
CA ARG A 307 18.99 -20.87 4.70
C ARG A 307 17.94 -21.96 4.52
N TYR A 308 16.80 -21.57 3.92
CA TYR A 308 15.68 -22.47 3.72
C TYR A 308 15.73 -23.08 2.33
N VAL A 309 15.63 -24.40 2.27
CA VAL A 309 15.59 -25.15 1.02
C VAL A 309 14.46 -26.16 1.10
N LYS A 310 13.75 -26.34 -0.01
CA LYS A 310 12.63 -27.29 -0.05
C LYS A 310 13.09 -28.72 0.10
N GLN A 311 14.34 -29.02 -0.23
CA GLN A 311 14.82 -30.39 -0.18
C GLN A 311 14.90 -30.90 1.25
N SER A 312 14.71 -32.20 1.42
CA SER A 312 14.78 -32.84 2.73
C SER A 312 16.17 -33.43 3.01
N THR A 313 16.85 -33.93 1.99
CA THR A 313 18.19 -34.48 2.15
C THR A 313 19.10 -33.91 1.07
N LEU A 314 20.21 -33.33 1.49
CA LEU A 314 21.27 -32.87 0.61
C LEU A 314 22.58 -33.35 1.20
N LYS A 315 23.27 -34.25 0.50
CA LYS A 315 24.43 -34.93 1.06
C LYS A 315 25.68 -34.59 0.28
N LEU A 316 26.75 -34.26 1.00
CA LEU A 316 28.02 -33.87 0.44
C LEU A 316 29.00 -35.03 0.57
N ALA A 317 29.67 -35.36 -0.54
CA ALA A 317 30.58 -36.50 -0.57
C ALA A 317 31.86 -36.15 0.15
N THR A 318 32.02 -36.66 1.37
CA THR A 318 33.19 -36.41 2.19
C THR A 318 34.21 -37.54 2.08
N GLY A 319 33.95 -38.51 1.19
CA GLY A 319 34.88 -39.61 1.00
C GLY A 319 35.04 -39.94 -0.47
N MET A 320 35.94 -40.87 -0.73
CA MET A 320 36.22 -41.32 -2.09
C MET A 320 35.14 -42.31 -2.54
N ARG A 321 35.17 -42.61 -3.84
CA ARG A 321 34.23 -43.57 -4.39
C ARG A 321 34.50 -44.96 -3.83
N ASN A 322 33.44 -45.76 -3.75
CA ASN A 322 33.50 -47.09 -3.17
C ASN A 322 33.27 -48.11 -4.26
N VAL A 323 34.23 -49.02 -4.42
CA VAL A 323 34.09 -50.15 -5.35
C VAL A 323 34.17 -51.43 -4.51
N PRO A 324 33.33 -52.43 -4.77
CA PRO A 324 33.38 -53.65 -3.96
C PRO A 324 34.34 -54.69 -4.50
N ALA A 364 50.21 -49.82 4.13
CA ALA A 364 49.40 -48.64 3.85
C ALA A 364 50.10 -47.37 4.29
N ALA A 365 51.41 -47.32 4.05
CA ALA A 365 52.26 -46.25 4.56
C ALA A 365 52.18 -44.96 3.74
N ASP A 366 51.28 -44.87 2.76
CA ASP A 366 51.18 -43.66 1.96
C ASP A 366 50.47 -42.56 2.74
N LEU A 367 51.15 -41.99 3.73
CA LEU A 367 50.52 -41.00 4.59
C LEU A 367 50.40 -39.64 3.92
N LYS A 368 51.30 -39.31 2.99
CA LYS A 368 51.28 -37.99 2.38
C LYS A 368 50.04 -37.78 1.52
N SER A 369 49.69 -38.77 0.69
CA SER A 369 48.49 -38.64 -0.14
C SER A 369 47.23 -38.58 0.71
N THR A 370 47.16 -39.41 1.75
CA THR A 370 46.00 -39.39 2.64
C THR A 370 45.87 -38.04 3.31
N GLN A 371 46.99 -37.48 3.77
CA GLN A 371 46.95 -36.17 4.41
C GLN A 371 46.52 -35.09 3.43
N ALA A 372 47.01 -35.15 2.19
CA ALA A 372 46.63 -34.15 1.20
C ALA A 372 45.12 -34.18 0.93
N ALA A 373 44.58 -35.39 0.71
CA ALA A 373 43.15 -35.52 0.45
C ALA A 373 42.33 -35.06 1.64
N ILE A 374 42.75 -35.45 2.84
CA ILE A 374 42.02 -35.06 4.04
C ILE A 374 42.03 -33.56 4.22
N ASP A 375 43.19 -32.92 3.97
CA ASP A 375 43.27 -31.48 4.11
C ASP A 375 42.38 -30.76 3.11
N GLN A 376 42.37 -31.22 1.85
CA GLN A 376 41.52 -30.55 0.87
C GLN A 376 40.04 -30.69 1.23
N ILE A 377 39.61 -31.90 1.60
CA ILE A 377 38.21 -32.11 1.92
C ILE A 377 37.82 -31.31 3.16
N ASN A 378 38.70 -31.27 4.15
CA ASN A 378 38.40 -30.52 5.37
C ASN A 378 38.39 -29.02 5.11
N GLY A 379 39.20 -28.54 4.18
CA GLY A 379 39.10 -27.14 3.80
C GLY A 379 37.78 -26.81 3.14
N ILE A 380 37.31 -27.68 2.24
CA ILE A 380 35.99 -27.49 1.64
C ILE A 380 34.92 -27.44 2.73
N LEU A 381 34.98 -28.40 3.66
CA LEU A 381 33.99 -28.46 4.73
C LEU A 381 34.04 -27.21 5.60
N ASN A 382 35.24 -26.73 5.91
CA ASN A 382 35.38 -25.52 6.71
C ASN A 382 34.77 -24.32 6.00
N ARG A 383 34.96 -24.24 4.68
CA ARG A 383 34.34 -23.15 3.93
C ARG A 383 32.83 -23.23 3.97
N LEU A 384 32.28 -24.44 3.91
CA LEU A 384 30.82 -24.55 3.86
C LEU A 384 30.20 -24.51 5.25
N ILE A 385 30.71 -25.30 6.17
CA ILE A 385 30.05 -25.55 7.45
C ILE A 385 30.48 -24.49 8.45
N GLY A 386 29.49 -23.86 9.09
CA GLY A 386 29.73 -23.01 10.24
C GLY A 386 29.62 -21.51 9.97
N LYS A 387 29.77 -21.08 8.73
CA LYS A 387 29.72 -19.65 8.38
C LYS A 387 28.30 -19.32 7.96
N THR A 388 27.57 -18.61 8.81
CA THR A 388 26.17 -18.29 8.58
C THR A 388 25.95 -16.79 8.72
N ASN A 389 24.89 -16.31 8.07
CA ASN A 389 24.51 -14.91 8.08
C ASN A 389 23.39 -14.68 9.11
N GLU A 390 23.34 -13.46 9.62
CA GLU A 390 22.42 -13.09 10.69
C GLU A 390 21.40 -12.10 10.15
N LYS A 391 20.14 -12.52 10.10
CA LYS A 391 19.02 -11.67 9.76
C LYS A 391 18.06 -11.59 10.94
N PHE A 392 17.77 -10.37 11.38
CA PHE A 392 17.04 -10.20 12.63
C PHE A 392 15.56 -9.90 12.40
N HIS A 393 15.25 -8.83 11.67
CA HIS A 393 13.87 -8.49 11.38
C HIS A 393 13.62 -8.61 9.88
N GLN A 394 12.57 -9.34 9.53
CA GLN A 394 12.19 -9.61 8.15
C GLN A 394 10.70 -9.34 7.97
N ILE A 395 10.18 -9.70 6.81
CA ILE A 395 8.77 -9.52 6.49
C ILE A 395 7.96 -10.70 7.03
N GLU A 396 6.64 -10.54 7.08
CA GLU A 396 5.77 -11.62 7.54
C GLU A 396 5.61 -12.68 6.47
N LYS A 397 5.49 -13.93 6.92
CA LYS A 397 5.45 -15.07 6.02
C LYS A 397 4.22 -15.96 6.23
N GLU A 398 3.36 -15.63 7.19
CA GLU A 398 2.12 -16.35 7.42
C GLU A 398 0.99 -15.34 7.59
N PHE A 399 -0.16 -15.64 6.99
CA PHE A 399 -1.29 -14.73 7.00
C PHE A 399 -2.55 -15.49 7.41
N SER A 400 -3.29 -14.93 8.36
CA SER A 400 -4.53 -15.54 8.83
C SER A 400 -5.75 -15.12 8.02
N GLU A 401 -5.67 -13.97 7.34
CA GLU A 401 -6.77 -13.46 6.53
C GLU A 401 -6.29 -13.27 5.09
N VAL A 402 -7.24 -13.09 4.19
CA VAL A 402 -6.95 -12.74 2.81
C VAL A 402 -7.12 -11.24 2.64
N GLU A 403 -6.09 -10.57 2.13
CA GLU A 403 -6.05 -9.12 2.02
C GLU A 403 -6.04 -8.63 0.58
N GLY A 404 -5.08 -9.10 -0.22
CA GLY A 404 -5.04 -8.66 -1.61
C GLY A 404 -3.66 -8.52 -2.21
N ARG A 405 -3.36 -7.32 -2.72
CA ARG A 405 -2.19 -7.14 -3.57
C ARG A 405 -0.89 -7.26 -2.80
N VAL A 406 -0.80 -6.61 -1.64
CA VAL A 406 0.46 -6.60 -0.89
C VAL A 406 0.79 -7.99 -0.38
N GLN A 407 -0.21 -8.72 0.10
CA GLN A 407 0.01 -10.09 0.56
C GLN A 407 0.47 -10.97 -0.59
N ASP A 408 -0.11 -10.80 -1.78
CA ASP A 408 0.33 -11.55 -2.95
C ASP A 408 1.78 -11.21 -3.30
N LEU A 409 2.15 -9.94 -3.21
CA LEU A 409 3.52 -9.56 -3.49
C LEU A 409 4.49 -10.20 -2.51
N GLU A 410 4.14 -10.22 -1.22
CA GLU A 410 5.01 -10.84 -0.22
C GLU A 410 5.15 -12.34 -0.47
N LYS A 411 4.04 -13.01 -0.78
CA LYS A 411 4.11 -14.43 -1.08
C LYS A 411 4.98 -14.69 -2.30
N TYR A 412 4.86 -13.85 -3.33
CA TYR A 412 5.69 -14.01 -4.52
C TYR A 412 7.16 -13.84 -4.19
N VAL A 413 7.50 -12.85 -3.36
CA VAL A 413 8.89 -12.61 -3.00
C VAL A 413 9.47 -13.82 -2.28
N GLU A 414 8.73 -14.35 -1.31
CA GLU A 414 9.23 -15.51 -0.57
C GLU A 414 9.34 -16.75 -1.45
N ASP A 415 8.39 -16.98 -2.35
CA ASP A 415 8.49 -18.12 -3.26
C ASP A 415 9.72 -17.99 -4.16
N THR A 416 9.97 -16.79 -4.68
CA THR A 416 11.15 -16.58 -5.51
C THR A 416 12.42 -16.87 -4.74
N LYS A 417 12.52 -16.38 -3.50
CA LYS A 417 13.70 -16.61 -2.69
C LYS A 417 13.91 -18.10 -2.44
N ILE A 418 12.84 -18.81 -2.08
CA ILE A 418 12.95 -20.23 -1.76
C ILE A 418 13.39 -21.03 -2.99
N ASP A 419 12.78 -20.74 -4.14
CA ASP A 419 13.14 -21.48 -5.35
C ASP A 419 14.58 -21.22 -5.75
N LEU A 420 15.02 -19.96 -5.72
CA LEU A 420 16.39 -19.65 -6.10
C LEU A 420 17.39 -20.32 -5.16
N TRP A 421 17.11 -20.30 -3.85
CA TRP A 421 18.05 -20.90 -2.92
C TRP A 421 18.07 -22.43 -3.02
N SER A 422 16.92 -23.04 -3.31
CA SER A 422 16.92 -24.49 -3.54
C SER A 422 17.75 -24.86 -4.76
N TYR A 423 17.60 -24.09 -5.85
CA TYR A 423 18.40 -24.35 -7.03
C TYR A 423 19.88 -24.20 -6.73
N ASN A 424 20.24 -23.15 -5.98
CA ASN A 424 21.64 -22.93 -5.64
C ASN A 424 22.19 -24.09 -4.82
N ALA A 425 21.42 -24.57 -3.84
CA ALA A 425 21.89 -25.68 -3.00
C ALA A 425 22.12 -26.94 -3.84
N GLU A 426 21.17 -27.27 -4.72
CA GLU A 426 21.32 -28.48 -5.53
C GLU A 426 22.54 -28.38 -6.44
N LEU A 427 22.72 -27.23 -7.10
CA LEU A 427 23.87 -27.06 -7.98
C LEU A 427 25.18 -27.12 -7.20
N LEU A 428 25.22 -26.49 -6.03
CA LEU A 428 26.46 -26.47 -5.26
C LEU A 428 26.84 -27.87 -4.82
N VAL A 429 25.89 -28.65 -4.33
CA VAL A 429 26.20 -30.02 -3.93
C VAL A 429 26.67 -30.82 -5.14
N ALA A 430 26.04 -30.62 -6.30
CA ALA A 430 26.45 -31.34 -7.50
C ALA A 430 27.91 -31.02 -7.86
N LEU A 431 28.25 -29.73 -7.96
CA LEU A 431 29.61 -29.37 -8.34
C LEU A 431 30.63 -29.90 -7.35
N ILE A 432 30.36 -29.74 -6.05
CA ILE A 432 31.35 -30.12 -5.06
C ILE A 432 31.51 -31.64 -5.04
N ASN A 433 30.44 -32.39 -5.22
CA ASN A 433 30.57 -33.84 -5.35
C ASN A 433 31.43 -34.20 -6.54
N GLN A 434 31.18 -33.56 -7.68
CA GLN A 434 31.93 -33.90 -8.89
C GLN A 434 33.41 -33.62 -8.71
N HIS A 435 33.75 -32.45 -8.18
CA HIS A 435 35.15 -32.09 -8.02
C HIS A 435 35.82 -32.91 -6.92
N THR A 436 35.07 -33.27 -5.87
CA THR A 436 35.63 -34.13 -4.82
C THR A 436 35.99 -35.50 -5.38
N ILE A 437 35.07 -36.09 -6.15
CA ILE A 437 35.36 -37.39 -6.75
C ILE A 437 36.51 -37.29 -7.73
N ASP A 438 36.56 -36.21 -8.52
CA ASP A 438 37.64 -36.05 -9.47
C ASP A 438 38.99 -35.93 -8.79
N LEU A 439 39.07 -35.14 -7.71
CA LEU A 439 40.35 -34.98 -7.03
C LEU A 439 40.77 -36.26 -6.32
N THR A 440 39.80 -36.99 -5.73
CA THR A 440 40.15 -38.24 -5.07
C THR A 440 40.56 -39.31 -6.07
N ASP A 441 40.05 -39.23 -7.31
CA ASP A 441 40.53 -40.13 -8.35
C ASP A 441 41.90 -39.71 -8.86
N SER A 442 42.18 -38.41 -8.90
CA SER A 442 43.48 -37.95 -9.37
C SER A 442 44.58 -38.26 -8.37
N GLU A 443 44.27 -38.24 -7.07
CA GLU A 443 45.29 -38.54 -6.07
C GLU A 443 45.77 -39.99 -6.17
N MET A 444 44.99 -40.87 -6.77
CA MET A 444 45.39 -42.26 -6.92
C MET A 444 45.61 -42.59 -8.40
N HIS B 18 33.86 -40.69 -33.85
CA HIS B 18 32.97 -40.54 -34.99
C HIS B 18 32.68 -39.07 -35.24
N ALA B 19 32.48 -38.70 -36.50
CA ALA B 19 32.32 -37.30 -36.88
C ALA B 19 31.06 -37.13 -37.72
N VAL B 20 30.70 -35.88 -37.95
CA VAL B 20 29.48 -35.53 -38.67
C VAL B 20 29.80 -34.44 -39.69
N PRO B 21 29.18 -34.45 -40.87
CA PRO B 21 29.41 -33.36 -41.83
C PRO B 21 28.65 -32.07 -41.49
N ASN B 22 27.49 -32.18 -40.87
CA ASN B 22 26.69 -31.02 -40.48
C ASN B 22 26.77 -30.86 -38.97
N GLY B 23 27.60 -29.92 -38.52
CA GLY B 23 27.84 -29.73 -37.11
C GLY B 23 26.96 -28.67 -36.48
N THR B 24 27.25 -28.37 -35.21
CA THR B 24 26.54 -27.33 -34.48
C THR B 24 27.53 -26.66 -33.53
N ILE B 25 27.22 -25.43 -33.13
CA ILE B 25 28.15 -24.60 -32.36
C ILE B 25 27.56 -24.34 -30.98
N VAL B 26 28.31 -24.67 -29.93
CA VAL B 26 27.87 -24.48 -28.55
C VAL B 26 28.96 -23.78 -27.76
N LYS B 27 28.60 -23.39 -26.53
CA LYS B 27 29.45 -22.58 -25.66
C LYS B 27 29.74 -23.31 -24.36
N THR B 28 31.00 -23.27 -23.94
CA THR B 28 31.47 -23.84 -22.68
C THR B 28 32.07 -22.74 -21.82
N ILE B 29 32.71 -23.14 -20.71
CA ILE B 29 33.32 -22.16 -19.82
C ILE B 29 34.66 -21.68 -20.37
N THR B 30 35.50 -22.60 -20.83
CA THR B 30 36.80 -22.26 -21.38
C THR B 30 36.78 -22.10 -22.89
N ASN B 31 35.64 -22.26 -23.54
CA ASN B 31 35.53 -22.10 -24.98
C ASN B 31 34.20 -21.44 -25.31
N ASP B 32 34.23 -20.46 -26.21
CA ASP B 32 33.06 -19.68 -26.58
C ASP B 32 32.34 -20.23 -27.80
N ARG B 33 33.05 -20.87 -28.72
CA ARG B 33 32.44 -21.43 -29.93
C ARG B 33 33.14 -22.75 -30.22
N ILE B 34 32.47 -23.86 -29.94
CA ILE B 34 33.03 -25.19 -30.13
C ILE B 34 32.05 -26.02 -30.95
N GLU B 35 32.57 -26.85 -31.84
CA GLU B 35 31.75 -27.61 -32.78
C GLU B 35 31.46 -29.00 -32.23
N VAL B 36 30.17 -29.34 -32.20
CA VAL B 36 29.69 -30.62 -31.69
C VAL B 36 28.71 -31.21 -32.70
N THR B 37 28.14 -32.35 -32.33
CA THR B 37 27.36 -33.17 -33.24
C THR B 37 25.87 -32.84 -33.23
N ASN B 38 25.22 -33.00 -32.07
CA ASN B 38 23.75 -32.96 -32.02
C ASN B 38 23.21 -31.63 -31.49
N ALA B 39 23.53 -31.28 -30.24
CA ALA B 39 23.25 -29.96 -29.68
C ALA B 39 21.75 -29.64 -29.70
N THR B 40 21.02 -30.34 -28.83
CA THR B 40 19.60 -30.05 -28.64
C THR B 40 19.40 -28.65 -28.07
N GLU B 41 18.13 -28.28 -27.90
CA GLU B 41 17.74 -26.93 -27.54
C GLU B 41 16.93 -26.94 -26.24
N LEU B 42 17.17 -25.97 -25.37
CA LEU B 42 16.57 -25.93 -24.05
C LEU B 42 15.61 -24.77 -23.84
N VAL B 43 15.38 -23.92 -24.84
CA VAL B 43 14.42 -22.83 -24.72
C VAL B 43 13.40 -22.95 -25.84
N GLN B 44 12.15 -22.64 -25.50
CA GLN B 44 11.03 -22.74 -26.42
C GLN B 44 10.67 -21.33 -26.89
N ASN B 45 10.62 -21.15 -28.22
CA ASN B 45 10.42 -19.83 -28.80
C ASN B 45 9.17 -19.78 -29.68
N SER B 46 8.20 -20.65 -29.45
CA SER B 46 7.01 -20.68 -30.29
C SER B 46 5.84 -21.24 -29.52
N SER B 47 4.63 -20.93 -30.00
CA SER B 47 3.40 -21.44 -29.44
C SER B 47 2.43 -21.76 -30.56
N ILE B 48 1.48 -22.65 -30.28
CA ILE B 48 0.50 -23.04 -31.28
C ILE B 48 -0.59 -22.00 -31.51
N GLY B 49 -0.70 -21.01 -30.62
CA GLY B 49 -1.64 -19.93 -30.81
C GLY B 49 -3.04 -20.18 -30.32
N GLU B 50 -3.29 -21.30 -29.64
CA GLU B 50 -4.61 -21.61 -29.11
C GLU B 50 -4.47 -21.96 -27.64
N ILE B 51 -5.46 -21.55 -26.84
CA ILE B 51 -5.50 -21.89 -25.42
C ILE B 51 -6.25 -23.21 -25.30
N CYS B 52 -5.52 -24.31 -25.24
CA CYS B 52 -6.12 -25.62 -25.11
C CYS B 52 -6.78 -25.77 -23.75
N GLY B 53 -7.81 -26.61 -23.69
CA GLY B 53 -8.58 -26.69 -22.46
C GLY B 53 -8.89 -28.10 -21.97
N SER B 54 -8.00 -29.05 -22.22
CA SER B 54 -8.28 -30.41 -21.77
C SER B 54 -7.97 -30.61 -20.29
N PRO B 55 -6.75 -30.33 -19.82
CA PRO B 55 -6.48 -30.60 -18.40
C PRO B 55 -7.11 -29.59 -17.46
N HIS B 56 -7.10 -28.31 -17.81
CA HIS B 56 -7.66 -27.26 -16.98
C HIS B 56 -9.01 -26.83 -17.51
N GLN B 57 -9.76 -26.14 -16.65
CA GLN B 57 -11.07 -25.61 -16.99
C GLN B 57 -10.93 -24.13 -17.32
N ILE B 58 -11.26 -23.76 -18.55
CA ILE B 58 -11.07 -22.40 -19.05
C ILE B 58 -12.44 -21.76 -19.26
N LEU B 59 -12.57 -20.51 -18.85
CA LEU B 59 -13.82 -19.76 -18.98
C LEU B 59 -13.56 -18.53 -19.83
N ASP B 60 -14.19 -18.47 -21.00
CA ASP B 60 -13.96 -17.39 -21.94
C ASP B 60 -14.88 -16.23 -21.58
N GLY B 61 -14.29 -15.12 -21.14
CA GLY B 61 -15.07 -13.96 -20.79
C GLY B 61 -15.17 -12.93 -21.91
N GLY B 62 -15.73 -13.33 -23.05
CA GLY B 62 -15.93 -12.41 -24.13
C GLY B 62 -16.89 -11.29 -23.75
N ASN B 63 -16.47 -10.04 -23.97
CA ASN B 63 -17.24 -8.85 -23.61
C ASN B 63 -17.60 -8.84 -22.12
N CYS B 64 -16.77 -9.45 -21.29
CA CYS B 64 -17.13 -9.64 -19.89
C CYS B 64 -15.87 -9.67 -19.04
N THR B 65 -15.75 -8.72 -18.12
CA THR B 65 -14.70 -8.77 -17.12
C THR B 65 -15.16 -9.62 -15.94
N LEU B 66 -14.21 -9.94 -15.05
CA LEU B 66 -14.54 -10.74 -13.88
C LEU B 66 -15.45 -9.98 -12.93
N ILE B 67 -15.21 -8.68 -12.75
CA ILE B 67 -16.02 -7.90 -11.82
C ILE B 67 -17.42 -7.70 -12.36
N ASP B 68 -17.56 -7.48 -13.67
CA ASP B 68 -18.88 -7.35 -14.27
C ASP B 68 -19.68 -8.64 -14.13
N ALA B 69 -19.02 -9.79 -14.34
CA ALA B 69 -19.69 -11.07 -14.15
C ALA B 69 -20.08 -11.27 -12.69
N LEU B 70 -19.21 -10.86 -11.76
CA LEU B 70 -19.51 -11.01 -10.34
C LEU B 70 -20.70 -10.15 -9.93
N LEU B 71 -20.75 -8.90 -10.39
CA LEU B 71 -21.86 -8.02 -10.02
C LEU B 71 -23.13 -8.41 -10.77
N GLY B 72 -23.00 -8.85 -12.01
CA GLY B 72 -24.15 -9.34 -12.74
C GLY B 72 -24.78 -8.37 -13.74
N ASP B 73 -23.96 -7.75 -14.58
CA ASP B 73 -24.48 -6.94 -15.66
C ASP B 73 -25.05 -7.84 -16.75
N PRO B 74 -25.99 -7.32 -17.56
CA PRO B 74 -26.75 -8.21 -18.46
C PRO B 74 -25.90 -9.02 -19.41
N GLN B 75 -24.87 -8.42 -20.00
CA GLN B 75 -24.06 -9.13 -20.99
C GLN B 75 -23.37 -10.35 -20.40
N CYS B 76 -23.16 -10.38 -19.08
CA CYS B 76 -22.51 -11.51 -18.43
C CYS B 76 -23.52 -12.40 -17.71
N ASP B 77 -24.80 -12.31 -18.06
CA ASP B 77 -25.84 -13.06 -17.38
C ASP B 77 -25.59 -14.57 -17.45
N GLY B 78 -24.89 -15.02 -18.47
CA GLY B 78 -24.61 -16.43 -18.63
C GLY B 78 -23.41 -16.94 -17.87
N PHE B 79 -22.75 -16.09 -17.08
CA PHE B 79 -21.59 -16.50 -16.32
C PHE B 79 -21.91 -16.79 -14.86
N GLN B 80 -23.16 -16.63 -14.44
CA GLN B 80 -23.48 -16.76 -13.03
C GLN B 80 -23.49 -18.23 -12.62
N ASN B 81 -23.02 -18.48 -11.41
CA ASN B 81 -22.92 -19.84 -10.85
C ASN B 81 -22.03 -20.72 -11.71
N LYS B 82 -20.84 -20.23 -12.02
CA LYS B 82 -19.89 -20.94 -12.87
C LYS B 82 -18.52 -20.97 -12.21
N GLU B 83 -17.90 -22.14 -12.23
CA GLU B 83 -16.57 -22.35 -11.68
C GLU B 83 -15.55 -22.34 -12.80
N TRP B 84 -14.28 -22.17 -12.42
CA TRP B 84 -13.21 -22.06 -13.39
C TRP B 84 -11.88 -22.34 -12.74
N ASP B 85 -10.89 -22.66 -13.58
CA ASP B 85 -9.50 -22.74 -13.18
C ASP B 85 -8.64 -21.62 -13.75
N LEU B 86 -9.09 -20.99 -14.83
CA LEU B 86 -8.41 -19.83 -15.39
C LEU B 86 -9.41 -18.99 -16.15
N PHE B 87 -9.62 -17.76 -15.71
CA PHE B 87 -10.50 -16.83 -16.38
C PHE B 87 -9.71 -16.08 -17.46
N VAL B 88 -10.26 -16.04 -18.67
CA VAL B 88 -9.63 -15.36 -19.80
C VAL B 88 -10.37 -14.06 -20.06
N GLU B 89 -9.66 -12.95 -19.92
CA GLU B 89 -10.21 -11.62 -20.15
C GLU B 89 -9.65 -11.09 -21.47
N ARG B 90 -10.53 -10.54 -22.29
CA ARG B 90 -10.16 -10.06 -23.61
C ARG B 90 -10.12 -8.53 -23.64
N SER B 91 -9.38 -8.00 -24.61
CA SER B 91 -9.18 -6.56 -24.70
C SER B 91 -10.42 -5.81 -25.15
N ARG B 92 -11.39 -6.50 -25.73
CA ARG B 92 -12.64 -5.87 -26.17
C ARG B 92 -13.67 -5.81 -25.06
N ALA B 93 -13.34 -6.24 -23.86
CA ALA B 93 -14.29 -6.23 -22.76
C ALA B 93 -14.68 -4.80 -22.40
N ASN B 94 -15.99 -4.60 -22.20
CA ASN B 94 -16.53 -3.30 -21.86
C ASN B 94 -17.64 -3.49 -20.83
N SER B 95 -18.16 -2.37 -20.33
CA SER B 95 -19.25 -2.38 -19.37
C SER B 95 -20.45 -1.68 -19.98
N ASN B 96 -21.63 -2.28 -19.80
CA ASN B 96 -22.88 -1.74 -20.35
C ASN B 96 -23.95 -1.66 -19.27
N CYS B 97 -23.59 -1.09 -18.12
CA CYS B 97 -24.53 -0.92 -17.03
C CYS B 97 -24.19 0.38 -16.30
N TYR B 98 -24.69 0.53 -15.08
CA TYR B 98 -24.48 1.75 -14.33
C TYR B 98 -23.00 1.98 -14.10
N PRO B 99 -22.52 3.23 -14.25
CA PRO B 99 -21.11 3.50 -13.98
C PRO B 99 -20.74 3.16 -12.55
N TYR B 100 -19.56 2.58 -12.37
CA TYR B 100 -19.13 2.18 -11.04
C TYR B 100 -17.61 2.24 -10.94
N ASP B 101 -17.14 2.33 -9.70
CA ASP B 101 -15.71 2.36 -9.40
C ASP B 101 -15.44 1.47 -8.20
N VAL B 102 -14.35 0.72 -8.25
CA VAL B 102 -13.91 -0.11 -7.13
C VAL B 102 -12.67 0.52 -6.54
N PRO B 103 -12.72 1.02 -5.30
CA PRO B 103 -11.55 1.70 -4.72
C PRO B 103 -10.30 0.85 -4.64
N ASP B 104 -10.43 -0.46 -4.48
CA ASP B 104 -9.28 -1.38 -4.58
C ASP B 104 -9.65 -2.44 -5.61
N TYR B 105 -9.42 -2.13 -6.88
CA TYR B 105 -9.82 -3.03 -7.95
C TYR B 105 -8.94 -4.27 -8.00
N ALA B 106 -7.62 -4.10 -7.88
CA ALA B 106 -6.71 -5.22 -8.02
C ALA B 106 -6.93 -6.25 -6.93
N SER B 107 -7.15 -5.80 -5.70
CA SER B 107 -7.33 -6.74 -4.59
C SER B 107 -8.59 -7.57 -4.77
N LEU B 108 -9.70 -6.94 -5.15
CA LEU B 108 -10.94 -7.68 -5.35
C LEU B 108 -10.83 -8.63 -6.54
N ARG B 109 -10.20 -8.18 -7.62
CA ARG B 109 -10.02 -9.06 -8.76
C ARG B 109 -9.20 -10.27 -8.40
N SER B 110 -8.10 -10.07 -7.64
CA SER B 110 -7.27 -11.20 -7.24
C SER B 110 -8.02 -12.14 -6.30
N LEU B 111 -8.79 -11.57 -5.36
CA LEU B 111 -9.55 -12.40 -4.42
C LEU B 111 -10.54 -13.29 -5.17
N VAL B 112 -11.34 -12.70 -6.05
CA VAL B 112 -12.34 -13.49 -6.77
C VAL B 112 -11.69 -14.47 -7.72
N ALA B 113 -10.58 -14.07 -8.36
CA ALA B 113 -9.91 -14.96 -9.30
C ALA B 113 -9.33 -16.18 -8.59
N SER B 114 -8.70 -15.98 -7.43
CA SER B 114 -8.14 -17.11 -6.70
C SER B 114 -9.21 -17.94 -6.00
N SER B 115 -10.37 -17.35 -5.69
CA SER B 115 -11.45 -18.13 -5.11
C SER B 115 -11.90 -19.22 -6.07
N GLY B 116 -12.01 -18.90 -7.35
CA GLY B 116 -12.27 -19.91 -8.36
C GLY B 116 -13.71 -20.30 -8.55
N THR B 117 -14.65 -19.54 -8.00
CA THR B 117 -16.05 -19.89 -8.19
C THR B 117 -16.92 -18.64 -8.05
N LEU B 118 -17.98 -18.60 -8.85
CA LEU B 118 -19.12 -17.74 -8.60
C LEU B 118 -20.24 -18.67 -8.15
N GLU B 119 -20.70 -18.51 -6.92
CA GLU B 119 -21.77 -19.35 -6.42
C GLU B 119 -22.56 -18.51 -5.43
N PHE B 120 -23.78 -18.16 -5.83
CA PHE B 120 -24.61 -17.21 -5.09
C PHE B 120 -25.70 -17.96 -4.36
N LYS B 121 -25.83 -17.72 -3.07
CA LYS B 121 -26.95 -18.20 -2.28
C LYS B 121 -27.71 -17.01 -1.73
N ASN B 122 -29.01 -16.99 -1.99
CA ASN B 122 -29.84 -15.88 -1.58
C ASN B 122 -30.01 -15.83 -0.07
N GLU B 123 -30.18 -14.62 0.45
CA GLU B 123 -30.49 -14.41 1.85
C GLU B 123 -31.65 -13.44 1.96
N SER B 124 -32.42 -13.55 3.04
CA SER B 124 -33.61 -12.76 3.27
C SER B 124 -33.31 -11.71 4.33
N PHE B 125 -32.79 -10.56 3.89
CA PHE B 125 -32.64 -9.43 4.79
C PHE B 125 -33.99 -8.77 5.05
N ASN B 126 -34.06 -8.02 6.14
CA ASN B 126 -35.32 -7.40 6.53
C ASN B 126 -35.69 -6.25 5.60
N TRP B 127 -34.88 -5.19 5.58
CA TRP B 127 -35.08 -4.02 4.73
C TRP B 127 -36.48 -3.44 4.90
N THR B 128 -36.69 -2.86 6.08
CA THR B 128 -38.00 -2.30 6.41
C THR B 128 -38.24 -0.95 5.74
N GLY B 129 -39.45 -0.78 5.22
CA GLY B 129 -39.93 0.52 4.76
C GLY B 129 -39.15 1.18 3.64
N VAL B 130 -38.71 0.40 2.66
CA VAL B 130 -37.94 0.92 1.54
C VAL B 130 -38.48 0.33 0.24
N LYS B 131 -38.12 0.96 -0.87
CA LYS B 131 -38.45 0.46 -2.20
C LYS B 131 -37.26 -0.30 -2.75
N GLN B 132 -37.47 -1.57 -3.06
CA GLN B 132 -36.40 -2.46 -3.51
C GLN B 132 -36.46 -2.66 -5.01
N ASN B 133 -35.40 -3.26 -5.54
CA ASN B 133 -35.28 -3.61 -6.95
C ASN B 133 -35.46 -2.37 -7.85
N GLY B 134 -34.55 -1.42 -7.66
CA GLY B 134 -34.52 -0.24 -8.52
C GLY B 134 -33.80 -0.53 -9.83
N THR B 135 -34.21 0.18 -10.87
CA THR B 135 -33.71 -0.04 -12.22
C THR B 135 -33.22 1.26 -12.83
N SER B 136 -32.30 1.13 -13.78
CA SER B 136 -31.73 2.27 -14.48
C SER B 136 -31.88 2.10 -15.97
N SER B 137 -31.97 3.22 -16.68
CA SER B 137 -32.20 3.21 -18.12
C SER B 137 -30.94 2.91 -18.92
N ALA B 138 -29.78 2.80 -18.28
CA ALA B 138 -28.55 2.44 -18.96
C ALA B 138 -28.15 1.00 -18.73
N CYS B 139 -28.99 0.21 -18.05
CA CYS B 139 -28.76 -1.21 -17.84
C CYS B 139 -30.00 -1.93 -18.37
N ILE B 140 -30.00 -2.21 -19.66
CA ILE B 140 -31.15 -2.81 -20.33
C ILE B 140 -30.92 -4.32 -20.42
N ARG B 141 -31.85 -5.09 -19.88
CA ARG B 141 -31.81 -6.55 -19.94
C ARG B 141 -33.01 -7.01 -20.76
N GLY B 142 -32.76 -7.37 -22.01
CA GLY B 142 -33.84 -7.75 -22.90
C GLY B 142 -34.43 -6.55 -23.60
N SER B 143 -35.57 -6.06 -23.10
CA SER B 143 -36.21 -4.88 -23.65
C SER B 143 -36.67 -3.91 -22.56
N SER B 144 -36.34 -4.17 -21.29
CA SER B 144 -36.76 -3.34 -20.19
C SER B 144 -35.56 -2.94 -19.36
N SER B 145 -35.64 -1.76 -18.74
CA SER B 145 -34.57 -1.27 -17.90
C SER B 145 -34.40 -2.18 -16.68
N SER B 146 -33.16 -2.35 -16.25
CA SER B 146 -32.86 -3.24 -15.14
C SER B 146 -31.66 -2.70 -14.39
N PHE B 147 -31.03 -3.56 -13.59
CA PHE B 147 -29.87 -3.22 -12.78
C PHE B 147 -28.98 -4.45 -12.69
N PHE B 148 -28.00 -4.42 -11.80
CA PHE B 148 -27.18 -5.58 -11.54
C PHE B 148 -28.03 -6.68 -10.91
N SER B 149 -27.71 -7.93 -11.25
CA SER B 149 -28.53 -9.06 -10.80
C SER B 149 -28.17 -9.54 -9.41
N ARG B 150 -27.08 -9.06 -8.82
CA ARG B 150 -26.66 -9.49 -7.49
C ARG B 150 -26.61 -8.34 -6.49
N LEU B 151 -27.10 -7.16 -6.86
CA LEU B 151 -27.16 -6.02 -5.95
C LEU B 151 -28.58 -5.45 -5.96
N ASN B 152 -28.96 -4.85 -4.85
CA ASN B 152 -30.33 -4.36 -4.63
C ASN B 152 -30.26 -2.85 -4.44
N TRP B 153 -30.77 -2.10 -5.41
CA TRP B 153 -30.80 -0.64 -5.31
C TRP B 153 -31.96 -0.25 -4.42
N LEU B 154 -31.66 0.31 -3.25
CA LEU B 154 -32.65 0.70 -2.27
C LEU B 154 -32.92 2.19 -2.40
N THR B 155 -34.19 2.54 -2.57
CA THR B 155 -34.63 3.91 -2.77
C THR B 155 -35.73 4.21 -1.77
N SER B 156 -36.02 5.50 -1.58
CA SER B 156 -37.06 5.92 -0.66
C SER B 156 -38.44 5.49 -1.17
N LEU B 157 -39.35 5.25 -0.24
CA LEU B 157 -40.74 4.94 -0.54
C LEU B 157 -41.62 5.94 0.21
N ASN B 158 -42.50 6.62 -0.54
CA ASN B 158 -43.35 7.67 0.01
C ASN B 158 -42.52 8.78 0.66
N ASN B 159 -41.37 9.09 0.04
CA ASN B 159 -40.47 10.15 0.50
C ASN B 159 -39.98 9.92 1.93
N ILE B 160 -39.84 8.67 2.34
CA ILE B 160 -39.28 8.31 3.63
C ILE B 160 -38.26 7.19 3.43
N TYR B 161 -37.10 7.33 4.06
CA TYR B 161 -36.04 6.31 4.03
C TYR B 161 -35.64 6.04 5.48
N PRO B 162 -36.30 5.10 6.15
CA PRO B 162 -35.94 4.80 7.53
C PRO B 162 -34.59 4.09 7.62
N ALA B 163 -33.99 4.19 8.81
CA ALA B 163 -32.70 3.58 9.05
C ALA B 163 -32.80 2.05 9.01
N GLN B 164 -31.71 1.42 8.60
CA GLN B 164 -31.63 -0.03 8.51
C GLN B 164 -30.73 -0.59 9.59
N ASN B 165 -31.11 -1.76 10.12
CA ASN B 165 -30.43 -2.36 11.27
C ASN B 165 -30.29 -3.88 11.08
N VAL B 166 -30.14 -4.34 9.84
CA VAL B 166 -30.18 -5.77 9.57
C VAL B 166 -28.91 -6.47 10.07
N THR B 167 -29.03 -7.78 10.27
CA THR B 167 -27.95 -8.59 10.78
C THR B 167 -28.08 -10.01 10.25
N MET B 168 -26.95 -10.63 9.89
CA MET B 168 -26.95 -12.01 9.44
C MET B 168 -25.77 -12.77 10.05
N PRO B 169 -26.02 -13.89 10.72
CA PRO B 169 -24.94 -14.68 11.29
C PRO B 169 -24.43 -15.75 10.33
N ASN B 170 -23.23 -16.23 10.62
CA ASN B 170 -22.58 -17.27 9.84
C ASN B 170 -22.56 -18.55 10.66
N LYS B 171 -23.52 -19.43 10.40
CA LYS B 171 -23.60 -20.71 11.07
C LYS B 171 -23.07 -21.85 10.21
N GLU B 172 -22.40 -21.54 9.12
CA GLU B 172 -21.88 -22.52 8.19
C GLU B 172 -20.42 -22.82 8.51
N GLN B 173 -19.76 -23.55 7.61
CA GLN B 173 -18.39 -24.00 7.83
C GLN B 173 -17.41 -23.40 6.83
N PHE B 174 -17.74 -22.24 6.27
CA PHE B 174 -16.83 -21.58 5.34
C PHE B 174 -17.07 -20.08 5.38
N ASP B 175 -16.07 -19.33 4.93
CA ASP B 175 -16.18 -17.88 4.90
C ASP B 175 -17.18 -17.43 3.85
N LYS B 176 -17.87 -16.33 4.14
CA LYS B 176 -18.87 -15.78 3.23
C LYS B 176 -18.40 -14.40 2.75
N LEU B 177 -18.51 -14.16 1.45
CA LEU B 177 -18.11 -12.90 0.84
C LEU B 177 -19.34 -12.09 0.49
N TYR B 178 -19.37 -10.84 0.94
CA TYR B 178 -20.49 -9.95 0.69
C TYR B 178 -19.99 -8.74 -0.10
N ILE B 179 -20.67 -8.46 -1.22
CA ILE B 179 -20.37 -7.31 -2.07
C ILE B 179 -21.52 -6.32 -1.93
N TRP B 180 -21.19 -5.08 -1.57
CA TRP B 180 -22.19 -4.03 -1.43
C TRP B 180 -21.63 -2.76 -2.06
N GLY B 181 -22.40 -1.68 -1.98
CA GLY B 181 -21.96 -0.45 -2.62
C GLY B 181 -22.57 0.79 -1.99
N VAL B 182 -22.04 1.93 -2.43
CA VAL B 182 -22.52 3.24 -2.01
C VAL B 182 -22.73 4.10 -3.26
N HIS B 183 -23.85 4.79 -3.31
CA HIS B 183 -24.23 5.58 -4.48
C HIS B 183 -23.76 7.03 -4.28
N HIS B 184 -22.95 7.52 -5.21
CA HIS B 184 -22.53 8.91 -5.20
C HIS B 184 -23.36 9.66 -6.24
N PRO B 185 -24.33 10.47 -5.85
CA PRO B 185 -25.15 11.18 -6.83
C PRO B 185 -24.50 12.49 -7.25
N ASP B 186 -25.03 13.04 -8.35
CA ASP B 186 -24.42 14.22 -8.97
C ASP B 186 -24.77 15.50 -8.21
N THR B 187 -26.02 15.65 -7.79
CA THR B 187 -26.47 16.89 -7.16
C THR B 187 -27.24 16.56 -5.88
N ASP B 188 -27.43 17.58 -5.06
CA ASP B 188 -28.20 17.41 -3.83
C ASP B 188 -29.65 17.11 -4.12
N LYS B 189 -30.20 17.70 -5.19
CA LYS B 189 -31.58 17.42 -5.57
C LYS B 189 -31.78 15.94 -5.87
N ASN B 190 -30.84 15.36 -6.62
CA ASN B 190 -30.92 13.93 -6.91
C ASN B 190 -30.83 13.10 -5.64
N GLN B 191 -29.96 13.50 -4.72
CA GLN B 191 -29.81 12.76 -3.46
C GLN B 191 -31.10 12.76 -2.68
N ILE B 192 -31.73 13.93 -2.54
CA ILE B 192 -32.99 14.02 -1.81
C ILE B 192 -34.08 13.22 -2.52
N SER B 193 -34.15 13.33 -3.84
CA SER B 193 -35.17 12.61 -4.60
C SER B 193 -34.98 11.10 -4.50
N LEU B 194 -33.77 10.63 -4.25
CA LEU B 194 -33.54 9.19 -4.11
C LEU B 194 -33.61 8.74 -2.66
N PHE B 195 -32.85 9.39 -1.78
CA PHE B 195 -32.84 9.10 -0.36
C PHE B 195 -33.17 10.38 0.40
N ALA B 196 -34.16 10.30 1.29
CA ALA B 196 -34.73 11.52 1.87
C ALA B 196 -33.70 12.35 2.63
N GLN B 197 -32.67 11.75 3.17
CA GLN B 197 -31.69 12.48 3.96
C GLN B 197 -30.74 13.26 3.05
N SER B 198 -30.34 14.44 3.53
CA SER B 198 -29.41 15.27 2.76
C SER B 198 -28.05 14.61 2.61
N SER B 199 -27.55 14.00 3.67
CA SER B 199 -26.27 13.30 3.65
C SER B 199 -26.45 11.95 4.32
N GLY B 200 -26.14 10.88 3.60
CA GLY B 200 -26.22 9.55 4.13
C GLY B 200 -24.88 9.05 4.68
N ARG B 201 -24.91 7.85 5.23
CA ARG B 201 -23.73 7.26 5.83
C ARG B 201 -23.97 5.78 6.07
N ILE B 202 -22.95 4.97 5.77
CA ILE B 202 -23.06 3.51 5.82
C ILE B 202 -22.01 2.96 6.77
N THR B 203 -22.43 2.03 7.62
CA THR B 203 -21.55 1.36 8.57
C THR B 203 -21.78 -0.14 8.46
N VAL B 204 -20.80 -0.87 7.92
CA VAL B 204 -20.87 -2.33 7.80
C VAL B 204 -19.76 -2.91 8.64
N SER B 205 -20.13 -3.72 9.63
CA SER B 205 -19.15 -4.18 10.62
C SER B 205 -19.41 -5.64 10.99
N THR B 206 -18.33 -6.30 11.38
CA THR B 206 -18.34 -7.65 11.95
C THR B 206 -17.66 -7.58 13.32
N LYS B 207 -17.40 -8.76 13.89
CA LYS B 207 -16.72 -8.81 15.18
C LYS B 207 -15.23 -8.50 15.08
N ARG B 208 -14.67 -8.42 13.88
CA ARG B 208 -13.24 -8.21 13.70
C ARG B 208 -12.89 -7.03 12.82
N SER B 209 -13.84 -6.45 12.10
CA SER B 209 -13.54 -5.36 11.18
C SER B 209 -14.75 -4.44 11.08
N GLN B 210 -14.50 -3.21 10.65
CA GLN B 210 -15.54 -2.23 10.41
C GLN B 210 -15.21 -1.43 9.18
N GLN B 211 -16.26 -0.94 8.50
CA GLN B 211 -16.11 -0.13 7.31
C GLN B 211 -17.19 0.93 7.32
N ALA B 212 -16.79 2.19 7.41
CA ALA B 212 -17.69 3.32 7.40
C ALA B 212 -17.43 4.15 6.16
N VAL B 213 -18.49 4.42 5.39
CA VAL B 213 -18.38 5.10 4.11
C VAL B 213 -19.38 6.25 4.08
N ILE B 214 -18.94 7.40 3.61
CA ILE B 214 -19.77 8.59 3.44
C ILE B 214 -19.81 8.93 1.96
N PRO B 215 -20.98 9.09 1.36
CA PRO B 215 -21.03 9.44 -0.06
C PRO B 215 -20.55 10.86 -0.32
N ASN B 216 -20.08 11.09 -1.54
CA ASN B 216 -19.57 12.38 -1.97
C ASN B 216 -20.40 12.88 -3.14
N ILE B 217 -21.11 13.98 -2.93
CA ILE B 217 -21.98 14.56 -3.95
C ILE B 217 -21.15 15.45 -4.87
N GLY B 218 -21.31 15.26 -6.17
CA GLY B 218 -20.60 16.04 -7.15
C GLY B 218 -20.81 15.52 -8.56
N SER B 219 -20.58 16.36 -9.56
CA SER B 219 -20.84 16.00 -10.94
C SER B 219 -19.64 15.26 -11.53
N ARG B 220 -19.93 14.34 -12.44
CA ARG B 220 -18.95 13.52 -13.11
C ARG B 220 -19.26 13.48 -14.60
N PRO B 221 -18.28 13.15 -15.43
CA PRO B 221 -18.56 12.99 -16.86
C PRO B 221 -19.59 11.90 -17.10
N ARG B 222 -20.42 12.10 -18.11
CA ARG B 222 -21.57 11.23 -18.34
C ARG B 222 -21.14 9.99 -19.11
N ILE B 223 -21.40 8.82 -18.53
CA ILE B 223 -21.26 7.54 -19.21
C ILE B 223 -22.66 6.96 -19.37
N ARG B 224 -23.10 6.81 -20.62
CA ARG B 224 -24.45 6.34 -20.93
C ARG B 224 -25.50 7.22 -20.27
N ASP B 225 -25.28 8.53 -20.30
CA ASP B 225 -26.21 9.52 -19.78
C ASP B 225 -26.45 9.35 -18.28
N ILE B 226 -25.36 9.21 -17.53
CA ILE B 226 -25.42 9.19 -16.07
C ILE B 226 -24.27 10.01 -15.50
N PRO B 227 -24.56 11.02 -14.68
CA PRO B 227 -23.50 11.77 -14.01
C PRO B 227 -23.12 11.27 -12.62
N SER B 228 -23.82 10.27 -12.10
CA SER B 228 -23.55 9.70 -10.79
C SER B 228 -22.75 8.41 -10.93
N ARG B 229 -22.31 7.89 -9.79
CA ARG B 229 -21.47 6.69 -9.79
C ARG B 229 -21.81 5.80 -8.61
N ILE B 230 -21.20 4.61 -8.59
CA ILE B 230 -21.34 3.64 -7.51
C ILE B 230 -19.95 3.19 -7.11
N SER B 231 -19.68 3.16 -5.80
CA SER B 231 -18.44 2.63 -5.27
C SER B 231 -18.71 1.28 -4.62
N ILE B 232 -17.89 0.29 -4.93
CA ILE B 232 -18.14 -1.10 -4.58
C ILE B 232 -17.18 -1.51 -3.47
N TYR B 233 -17.71 -2.11 -2.41
CA TYR B 233 -16.94 -2.58 -1.28
C TYR B 233 -17.27 -4.04 -1.00
N TRP B 234 -16.35 -4.71 -0.30
CA TRP B 234 -16.52 -6.12 0.01
C TRP B 234 -16.11 -6.42 1.44
N THR B 235 -16.84 -7.33 2.09
CA THR B 235 -16.49 -7.82 3.42
C THR B 235 -16.49 -9.34 3.42
N ILE B 236 -15.78 -9.92 4.38
CA ILE B 236 -15.68 -11.36 4.55
C ILE B 236 -16.06 -11.71 5.98
N VAL B 237 -16.95 -12.68 6.13
CA VAL B 237 -17.48 -13.10 7.42
C VAL B 237 -17.00 -14.53 7.69
N LYS B 238 -16.40 -14.74 8.85
CA LYS B 238 -15.82 -16.00 9.26
C LYS B 238 -16.89 -16.94 9.83
N PRO B 239 -16.61 -18.24 9.94
CA PRO B 239 -17.64 -19.21 10.34
C PRO B 239 -18.22 -19.02 11.74
N GLY B 240 -17.73 -18.06 12.50
CA GLY B 240 -18.31 -17.80 13.81
C GLY B 240 -18.58 -16.34 14.07
N ASP B 241 -18.94 -15.60 13.02
CA ASP B 241 -19.03 -14.15 13.08
C ASP B 241 -20.45 -13.73 12.76
N ILE B 242 -20.66 -12.42 12.63
CA ILE B 242 -21.99 -11.87 12.39
C ILE B 242 -21.84 -10.56 11.64
N LEU B 243 -22.54 -10.44 10.50
CA LEU B 243 -22.48 -9.25 9.67
C LEU B 243 -23.61 -8.30 10.04
N LEU B 244 -23.28 -7.03 10.22
CA LEU B 244 -24.24 -6.01 10.62
C LEU B 244 -24.18 -4.86 9.63
N ILE B 245 -25.35 -4.43 9.14
CA ILE B 245 -25.47 -3.32 8.20
C ILE B 245 -26.38 -2.29 8.83
N ASN B 246 -25.89 -1.05 8.97
CA ASN B 246 -26.59 -0.01 9.70
C ASN B 246 -26.57 1.31 8.91
N SER B 247 -26.92 1.24 7.63
CA SER B 247 -26.91 2.42 6.79
C SER B 247 -28.24 3.17 6.88
N THR B 248 -28.18 4.49 6.76
CA THR B 248 -29.35 5.35 6.67
C THR B 248 -29.37 6.16 5.38
N GLY B 249 -28.81 5.61 4.31
CA GLY B 249 -28.81 6.29 3.04
C GLY B 249 -27.71 5.87 2.09
N ASN B 250 -28.00 5.95 0.80
CA ASN B 250 -27.01 5.72 -0.26
C ASN B 250 -26.43 4.31 -0.22
N LEU B 251 -27.28 3.31 -0.02
CA LEU B 251 -26.84 1.92 0.09
C LEU B 251 -27.32 1.12 -1.11
N ILE B 252 -26.39 0.43 -1.75
CA ILE B 252 -26.71 -0.60 -2.75
C ILE B 252 -26.54 -1.92 -2.02
N ALA B 253 -27.64 -2.43 -1.49
CA ALA B 253 -27.61 -3.56 -0.57
C ALA B 253 -27.20 -4.85 -1.27
N PRO B 254 -26.70 -5.82 -0.52
CA PRO B 254 -26.44 -7.13 -1.10
C PRO B 254 -27.71 -7.95 -1.24
N ARG B 255 -27.64 -8.96 -2.10
CA ARG B 255 -28.72 -9.91 -2.30
C ARG B 255 -28.38 -11.29 -1.78
N GLY B 256 -27.15 -11.50 -1.31
CA GLY B 256 -26.73 -12.81 -0.85
C GLY B 256 -25.24 -12.83 -0.63
N TYR B 257 -24.68 -14.04 -0.56
CA TYR B 257 -23.27 -14.21 -0.29
C TYR B 257 -22.64 -15.15 -1.30
N PHE B 258 -21.38 -14.90 -1.61
CA PHE B 258 -20.56 -15.77 -2.43
C PHE B 258 -19.73 -16.69 -1.54
N LYS B 259 -19.16 -17.72 -2.16
CA LYS B 259 -18.33 -18.69 -1.45
C LYS B 259 -16.87 -18.42 -1.76
N ILE B 260 -16.06 -18.35 -0.71
CA ILE B 260 -14.62 -18.16 -0.84
C ILE B 260 -13.95 -19.51 -0.63
N ARG B 261 -13.15 -19.94 -1.60
CA ARG B 261 -12.44 -21.18 -1.53
C ARG B 261 -10.95 -20.93 -1.75
N SER B 262 -10.13 -21.84 -1.25
CA SER B 262 -8.70 -21.84 -1.52
C SER B 262 -8.42 -22.91 -2.56
N GLY B 263 -7.82 -22.53 -3.67
CA GLY B 263 -7.60 -23.46 -4.76
C GLY B 263 -6.46 -23.05 -5.65
N LYS B 264 -6.53 -23.49 -6.91
CA LYS B 264 -5.48 -23.30 -7.88
C LYS B 264 -5.92 -22.43 -9.06
N SER B 265 -6.87 -21.53 -8.82
CA SER B 265 -7.42 -20.72 -9.89
C SER B 265 -6.68 -19.40 -10.02
N SER B 266 -6.81 -18.78 -11.20
CA SER B 266 -6.15 -17.51 -11.48
C SER B 266 -6.87 -16.84 -12.63
N ILE B 267 -6.32 -15.71 -13.07
CA ILE B 267 -6.88 -14.92 -14.16
C ILE B 267 -5.76 -14.60 -15.15
N MET B 268 -6.17 -14.32 -16.39
CA MET B 268 -5.21 -14.08 -17.46
C MET B 268 -5.87 -13.25 -18.55
N ARG B 269 -5.12 -12.29 -19.09
CA ARG B 269 -5.56 -11.45 -20.18
C ARG B 269 -4.94 -11.97 -21.48
N SER B 270 -5.78 -12.35 -22.44
CA SER B 270 -5.28 -12.99 -23.65
C SER B 270 -6.33 -12.90 -24.75
N ASP B 271 -5.92 -12.41 -25.91
CA ASP B 271 -6.79 -12.38 -27.09
C ASP B 271 -6.48 -13.56 -28.02
N ALA B 272 -6.61 -14.76 -27.48
CA ALA B 272 -6.30 -15.94 -28.26
C ALA B 272 -7.49 -16.89 -28.28
N PRO B 273 -7.73 -17.58 -29.38
CA PRO B 273 -8.88 -18.50 -29.45
C PRO B 273 -8.67 -19.73 -28.58
N ILE B 274 -9.80 -20.32 -28.17
CA ILE B 274 -9.81 -21.53 -27.36
C ILE B 274 -10.15 -22.71 -28.26
N GLY B 275 -9.33 -23.76 -28.20
CA GLY B 275 -9.49 -24.90 -29.07
C GLY B 275 -9.56 -26.20 -28.28
N LYS B 276 -9.74 -27.29 -29.02
CA LYS B 276 -9.83 -28.64 -28.46
C LYS B 276 -8.46 -29.30 -28.59
N CYS B 277 -7.68 -29.25 -27.52
CA CYS B 277 -6.37 -29.87 -27.48
C CYS B 277 -5.99 -30.06 -26.02
N LYS B 278 -4.88 -30.76 -25.79
CA LYS B 278 -4.40 -31.07 -24.46
C LYS B 278 -3.01 -30.47 -24.27
N SER B 279 -2.88 -29.56 -23.32
CA SER B 279 -1.58 -29.04 -22.92
C SER B 279 -1.70 -28.47 -21.51
N GLU B 280 -0.58 -28.43 -20.80
CA GLU B 280 -0.58 -28.09 -19.40
C GLU B 280 -0.14 -26.67 -19.09
N CYS B 281 0.67 -26.06 -19.96
CA CYS B 281 1.24 -24.74 -19.70
C CYS B 281 0.57 -23.71 -20.60
N ILE B 282 -0.01 -22.68 -19.99
CA ILE B 282 -0.74 -21.64 -20.69
C ILE B 282 -0.03 -20.31 -20.50
N THR B 283 0.11 -19.56 -21.58
CA THR B 283 0.61 -18.20 -21.61
C THR B 283 -0.37 -17.37 -22.43
N PRO B 284 -0.35 -16.04 -22.29
CA PRO B 284 -1.30 -15.23 -23.06
C PRO B 284 -1.19 -15.38 -24.57
N ASN B 285 -0.02 -15.78 -25.10
CA ASN B 285 0.07 -16.03 -26.53
C ASN B 285 -0.60 -17.34 -26.91
N GLY B 286 -0.64 -18.30 -26.00
CA GLY B 286 -1.23 -19.60 -26.29
C GLY B 286 -0.70 -20.64 -25.32
N SER B 287 -0.98 -21.89 -25.64
CA SER B 287 -0.53 -22.99 -24.82
C SER B 287 0.78 -23.53 -25.38
N ILE B 288 1.78 -23.68 -24.52
CA ILE B 288 3.09 -24.09 -25.00
C ILE B 288 3.51 -25.41 -24.36
N PRO B 289 4.23 -26.26 -25.07
CA PRO B 289 4.72 -27.51 -24.47
C PRO B 289 5.72 -27.23 -23.37
N ASN B 290 5.77 -28.14 -22.39
CA ASN B 290 6.56 -27.95 -21.19
C ASN B 290 7.70 -28.95 -21.07
N ASP B 291 8.15 -29.52 -22.19
CA ASP B 291 9.25 -30.48 -22.12
C ASP B 291 10.56 -29.79 -21.78
N LYS B 292 10.85 -28.69 -22.45
CA LYS B 292 12.10 -27.98 -22.25
C LYS B 292 12.06 -27.15 -20.96
N PRO B 293 13.20 -26.95 -20.31
CA PRO B 293 13.20 -26.30 -18.99
C PRO B 293 12.97 -24.80 -19.03
N PHE B 294 13.28 -24.11 -20.12
CA PHE B 294 13.17 -22.66 -20.17
C PHE B 294 12.30 -22.24 -21.34
N GLN B 295 11.88 -20.97 -21.30
CA GLN B 295 11.00 -20.41 -22.33
C GLN B 295 11.45 -19.00 -22.67
N ASN B 296 10.85 -18.45 -23.72
CA ASN B 296 11.12 -17.10 -24.16
C ASN B 296 9.87 -16.33 -24.58
N VAL B 297 8.68 -16.92 -24.43
CA VAL B 297 7.48 -16.33 -25.01
C VAL B 297 6.95 -15.20 -24.15
N ASN B 298 6.55 -15.51 -22.92
CA ASN B 298 5.91 -14.50 -22.09
C ASN B 298 6.25 -14.80 -20.63
N ARG B 299 6.17 -13.76 -19.81
CA ARG B 299 6.43 -13.88 -18.38
C ARG B 299 5.20 -14.26 -17.58
N ILE B 300 4.02 -14.25 -18.20
CA ILE B 300 2.78 -14.62 -17.53
C ILE B 300 2.46 -16.06 -17.89
N THR B 301 2.42 -16.93 -16.88
CA THR B 301 2.24 -18.36 -17.10
C THR B 301 1.19 -18.90 -16.14
N TYR B 302 0.63 -20.05 -16.48
CA TYR B 302 -0.29 -20.77 -15.62
C TYR B 302 0.03 -22.25 -15.71
N GLY B 303 0.00 -22.93 -14.57
CA GLY B 303 0.27 -24.34 -14.54
C GLY B 303 1.76 -24.65 -14.60
N ALA B 304 2.05 -25.93 -14.86
CA ALA B 304 3.43 -26.40 -14.94
C ALA B 304 4.09 -25.83 -16.17
N CYS B 305 4.91 -24.79 -15.99
CA CYS B 305 5.48 -24.06 -17.10
C CYS B 305 7.00 -23.96 -16.94
N PRO B 306 7.74 -23.94 -18.05
CA PRO B 306 9.18 -23.72 -17.97
C PRO B 306 9.49 -22.28 -17.54
N ARG B 307 10.68 -22.10 -16.99
CA ARG B 307 11.09 -20.80 -16.51
C ARG B 307 11.28 -19.83 -17.66
N TYR B 308 11.19 -18.54 -17.36
CA TYR B 308 11.34 -17.49 -18.35
C TYR B 308 12.76 -16.93 -18.33
N VAL B 309 13.40 -16.94 -19.48
CA VAL B 309 14.72 -16.36 -19.67
C VAL B 309 14.64 -15.39 -20.84
N LYS B 310 15.53 -14.40 -20.85
CA LYS B 310 15.51 -13.36 -21.88
C LYS B 310 16.46 -13.68 -23.02
N GLN B 311 16.67 -14.95 -23.32
CA GLN B 311 17.59 -15.37 -24.38
C GLN B 311 16.82 -16.09 -25.48
N SER B 312 17.29 -15.89 -26.71
CA SER B 312 16.63 -16.51 -27.86
C SER B 312 16.96 -18.00 -27.97
N THR B 313 18.17 -18.39 -27.66
CA THR B 313 18.56 -19.79 -27.80
C THR B 313 19.55 -20.18 -26.72
N LEU B 314 19.44 -21.44 -26.29
CA LEU B 314 20.40 -22.07 -25.39
C LEU B 314 20.46 -23.54 -25.77
N LYS B 315 21.66 -24.02 -26.11
CA LYS B 315 21.83 -25.35 -26.69
C LYS B 315 22.79 -26.17 -25.85
N LEU B 316 22.45 -27.43 -25.63
CA LEU B 316 23.23 -28.37 -24.82
C LEU B 316 23.57 -29.57 -25.69
N ALA B 317 24.80 -30.08 -25.56
CA ALA B 317 25.25 -31.23 -26.34
C ALA B 317 24.41 -32.48 -26.09
N GLY B 362 39.15 -52.05 -42.96
CA GLY B 362 38.04 -52.50 -42.14
C GLY B 362 37.48 -51.42 -41.21
N GLN B 363 36.49 -51.80 -40.41
CA GLN B 363 35.85 -50.88 -39.48
C GLN B 363 35.09 -51.72 -38.46
N ALA B 364 34.89 -51.14 -37.28
CA ALA B 364 34.17 -51.82 -36.21
C ALA B 364 33.55 -50.77 -35.30
N ALA B 365 32.97 -51.24 -34.19
CA ALA B 365 32.42 -50.35 -33.17
C ALA B 365 32.59 -50.99 -31.81
N ASP B 366 32.71 -50.15 -30.78
CA ASP B 366 32.84 -50.58 -29.40
C ASP B 366 31.52 -50.29 -28.70
N LEU B 367 30.80 -51.34 -28.32
CA LEU B 367 29.45 -51.17 -27.79
C LEU B 367 29.46 -50.67 -26.36
N LYS B 368 30.43 -51.12 -25.55
CA LYS B 368 30.41 -50.79 -24.13
C LYS B 368 30.65 -49.30 -23.89
N SER B 369 31.67 -48.73 -24.53
CA SER B 369 31.96 -47.32 -24.35
C SER B 369 30.82 -46.45 -24.88
N THR B 370 30.29 -46.81 -26.05
CA THR B 370 29.17 -46.05 -26.61
C THR B 370 27.97 -46.09 -25.68
N GLN B 371 27.67 -47.26 -25.12
CA GLN B 371 26.54 -47.38 -24.22
C GLN B 371 26.76 -46.57 -22.94
N ALA B 372 28.00 -46.56 -22.43
CA ALA B 372 28.28 -45.78 -21.23
C ALA B 372 28.07 -44.29 -21.47
N ALA B 373 28.61 -43.78 -22.59
CA ALA B 373 28.45 -42.37 -22.90
C ALA B 373 26.99 -42.02 -23.13
N ILE B 374 26.27 -42.87 -23.87
CA ILE B 374 24.86 -42.62 -24.12
C ILE B 374 24.08 -42.61 -22.82
N ASP B 375 24.39 -43.54 -21.92
CA ASP B 375 23.69 -43.62 -20.64
C ASP B 375 23.92 -42.36 -19.82
N GLN B 376 25.16 -41.88 -19.73
CA GLN B 376 25.41 -40.69 -18.94
C GLN B 376 24.72 -39.46 -19.53
N ILE B 377 24.80 -39.29 -20.86
CA ILE B 377 24.17 -38.13 -21.48
C ILE B 377 22.66 -38.18 -21.31
N ASN B 378 22.06 -39.36 -21.47
CA ASN B 378 20.62 -39.49 -21.30
C ASN B 378 20.21 -39.29 -19.85
N GLY B 379 21.05 -39.67 -18.90
CA GLY B 379 20.76 -39.35 -17.51
C GLY B 379 20.75 -37.87 -17.24
N ILE B 380 21.74 -37.14 -17.79
CA ILE B 380 21.74 -35.69 -17.67
C ILE B 380 20.47 -35.09 -18.25
N LEU B 381 20.11 -35.55 -19.46
CA LEU B 381 18.92 -35.01 -20.12
C LEU B 381 17.66 -35.31 -19.33
N ASN B 382 17.56 -36.52 -18.76
CA ASN B 382 16.41 -36.87 -17.94
C ASN B 382 16.33 -35.96 -16.72
N ARG B 383 17.47 -35.67 -16.10
CA ARG B 383 17.46 -34.75 -14.97
C ARG B 383 17.00 -33.36 -15.37
N LEU B 384 17.35 -32.91 -16.58
CA LEU B 384 16.98 -31.56 -16.97
C LEU B 384 15.60 -31.48 -17.62
N ILE B 385 15.35 -32.32 -18.62
CA ILE B 385 14.17 -32.18 -19.48
C ILE B 385 12.99 -32.91 -18.84
N GLY B 386 11.90 -32.19 -18.62
CA GLY B 386 10.66 -32.81 -18.22
C GLY B 386 10.14 -32.42 -16.85
N LYS B 387 11.02 -32.30 -15.88
CA LYS B 387 10.63 -32.04 -14.49
C LYS B 387 10.46 -30.54 -14.30
N THR B 388 9.21 -30.09 -14.23
CA THR B 388 8.88 -28.67 -14.10
C THR B 388 8.09 -28.46 -12.82
N ASN B 389 7.93 -27.19 -12.45
CA ASN B 389 7.22 -26.79 -11.25
C ASN B 389 5.97 -26.01 -11.60
N GLU B 390 4.94 -26.17 -10.77
CA GLU B 390 3.62 -25.62 -11.02
C GLU B 390 3.38 -24.40 -10.15
N LYS B 391 3.13 -23.26 -10.79
CA LYS B 391 2.73 -22.02 -10.12
C LYS B 391 1.40 -21.59 -10.70
N PHE B 392 0.39 -21.48 -9.85
CA PHE B 392 -0.97 -21.24 -10.31
C PHE B 392 -1.36 -19.77 -10.29
N HIS B 393 -1.30 -19.13 -9.13
CA HIS B 393 -1.65 -17.72 -8.99
C HIS B 393 -0.42 -16.94 -8.56
N GLN B 394 -0.12 -15.87 -9.28
CA GLN B 394 1.02 -15.01 -8.98
C GLN B 394 0.60 -13.56 -9.20
N ILE B 395 1.58 -12.66 -9.11
CA ILE B 395 1.32 -11.23 -9.15
C ILE B 395 1.15 -10.77 -10.59
N GLU B 396 0.66 -9.54 -10.78
CA GLU B 396 0.46 -8.99 -12.11
C GLU B 396 1.77 -8.50 -12.70
N LYS B 397 1.93 -8.71 -14.01
CA LYS B 397 3.15 -8.35 -14.71
C LYS B 397 2.98 -7.29 -15.79
N GLU B 398 1.75 -6.89 -16.10
CA GLU B 398 1.49 -5.87 -17.11
C GLU B 398 0.51 -4.85 -16.54
N PHE B 399 0.78 -3.58 -16.78
CA PHE B 399 -0.02 -2.49 -16.25
C PHE B 399 -0.38 -1.52 -17.36
N SER B 400 -1.62 -1.04 -17.34
CA SER B 400 -2.12 -0.09 -18.33
C SER B 400 -2.33 1.30 -17.74
N GLU B 401 -1.68 1.60 -16.62
CA GLU B 401 -1.84 2.89 -15.95
C GLU B 401 -0.52 3.27 -15.30
N VAL B 402 -0.52 4.42 -14.62
CA VAL B 402 0.61 4.86 -13.81
C VAL B 402 0.11 4.96 -12.38
N GLU B 403 0.72 4.20 -11.47
CA GLU B 403 0.25 4.12 -10.10
C GLU B 403 1.26 4.68 -9.10
N GLY B 404 2.49 4.16 -9.07
CA GLY B 404 3.46 4.64 -8.11
C GLY B 404 4.33 3.59 -7.45
N ARG B 405 4.31 3.53 -6.12
CA ARG B 405 5.28 2.71 -5.40
C ARG B 405 5.08 1.22 -5.67
N VAL B 406 3.83 0.74 -5.55
CA VAL B 406 3.58 -0.69 -5.64
C VAL B 406 3.91 -1.21 -7.03
N GLN B 407 3.55 -0.44 -8.06
CA GLN B 407 3.85 -0.85 -9.43
C GLN B 407 5.34 -0.93 -9.68
N ASP B 408 6.10 0.06 -9.19
CA ASP B 408 7.55 0.02 -9.32
C ASP B 408 8.14 -1.16 -8.57
N LEU B 409 7.62 -1.45 -7.38
CA LEU B 409 8.12 -2.59 -6.62
C LEU B 409 7.87 -3.90 -7.37
N GLU B 410 6.68 -4.06 -7.97
CA GLU B 410 6.38 -5.27 -8.71
C GLU B 410 7.26 -5.41 -9.93
N LYS B 411 7.48 -4.31 -10.66
CA LYS B 411 8.38 -4.35 -11.80
C LYS B 411 9.79 -4.71 -11.38
N TYR B 412 10.25 -4.16 -10.26
CA TYR B 412 11.59 -4.48 -9.76
C TYR B 412 11.70 -5.96 -9.41
N VAL B 413 10.69 -6.52 -8.76
CA VAL B 413 10.72 -7.93 -8.39
C VAL B 413 10.81 -8.80 -9.64
N GLU B 414 9.99 -8.50 -10.63
CA GLU B 414 9.99 -9.32 -11.84
C GLU B 414 11.31 -9.20 -12.59
N ASP B 415 11.87 -7.99 -12.69
CA ASP B 415 13.15 -7.82 -13.37
C ASP B 415 14.25 -8.57 -12.65
N THR B 416 14.27 -8.51 -11.32
CA THR B 416 15.28 -9.24 -10.56
C THR B 416 15.18 -10.74 -10.82
N LYS B 417 13.96 -11.27 -10.80
CA LYS B 417 13.77 -12.70 -11.03
C LYS B 417 14.24 -13.09 -12.42
N ILE B 418 13.87 -12.30 -13.44
CA ILE B 418 14.25 -12.63 -14.81
C ILE B 418 15.75 -12.60 -14.97
N ASP B 419 16.41 -11.58 -14.41
CA ASP B 419 17.87 -11.48 -14.54
C ASP B 419 18.56 -12.64 -13.87
N LEU B 420 18.13 -12.98 -12.65
CA LEU B 420 18.76 -14.09 -11.93
C LEU B 420 18.58 -15.40 -12.67
N TRP B 421 17.39 -15.65 -13.21
CA TRP B 421 17.16 -16.91 -13.90
C TRP B 421 17.91 -16.97 -15.23
N SER B 422 18.08 -15.83 -15.91
CA SER B 422 18.90 -15.83 -17.11
C SER B 422 20.36 -16.16 -16.79
N TYR B 423 20.89 -15.58 -15.71
CA TYR B 423 22.25 -15.90 -15.31
C TYR B 423 22.38 -17.39 -14.98
N ASN B 424 21.41 -17.92 -14.25
CA ASN B 424 21.45 -19.33 -13.89
C ASN B 424 21.42 -20.22 -15.13
N ALA B 425 20.59 -19.89 -16.11
CA ALA B 425 20.51 -20.69 -17.32
C ALA B 425 21.83 -20.67 -18.09
N GLU B 426 22.43 -19.49 -18.23
CA GLU B 426 23.69 -19.40 -18.96
C GLU B 426 24.78 -20.21 -18.27
N LEU B 427 24.91 -20.05 -16.95
CA LEU B 427 25.94 -20.79 -16.23
C LEU B 427 25.71 -22.29 -16.29
N LEU B 428 24.45 -22.72 -16.16
CA LEU B 428 24.16 -24.15 -16.18
C LEU B 428 24.48 -24.77 -17.52
N VAL B 429 24.09 -24.11 -18.62
CA VAL B 429 24.39 -24.65 -19.94
C VAL B 429 25.89 -24.69 -20.16
N ALA B 430 26.61 -23.66 -19.75
CA ALA B 430 28.07 -23.66 -19.91
C ALA B 430 28.71 -24.79 -19.14
N LEU B 431 28.31 -24.97 -17.88
CA LEU B 431 28.86 -26.03 -17.04
C LEU B 431 28.61 -27.41 -17.66
N ILE B 432 27.37 -27.65 -18.07
CA ILE B 432 27.01 -28.98 -18.56
C ILE B 432 27.71 -29.27 -19.87
N ASN B 433 27.84 -28.25 -20.74
CA ASN B 433 28.58 -28.47 -21.98
C ASN B 433 30.04 -28.78 -21.70
N GLN B 434 30.65 -28.04 -20.76
CA GLN B 434 32.07 -28.27 -20.46
C GLN B 434 32.29 -29.68 -19.92
N HIS B 435 31.44 -30.10 -18.99
CA HIS B 435 31.60 -31.44 -18.41
C HIS B 435 31.23 -32.54 -19.40
N THR B 436 30.27 -32.28 -20.29
CA THR B 436 29.93 -33.25 -21.33
C THR B 436 31.11 -33.47 -22.26
N ILE B 437 31.74 -32.39 -22.72
CA ILE B 437 32.90 -32.51 -23.57
C ILE B 437 34.05 -33.20 -22.83
N ASP B 438 34.23 -32.86 -21.55
CA ASP B 438 35.30 -33.48 -20.77
C ASP B 438 35.10 -34.98 -20.66
N LEU B 439 33.87 -35.41 -20.36
CA LEU B 439 33.63 -36.84 -20.18
C LEU B 439 33.69 -37.59 -21.50
N THR B 440 33.22 -36.98 -22.60
CA THR B 440 33.31 -37.65 -23.88
C THR B 440 34.74 -37.71 -24.38
N ASP B 441 35.59 -36.77 -23.97
CA ASP B 441 37.01 -36.86 -24.28
C ASP B 441 37.73 -37.86 -23.39
N SER B 442 37.24 -38.07 -22.18
CA SER B 442 37.88 -39.04 -21.28
C SER B 442 37.57 -40.48 -21.66
N GLU B 443 36.47 -40.73 -22.38
CA GLU B 443 36.13 -42.08 -22.78
C GLU B 443 36.88 -42.52 -24.03
N MET B 444 37.66 -41.64 -24.64
CA MET B 444 38.43 -41.99 -25.82
C MET B 444 39.92 -41.84 -25.55
N GLY C 16 58.02 -27.18 -19.10
CA GLY C 16 58.32 -26.21 -18.06
C GLY C 16 57.58 -24.90 -18.19
N HIS C 17 57.02 -24.44 -17.08
CA HIS C 17 56.29 -23.18 -17.01
C HIS C 17 57.22 -22.06 -16.55
N HIS C 18 56.66 -20.87 -16.39
CA HIS C 18 57.41 -19.74 -15.87
C HIS C 18 56.94 -19.40 -14.46
N ALA C 19 57.80 -18.68 -13.75
CA ALA C 19 57.52 -18.27 -12.38
C ALA C 19 57.74 -16.77 -12.26
N VAL C 20 57.12 -16.18 -11.24
CA VAL C 20 57.16 -14.74 -10.99
C VAL C 20 57.77 -14.52 -9.62
N PRO C 21 58.72 -13.59 -9.46
CA PRO C 21 59.22 -13.28 -8.11
C PRO C 21 58.14 -12.79 -7.16
N ASN C 22 57.19 -11.99 -7.65
CA ASN C 22 56.06 -11.57 -6.84
C ASN C 22 54.97 -12.66 -6.93
N GLY C 23 53.78 -12.35 -6.45
CA GLY C 23 52.72 -13.34 -6.52
C GLY C 23 51.39 -12.76 -6.08
N THR C 24 50.35 -13.57 -6.26
CA THR C 24 49.01 -13.21 -5.83
C THR C 24 48.30 -14.49 -5.41
N ILE C 25 47.29 -14.33 -4.56
CA ILE C 25 46.60 -15.45 -3.93
C ILE C 25 45.16 -15.46 -4.41
N VAL C 26 44.72 -16.59 -4.96
CA VAL C 26 43.37 -16.75 -5.49
C VAL C 26 42.71 -17.94 -4.85
N LYS C 27 41.38 -18.00 -5.00
CA LYS C 27 40.53 -19.01 -4.40
C LYS C 27 39.90 -19.89 -5.48
N THR C 28 39.97 -21.19 -5.28
CA THR C 28 39.33 -22.18 -6.14
C THR C 28 38.33 -22.99 -5.32
N ILE C 29 37.79 -24.04 -5.93
CA ILE C 29 36.83 -24.89 -5.22
C ILE C 29 37.55 -25.90 -4.34
N THR C 30 38.53 -26.60 -4.89
CA THR C 30 39.28 -27.59 -4.12
C THR C 30 40.29 -26.94 -3.19
N ASN C 31 40.82 -25.76 -3.54
CA ASN C 31 41.84 -25.10 -2.74
C ASN C 31 41.43 -23.68 -2.41
N ASP C 32 41.72 -23.26 -1.18
CA ASP C 32 41.36 -21.94 -0.68
C ASP C 32 42.41 -20.88 -0.93
N ARG C 33 43.67 -21.27 -1.11
CA ARG C 33 44.76 -20.32 -1.30
C ARG C 33 45.73 -20.90 -2.32
N ILE C 34 45.80 -20.28 -3.49
CA ILE C 34 46.69 -20.71 -4.56
C ILE C 34 47.51 -19.52 -5.02
N GLU C 35 48.82 -19.69 -5.12
CA GLU C 35 49.69 -18.64 -5.63
C GLU C 35 49.73 -18.68 -7.15
N VAL C 36 49.59 -17.52 -7.78
CA VAL C 36 49.49 -17.41 -9.21
C VAL C 36 50.52 -16.38 -9.70
N THR C 37 50.49 -16.12 -11.00
CA THR C 37 51.40 -15.18 -11.62
C THR C 37 50.77 -13.81 -11.88
N ASN C 38 49.45 -13.76 -12.03
CA ASN C 38 48.77 -12.52 -12.38
C ASN C 38 47.29 -12.69 -12.11
N ALA C 39 46.71 -11.76 -11.36
CA ALA C 39 45.30 -11.80 -11.01
C ALA C 39 44.68 -10.43 -11.23
N THR C 40 43.41 -10.43 -11.62
CA THR C 40 42.69 -9.19 -11.91
C THR C 40 41.56 -9.01 -10.91
N GLU C 41 41.19 -7.77 -10.66
CA GLU C 41 40.15 -7.45 -9.69
C GLU C 41 38.84 -7.23 -10.43
N LEU C 42 37.82 -8.01 -10.06
CA LEU C 42 36.51 -7.93 -10.68
C LEU C 42 35.56 -7.01 -9.93
N VAL C 43 36.00 -6.40 -8.83
CA VAL C 43 35.17 -5.51 -8.04
C VAL C 43 35.86 -4.16 -7.93
N GLN C 44 35.08 -3.10 -8.13
CA GLN C 44 35.60 -1.74 -8.11
C GLN C 44 35.28 -1.12 -6.75
N ASN C 45 36.31 -0.60 -6.09
CA ASN C 45 36.18 -0.11 -4.72
C ASN C 45 36.32 1.40 -4.58
N SER C 46 36.52 2.13 -5.68
CA SER C 46 36.75 3.56 -5.61
C SER C 46 35.97 4.28 -6.69
N SER C 47 35.70 5.56 -6.44
CA SER C 47 35.04 6.43 -7.39
C SER C 47 35.89 7.67 -7.61
N ILE C 48 35.42 8.55 -8.50
CA ILE C 48 36.16 9.78 -8.78
C ILE C 48 35.65 10.96 -7.96
N GLY C 49 34.44 10.89 -7.43
CA GLY C 49 33.88 11.96 -6.63
C GLY C 49 33.16 13.04 -7.41
N GLU C 50 33.07 12.91 -8.73
CA GLU C 50 32.41 13.91 -9.56
C GLU C 50 31.36 13.24 -10.44
N ILE C 51 30.16 13.80 -10.46
CA ILE C 51 29.08 13.30 -11.31
C ILE C 51 29.14 14.12 -12.59
N CYS C 52 29.89 13.60 -13.57
CA CYS C 52 30.13 14.33 -14.82
C CYS C 52 29.22 13.78 -15.91
N GLY C 53 28.35 14.64 -16.42
CA GLY C 53 27.33 14.25 -17.38
C GLY C 53 27.68 14.46 -18.83
N SER C 54 28.64 13.73 -19.36
CA SER C 54 28.93 13.84 -20.78
C SER C 54 27.92 13.06 -21.62
N PRO C 55 27.66 11.77 -21.33
CA PRO C 55 26.67 11.05 -22.15
C PRO C 55 25.24 11.23 -21.68
N HIS C 56 25.05 11.63 -20.42
CA HIS C 56 23.73 11.81 -19.85
C HIS C 56 23.50 13.29 -19.55
N GLN C 57 22.23 13.66 -19.44
CA GLN C 57 21.84 15.02 -19.11
C GLN C 57 21.49 15.07 -17.63
N ILE C 58 22.21 15.90 -16.88
CA ILE C 58 22.11 15.94 -15.42
C ILE C 58 21.69 17.34 -15.00
N LEU C 59 20.69 17.41 -14.13
CA LEU C 59 20.16 18.68 -13.63
C LEU C 59 20.47 18.79 -12.15
N ASP C 60 21.15 19.87 -11.77
CA ASP C 60 21.56 20.08 -10.39
C ASP C 60 20.47 20.83 -9.64
N GLY C 61 19.73 20.13 -8.79
CA GLY C 61 18.67 20.76 -8.04
C GLY C 61 19.15 21.34 -6.72
N GLY C 62 20.06 22.30 -6.77
CA GLY C 62 20.45 22.99 -5.56
C GLY C 62 19.30 23.81 -5.01
N ASN C 63 19.26 23.93 -3.68
CA ASN C 63 18.27 24.72 -2.94
C ASN C 63 16.87 24.14 -3.10
N CYS C 64 16.73 23.04 -3.83
CA CYS C 64 15.44 22.73 -4.42
C CYS C 64 15.23 21.23 -4.52
N THR C 65 13.98 20.81 -4.32
CA THR C 65 13.58 19.43 -4.54
C THR C 65 12.87 19.33 -5.89
N LEU C 66 12.45 18.12 -6.25
CA LEU C 66 11.74 17.93 -7.50
C LEU C 66 10.32 18.49 -7.43
N ILE C 67 9.64 18.24 -6.32
CA ILE C 67 8.26 18.69 -6.18
C ILE C 67 8.20 20.21 -6.09
N ASP C 68 9.20 20.83 -5.45
CA ASP C 68 9.23 22.29 -5.40
C ASP C 68 9.43 22.88 -6.79
N ALA C 69 10.29 22.27 -7.61
CA ALA C 69 10.44 22.72 -8.99
C ALA C 69 9.16 22.53 -9.78
N LEU C 70 8.46 21.41 -9.53
CA LEU C 70 7.19 21.17 -10.21
C LEU C 70 6.15 22.22 -9.85
N LEU C 71 6.05 22.56 -8.57
CA LEU C 71 5.02 23.48 -8.10
C LEU C 71 5.36 24.93 -8.37
N GLY C 72 6.63 25.27 -8.55
CA GLY C 72 6.99 26.64 -8.78
C GLY C 72 7.43 27.41 -7.55
N ASP C 73 8.37 26.85 -6.82
CA ASP C 73 8.99 27.58 -5.72
C ASP C 73 9.69 28.82 -6.26
N PRO C 74 9.66 29.95 -5.55
CA PRO C 74 10.41 31.12 -6.01
C PRO C 74 11.89 30.84 -6.24
N GLN C 75 12.49 29.98 -5.42
CA GLN C 75 13.89 29.66 -5.60
C GLN C 75 14.12 28.75 -6.80
N CYS C 76 13.20 27.86 -7.09
CA CYS C 76 13.35 26.91 -8.19
C CYS C 76 12.89 27.47 -9.52
N ASP C 77 12.73 28.78 -9.62
CA ASP C 77 12.21 29.41 -10.83
C ASP C 77 13.06 29.12 -12.05
N GLY C 78 14.34 28.81 -11.87
CA GLY C 78 15.18 28.51 -13.00
C GLY C 78 15.07 27.11 -13.54
N PHE C 79 14.24 26.27 -12.93
CA PHE C 79 14.02 24.92 -13.41
C PHE C 79 12.79 24.80 -14.29
N GLN C 80 12.24 25.93 -14.72
CA GLN C 80 10.99 25.91 -15.48
C GLN C 80 11.21 25.34 -16.88
N ASN C 81 10.36 24.39 -17.26
CA ASN C 81 10.36 23.80 -18.59
C ASN C 81 11.72 23.23 -18.96
N LYS C 82 12.33 22.50 -18.02
CA LYS C 82 13.65 21.92 -18.21
C LYS C 82 13.55 20.41 -18.20
N GLU C 83 14.19 19.77 -19.18
CA GLU C 83 14.24 18.33 -19.29
C GLU C 83 15.51 17.79 -18.66
N TRP C 84 15.51 16.48 -18.39
CA TRP C 84 16.65 15.86 -17.75
C TRP C 84 16.61 14.36 -18.01
N ASP C 85 17.76 13.72 -17.79
CA ASP C 85 17.87 12.28 -17.71
C ASP C 85 18.15 11.78 -16.31
N LEU C 86 18.77 12.61 -15.47
CA LEU C 86 18.94 12.31 -14.05
C LEU C 86 18.81 13.60 -13.27
N PHE C 87 18.04 13.56 -12.20
CA PHE C 87 17.85 14.70 -11.31
C PHE C 87 18.66 14.47 -10.03
N VAL C 88 19.51 15.43 -9.69
CA VAL C 88 20.34 15.33 -8.50
C VAL C 88 19.74 16.20 -7.42
N GLU C 89 19.33 15.59 -6.32
CA GLU C 89 18.72 16.29 -5.19
C GLU C 89 19.68 16.24 -4.01
N ARG C 90 19.99 17.42 -3.48
CA ARG C 90 21.02 17.57 -2.45
C ARG C 90 20.40 17.59 -1.06
N SER C 91 21.27 17.43 -0.06
CA SER C 91 20.83 17.34 1.32
C SER C 91 20.51 18.70 1.94
N ARG C 92 20.94 19.80 1.32
CA ARG C 92 20.62 21.13 1.81
C ARG C 92 19.32 21.68 1.25
N ALA C 93 18.60 20.87 0.46
CA ALA C 93 17.37 21.35 -0.16
C ALA C 93 16.31 21.61 0.90
N ASN C 94 15.64 22.75 0.78
CA ASN C 94 14.60 23.15 1.72
C ASN C 94 13.45 23.77 0.93
N SER C 95 12.44 24.24 1.66
CA SER C 95 11.30 24.91 1.08
C SER C 95 11.19 26.31 1.65
N ASN C 96 10.87 27.27 0.79
CA ASN C 96 10.71 28.67 1.17
C ASN C 96 9.41 29.23 0.61
N CYS C 97 8.33 28.50 0.78
CA CYS C 97 7.02 28.92 0.28
C CYS C 97 5.96 28.50 1.29
N TYR C 98 4.71 28.53 0.87
CA TYR C 98 3.60 28.12 1.72
C TYR C 98 3.77 26.66 2.12
N PRO C 99 3.64 26.33 3.40
CA PRO C 99 3.79 24.93 3.84
C PRO C 99 2.75 24.04 3.18
N TYR C 100 3.15 22.81 2.86
CA TYR C 100 2.28 21.90 2.13
C TYR C 100 2.69 20.46 2.45
N ASP C 101 1.78 19.55 2.15
CA ASP C 101 2.09 18.12 2.22
C ASP C 101 1.49 17.41 1.01
N VAL C 102 2.07 16.27 0.68
CA VAL C 102 1.59 15.42 -0.41
C VAL C 102 1.19 14.08 0.20
N PRO C 103 -0.09 13.69 0.12
CA PRO C 103 -0.50 12.42 0.75
C PRO C 103 0.24 11.20 0.24
N ASP C 104 0.65 11.18 -1.02
CA ASP C 104 1.51 10.13 -1.56
C ASP C 104 2.71 10.82 -2.19
N TYR C 105 3.72 11.14 -1.37
CA TYR C 105 4.88 11.87 -1.85
C TYR C 105 5.73 11.02 -2.78
N ALA C 106 5.98 9.77 -2.39
CA ALA C 106 6.89 8.92 -3.15
C ALA C 106 6.34 8.62 -4.54
N SER C 107 5.03 8.39 -4.66
CA SER C 107 4.44 8.08 -5.94
C SER C 107 4.56 9.25 -6.91
N LEU C 108 4.23 10.45 -6.46
CA LEU C 108 4.33 11.63 -7.32
C LEU C 108 5.78 11.91 -7.69
N ARG C 109 6.68 11.78 -6.72
CA ARG C 109 8.10 11.98 -7.00
C ARG C 109 8.59 11.01 -8.07
N SER C 110 8.23 9.74 -7.94
CA SER C 110 8.65 8.74 -8.92
C SER C 110 8.04 9.01 -10.29
N LEU C 111 6.76 9.37 -10.32
CA LEU C 111 6.10 9.62 -11.61
C LEU C 111 6.73 10.79 -12.34
N VAL C 112 6.94 11.91 -11.65
CA VAL C 112 7.53 13.07 -12.30
C VAL C 112 8.99 12.80 -12.65
N ALA C 113 9.71 12.07 -11.81
CA ALA C 113 11.11 11.77 -12.11
C ALA C 113 11.24 10.90 -13.35
N SER C 114 10.37 9.90 -13.49
CA SER C 114 10.42 9.04 -14.66
C SER C 114 9.86 9.71 -15.92
N SER C 115 8.99 10.70 -15.77
CA SER C 115 8.51 11.43 -16.94
C SER C 115 9.66 12.13 -17.65
N GLY C 116 10.54 12.79 -16.89
CA GLY C 116 11.73 13.39 -17.43
C GLY C 116 11.57 14.79 -17.98
N THR C 117 10.39 15.38 -17.90
CA THR C 117 10.17 16.72 -18.45
C THR C 117 9.30 17.53 -17.50
N LEU C 118 9.56 18.83 -17.47
CA LEU C 118 8.75 19.78 -16.72
C LEU C 118 8.00 20.74 -17.64
N GLU C 119 7.77 20.31 -18.89
CA GLU C 119 7.09 21.16 -19.86
C GLU C 119 5.68 21.47 -19.38
N PHE C 120 5.32 22.75 -19.47
CA PHE C 120 4.07 23.25 -18.94
C PHE C 120 3.35 24.01 -20.05
N LYS C 121 2.07 23.71 -20.25
CA LYS C 121 1.27 24.45 -21.21
C LYS C 121 0.05 25.02 -20.51
N ASN C 122 -0.17 26.32 -20.70
CA ASN C 122 -1.26 27.02 -20.04
C ASN C 122 -2.61 26.61 -20.64
N GLU C 123 -3.65 26.74 -19.83
CA GLU C 123 -5.02 26.56 -20.29
C GLU C 123 -5.88 27.66 -19.70
N SER C 124 -6.96 27.98 -20.41
CA SER C 124 -7.86 29.07 -20.01
C SER C 124 -9.10 28.48 -19.36
N PHE C 125 -8.97 28.18 -18.07
CA PHE C 125 -10.13 27.73 -17.30
C PHE C 125 -11.10 28.89 -17.11
N ASN C 126 -12.37 28.56 -16.93
CA ASN C 126 -13.40 29.59 -16.90
C ASN C 126 -13.34 30.38 -15.59
N TRP C 127 -13.58 29.71 -14.46
CA TRP C 127 -13.44 30.28 -13.12
C TRP C 127 -14.29 31.56 -12.96
N THR C 128 -15.60 31.34 -12.94
CA THR C 128 -16.52 32.47 -12.84
C THR C 128 -16.55 33.05 -11.43
N GLY C 129 -16.48 34.37 -11.34
CA GLY C 129 -16.81 35.11 -10.12
C GLY C 129 -15.96 34.84 -8.90
N VAL C 130 -14.65 34.76 -9.06
CA VAL C 130 -13.74 34.55 -7.93
C VAL C 130 -12.54 35.47 -8.09
N LYS C 131 -11.77 35.59 -7.01
CA LYS C 131 -10.52 36.34 -7.02
C LYS C 131 -9.37 35.39 -7.27
N GLN C 132 -8.59 35.66 -8.31
CA GLN C 132 -7.51 34.79 -8.72
C GLN C 132 -6.17 35.41 -8.37
N ASN C 133 -5.12 34.59 -8.49
CA ASN C 133 -3.74 35.00 -8.22
C ASN C 133 -3.60 35.54 -6.80
N GLY C 134 -4.01 34.74 -5.84
CA GLY C 134 -3.78 35.08 -4.44
C GLY C 134 -2.31 34.89 -4.08
N THR C 135 -1.82 35.77 -3.21
CA THR C 135 -0.42 35.79 -2.84
C THR C 135 -0.28 35.74 -1.32
N SER C 136 0.84 35.19 -0.87
CA SER C 136 1.15 35.10 0.54
C SER C 136 2.54 35.67 0.80
N SER C 137 2.76 36.08 2.05
CA SER C 137 4.04 36.63 2.49
C SER C 137 5.03 35.55 2.89
N ALA C 138 4.61 34.29 2.96
CA ALA C 138 5.57 33.21 3.15
C ALA C 138 6.43 33.01 1.90
N CYS C 139 5.85 33.22 0.72
CA CYS C 139 6.58 33.15 -0.54
C CYS C 139 6.86 34.56 -1.02
N ILE C 140 8.13 34.93 -1.09
CA ILE C 140 8.55 36.24 -1.55
C ILE C 140 9.38 36.04 -2.80
N ARG C 141 8.86 36.50 -3.94
CA ARG C 141 9.58 36.49 -5.21
C ARG C 141 10.02 37.91 -5.50
N GLY C 142 11.33 38.12 -5.59
CA GLY C 142 11.84 39.46 -5.74
C GLY C 142 11.72 40.23 -4.44
N SER C 143 10.81 41.19 -4.41
CA SER C 143 10.59 42.00 -3.21
C SER C 143 9.11 42.15 -2.91
N SER C 144 8.30 41.20 -3.35
CA SER C 144 6.86 41.26 -3.13
C SER C 144 6.33 39.87 -2.77
N SER C 145 5.23 39.85 -2.02
CA SER C 145 4.61 38.58 -1.67
C SER C 145 4.10 37.88 -2.91
N SER C 146 4.09 36.56 -2.87
CA SER C 146 3.77 35.79 -4.07
C SER C 146 3.30 34.40 -3.68
N PHE C 147 3.26 33.51 -4.67
CA PHE C 147 2.77 32.15 -4.49
C PHE C 147 3.45 31.26 -5.53
N PHE C 148 3.04 30.01 -5.58
CA PHE C 148 3.55 29.09 -6.59
C PHE C 148 3.17 29.57 -7.98
N SER C 149 4.09 29.41 -8.93
CA SER C 149 3.88 29.90 -10.28
C SER C 149 3.04 28.97 -11.15
N ARG C 150 2.79 27.74 -10.70
CA ARG C 150 2.01 26.78 -11.45
C ARG C 150 0.71 26.41 -10.76
N LEU C 151 0.30 27.16 -9.73
CA LEU C 151 -0.95 26.95 -9.03
C LEU C 151 -1.64 28.28 -8.84
N ASN C 152 -2.97 28.25 -8.78
CA ASN C 152 -3.78 29.45 -8.66
C ASN C 152 -4.58 29.38 -7.37
N TRP C 153 -4.33 30.31 -6.46
CA TRP C 153 -5.08 30.39 -5.21
C TRP C 153 -6.39 31.12 -5.48
N LEU C 154 -7.50 30.41 -5.34
CA LEU C 154 -8.82 30.97 -5.59
C LEU C 154 -9.43 31.41 -4.27
N THR C 155 -9.70 32.70 -4.15
CA THR C 155 -10.21 33.32 -2.95
C THR C 155 -11.53 34.03 -3.28
N SER C 156 -12.42 34.08 -2.30
CA SER C 156 -13.73 34.70 -2.51
C SER C 156 -13.58 36.16 -2.89
N LEU C 157 -14.47 36.64 -3.75
CA LEU C 157 -14.52 38.02 -4.19
C LEU C 157 -15.83 38.63 -3.70
N ASN C 158 -15.73 39.78 -3.01
CA ASN C 158 -16.88 40.47 -2.45
C ASN C 158 -17.68 39.58 -1.51
N ASN C 159 -16.98 38.79 -0.70
CA ASN C 159 -17.59 37.87 0.26
C ASN C 159 -18.56 36.91 -0.44
N ILE C 160 -18.20 36.45 -1.62
CA ILE C 160 -19.01 35.52 -2.41
C ILE C 160 -18.08 34.58 -3.15
N TYR C 161 -18.34 33.27 -3.04
CA TYR C 161 -17.54 32.23 -3.68
C TYR C 161 -18.49 31.29 -4.40
N PRO C 162 -18.87 31.61 -5.64
CA PRO C 162 -19.79 30.74 -6.37
C PRO C 162 -19.18 29.39 -6.66
N ALA C 163 -20.06 28.39 -6.75
CA ALA C 163 -19.62 27.04 -7.06
C ALA C 163 -19.05 26.98 -8.47
N GLN C 164 -17.93 26.27 -8.61
CA GLN C 164 -17.21 26.19 -9.87
C GLN C 164 -17.47 24.84 -10.52
N ASN C 165 -17.71 24.85 -11.83
CA ASN C 165 -17.94 23.64 -12.62
C ASN C 165 -17.26 23.86 -13.97
N VAL C 166 -16.01 23.40 -14.11
CA VAL C 166 -15.22 23.64 -15.31
C VAL C 166 -14.79 22.31 -15.90
N THR C 167 -14.67 22.27 -17.23
CA THR C 167 -14.30 21.06 -17.94
C THR C 167 -13.19 21.37 -18.94
N MET C 168 -12.27 20.43 -19.11
CA MET C 168 -11.23 20.55 -20.11
C MET C 168 -11.01 19.20 -20.79
N PRO C 169 -11.22 19.11 -22.10
CA PRO C 169 -11.03 17.84 -22.80
C PRO C 169 -9.59 17.65 -23.22
N ASN C 170 -9.26 16.40 -23.56
CA ASN C 170 -7.92 16.02 -24.02
C ASN C 170 -8.04 15.61 -25.48
N LYS C 171 -7.85 16.57 -26.37
CA LYS C 171 -7.92 16.34 -27.80
C LYS C 171 -6.56 16.08 -28.42
N GLU C 172 -5.51 15.98 -27.61
CA GLU C 172 -4.16 15.76 -28.11
C GLU C 172 -3.88 14.27 -28.16
N GLN C 173 -2.62 13.90 -28.36
CA GLN C 173 -2.22 12.50 -28.51
C GLN C 173 -1.27 12.07 -27.41
N PHE C 174 -1.47 12.58 -26.20
CA PHE C 174 -0.65 12.18 -25.07
C PHE C 174 -1.41 12.44 -23.79
N ASP C 175 -0.98 11.78 -22.72
CA ASP C 175 -1.59 11.98 -21.41
C ASP C 175 -1.21 13.33 -20.84
N LYS C 176 -2.12 13.91 -20.06
CA LYS C 176 -1.91 15.20 -19.43
C LYS C 176 -1.95 15.05 -17.92
N LEU C 177 -0.98 15.64 -17.23
CA LEU C 177 -0.90 15.60 -15.79
C LEU C 177 -1.33 16.94 -15.22
N TYR C 178 -2.31 16.91 -14.32
CA TYR C 178 -2.82 18.10 -13.67
C TYR C 178 -2.49 18.02 -12.18
N ILE C 179 -1.89 19.09 -11.65
CA ILE C 179 -1.54 19.19 -10.24
C ILE C 179 -2.44 20.26 -9.62
N TRP C 180 -3.23 19.87 -8.62
CA TRP C 180 -4.12 20.80 -7.93
C TRP C 180 -3.94 20.60 -6.43
N GLY C 181 -4.75 21.32 -5.64
CA GLY C 181 -4.58 21.25 -4.21
C GLY C 181 -5.83 21.63 -3.44
N VAL C 182 -5.78 21.31 -2.15
CA VAL C 182 -6.82 21.63 -1.18
C VAL C 182 -6.19 22.41 -0.05
N HIS C 183 -6.79 23.54 0.31
CA HIS C 183 -6.29 24.37 1.39
C HIS C 183 -6.91 23.94 2.71
N HIS C 184 -6.06 23.70 3.71
CA HIS C 184 -6.50 23.37 5.06
C HIS C 184 -6.26 24.58 5.95
N PRO C 185 -7.29 25.36 6.28
CA PRO C 185 -7.09 26.49 7.18
C PRO C 185 -6.88 26.07 8.62
N ASP C 186 -6.62 27.03 9.50
CA ASP C 186 -6.38 26.73 10.91
C ASP C 186 -7.67 26.84 11.74
N THR C 187 -8.41 27.93 11.56
CA THR C 187 -9.62 28.17 12.32
C THR C 187 -10.80 28.34 11.37
N ASP C 188 -12.00 28.25 11.93
CA ASP C 188 -13.20 28.44 11.13
C ASP C 188 -13.33 29.88 10.66
N LYS C 189 -12.85 30.84 11.46
CA LYS C 189 -12.87 32.23 11.05
C LYS C 189 -12.05 32.45 9.79
N ASN C 190 -10.88 31.82 9.71
CA ASN C 190 -10.05 31.91 8.52
C ASN C 190 -10.77 31.32 7.31
N GLN C 191 -11.43 30.17 7.51
CA GLN C 191 -12.15 29.54 6.41
C GLN C 191 -13.27 30.42 5.88
N ILE C 192 -14.02 31.05 6.78
CA ILE C 192 -15.08 31.95 6.34
C ILE C 192 -14.49 33.17 5.65
N SER C 193 -13.38 33.70 6.16
CA SER C 193 -12.79 34.89 5.57
C SER C 193 -12.16 34.61 4.20
N LEU C 194 -11.75 33.38 3.94
CA LEU C 194 -11.09 33.05 2.68
C LEU C 194 -12.04 32.47 1.63
N PHE C 195 -12.99 31.62 2.03
CA PHE C 195 -13.82 30.90 1.07
C PHE C 195 -15.31 31.07 1.32
N ALA C 196 -15.72 31.95 2.22
CA ALA C 196 -17.11 32.38 2.38
C ALA C 196 -18.07 31.27 2.76
N GLN C 197 -17.58 30.05 2.99
CA GLN C 197 -18.44 28.94 3.37
C GLN C 197 -17.82 28.19 4.53
N SER C 198 -18.68 27.63 5.38
CA SER C 198 -18.21 26.94 6.59
C SER C 198 -17.39 25.71 6.24
N SER C 199 -17.83 24.94 5.26
CA SER C 199 -17.12 23.74 4.85
C SER C 199 -17.16 23.62 3.33
N GLY C 200 -16.00 23.39 2.73
CA GLY C 200 -15.90 23.19 1.30
C GLY C 200 -15.79 21.72 0.94
N ARG C 201 -15.83 21.46 -0.37
CA ARG C 201 -15.73 20.11 -0.89
C ARG C 201 -15.27 20.18 -2.34
N ILE C 202 -14.32 19.31 -2.69
CA ILE C 202 -13.72 19.32 -4.02
C ILE C 202 -13.96 17.96 -4.66
N THR C 203 -14.42 17.97 -5.91
CA THR C 203 -14.64 16.75 -6.68
C THR C 203 -13.98 16.91 -8.04
N VAL C 204 -12.89 16.19 -8.28
CA VAL C 204 -12.20 16.19 -9.55
C VAL C 204 -12.31 14.80 -10.15
N SER C 205 -12.96 14.69 -11.31
CA SER C 205 -13.29 13.39 -11.87
C SER C 205 -13.02 13.38 -13.37
N THR C 206 -12.76 12.18 -13.88
CA THR C 206 -12.67 11.93 -15.31
C THR C 206 -13.62 10.79 -15.67
N LYS C 207 -13.51 10.26 -16.89
CA LYS C 207 -14.35 9.13 -17.27
C LYS C 207 -13.91 7.83 -16.65
N ARG C 208 -12.75 7.80 -15.98
CA ARG C 208 -12.21 6.56 -15.43
C ARG C 208 -11.89 6.61 -13.95
N SER C 209 -11.91 7.79 -13.32
CA SER C 209 -11.53 7.90 -11.92
C SER C 209 -12.22 9.11 -11.32
N GLN C 210 -12.25 9.14 -9.99
CA GLN C 210 -12.82 10.27 -9.26
C GLN C 210 -12.06 10.46 -7.96
N GLN C 211 -11.85 11.72 -7.59
CA GLN C 211 -11.20 12.08 -6.33
C GLN C 211 -12.05 13.13 -5.65
N ALA C 212 -12.54 12.83 -4.45
CA ALA C 212 -13.32 13.75 -3.64
C ALA C 212 -12.58 14.02 -2.34
N VAL C 213 -12.35 15.30 -2.06
CA VAL C 213 -11.55 15.71 -0.91
C VAL C 213 -12.35 16.72 -0.09
N ILE C 214 -12.28 16.57 1.22
CA ILE C 214 -12.92 17.46 2.18
C ILE C 214 -11.83 18.08 3.04
N PRO C 215 -11.74 19.39 3.16
CA PRO C 215 -10.70 20.01 3.98
C PRO C 215 -10.93 19.77 5.47
N ASN C 216 -9.83 19.82 6.22
CA ASN C 216 -9.84 19.64 7.66
C ASN C 216 -9.31 20.91 8.32
N ILE C 217 -10.05 21.41 9.31
CA ILE C 217 -9.71 22.66 9.98
C ILE C 217 -9.07 22.34 11.32
N GLY C 218 -7.94 22.98 11.60
CA GLY C 218 -7.22 22.76 12.84
C GLY C 218 -5.88 23.44 12.85
N SER C 219 -5.33 23.66 14.04
CA SER C 219 -4.06 24.35 14.17
C SER C 219 -2.90 23.39 13.92
N ARG C 220 -1.82 23.94 13.40
CA ARG C 220 -0.60 23.22 13.11
C ARG C 220 0.58 24.09 13.52
N PRO C 221 1.74 23.49 13.77
CA PRO C 221 2.92 24.30 14.10
C PRO C 221 3.25 25.27 12.98
N ARG C 222 3.70 26.46 13.38
CA ARG C 222 3.88 27.54 12.43
C ARG C 222 5.20 27.39 11.68
N ILE C 223 5.13 27.33 10.36
CA ILE C 223 6.29 27.40 9.49
C ILE C 223 6.19 28.72 8.73
N ARG C 224 7.13 29.62 9.00
CA ARG C 224 7.12 30.97 8.43
C ARG C 224 5.80 31.69 8.71
N ASP C 225 5.37 31.61 9.96
CA ASP C 225 4.18 32.31 10.47
C ASP C 225 2.92 31.90 9.71
N ILE C 226 2.84 30.63 9.32
CA ILE C 226 1.65 30.11 8.63
C ILE C 226 1.14 28.90 9.40
N PRO C 227 -0.04 28.99 10.02
CA PRO C 227 -0.63 27.83 10.71
C PRO C 227 -1.48 26.92 9.83
N SER C 228 -1.67 27.27 8.55
CA SER C 228 -2.47 26.48 7.63
C SER C 228 -1.56 25.57 6.80
N ARG C 229 -2.19 24.70 6.00
CA ARG C 229 -1.43 23.80 5.14
C ARG C 229 -2.11 23.66 3.79
N ILE C 230 -1.44 22.98 2.88
CA ILE C 230 -1.95 22.68 1.55
C ILE C 230 -1.69 21.22 1.24
N SER C 231 -2.69 20.50 0.76
CA SER C 231 -2.55 19.13 0.33
C SER C 231 -2.58 19.07 -1.18
N ILE C 232 -1.59 18.42 -1.78
CA ILE C 232 -1.38 18.43 -3.22
C ILE C 232 -1.85 17.10 -3.80
N TYR C 233 -2.64 17.17 -4.87
CA TYR C 233 -3.15 15.99 -5.56
C TYR C 233 -2.86 16.11 -7.06
N TRP C 234 -2.86 14.97 -7.73
CA TRP C 234 -2.59 14.92 -9.16
C TRP C 234 -3.58 14.02 -9.88
N THR C 235 -3.81 14.31 -11.15
CA THR C 235 -4.70 13.56 -12.01
C THR C 235 -4.07 13.39 -13.38
N ILE C 236 -4.35 12.25 -14.01
CA ILE C 236 -3.87 11.95 -15.36
C ILE C 236 -5.07 11.81 -16.27
N VAL C 237 -5.08 12.55 -17.36
CA VAL C 237 -6.17 12.54 -18.33
C VAL C 237 -5.65 11.94 -19.63
N LYS C 238 -6.29 10.86 -20.07
CA LYS C 238 -5.93 10.13 -21.27
C LYS C 238 -6.57 10.79 -22.49
N PRO C 239 -6.08 10.48 -23.69
CA PRO C 239 -6.72 11.03 -24.90
C PRO C 239 -8.18 10.60 -24.99
N GLY C 240 -9.02 11.52 -25.41
CA GLY C 240 -10.45 11.28 -25.51
C GLY C 240 -11.22 11.44 -24.23
N ASP C 241 -10.57 11.85 -23.14
CA ASP C 241 -11.22 12.02 -21.85
C ASP C 241 -11.48 13.49 -21.57
N ILE C 242 -12.19 13.74 -20.48
CA ILE C 242 -12.48 15.10 -20.03
C ILE C 242 -12.18 15.19 -18.54
N LEU C 243 -11.50 16.26 -18.14
CA LEU C 243 -11.25 16.54 -16.73
C LEU C 243 -12.31 17.53 -16.26
N LEU C 244 -13.01 17.18 -15.19
CA LEU C 244 -14.07 18.02 -14.64
C LEU C 244 -13.71 18.41 -13.21
N ILE C 245 -13.78 19.70 -12.92
CA ILE C 245 -13.54 20.23 -11.58
C ILE C 245 -14.82 20.88 -11.10
N ASN C 246 -15.30 20.44 -9.93
CA ASN C 246 -16.59 20.88 -9.39
C ASN C 246 -16.45 21.24 -7.92
N SER C 247 -15.47 22.08 -7.59
CA SER C 247 -15.24 22.48 -6.22
C SER C 247 -16.28 23.49 -5.75
N THR C 248 -16.55 23.47 -4.45
CA THR C 248 -17.38 24.47 -3.79
C THR C 248 -16.57 25.39 -2.89
N GLY C 249 -15.40 24.95 -2.43
CA GLY C 249 -14.50 25.80 -1.69
C GLY C 249 -13.15 25.14 -1.51
N ASN C 250 -12.20 25.95 -1.03
CA ASN C 250 -10.87 25.48 -0.62
C ASN C 250 -10.11 24.83 -1.77
N LEU C 251 -10.17 25.43 -2.96
CA LEU C 251 -9.53 24.88 -4.14
C LEU C 251 -8.28 25.68 -4.49
N ILE C 252 -7.19 24.96 -4.75
CA ILE C 252 -5.97 25.54 -5.32
C ILE C 252 -5.89 25.04 -6.76
N ALA C 253 -6.41 25.85 -7.68
CA ALA C 253 -6.65 25.41 -9.04
C ALA C 253 -5.35 25.23 -9.81
N PRO C 254 -5.37 24.41 -10.86
CA PRO C 254 -4.22 24.34 -11.76
C PRO C 254 -4.23 25.45 -12.80
N ARG C 255 -3.04 25.89 -13.15
CA ARG C 255 -2.85 26.93 -14.16
C ARG C 255 -2.59 26.36 -15.54
N GLY C 256 -2.56 25.03 -15.68
CA GLY C 256 -2.25 24.41 -16.96
C GLY C 256 -1.97 22.95 -16.76
N TYR C 257 -1.31 22.35 -17.74
CA TYR C 257 -1.03 20.92 -17.70
C TYR C 257 0.42 20.65 -18.04
N PHE C 258 0.95 19.60 -17.41
CA PHE C 258 2.28 19.07 -17.69
C PHE C 258 2.18 17.93 -18.70
N LYS C 259 3.33 17.48 -19.16
CA LYS C 259 3.41 16.42 -20.15
C LYS C 259 4.04 15.19 -19.52
N ILE C 260 3.39 14.04 -19.69
CA ILE C 260 3.88 12.76 -19.21
C ILE C 260 4.49 12.01 -20.37
N ARG C 261 5.74 11.59 -20.23
CA ARG C 261 6.44 10.83 -21.24
C ARG C 261 6.96 9.54 -20.64
N SER C 262 7.19 8.55 -21.49
CA SER C 262 7.80 7.29 -21.12
C SER C 262 9.20 7.25 -21.68
N GLY C 263 10.18 7.01 -20.82
CA GLY C 263 11.55 6.97 -21.27
C GLY C 263 12.49 6.65 -20.13
N LYS C 264 13.77 6.92 -20.35
CA LYS C 264 14.79 6.72 -19.33
C LYS C 264 15.00 8.03 -18.58
N SER C 265 14.75 8.00 -17.27
CA SER C 265 14.95 9.15 -16.40
C SER C 265 14.71 8.70 -14.97
N SER C 266 15.42 9.33 -14.04
CA SER C 266 15.30 8.97 -12.63
C SER C 266 15.74 10.16 -11.79
N ILE C 267 15.72 9.96 -10.47
CA ILE C 267 16.09 10.97 -9.50
C ILE C 267 17.06 10.34 -8.50
N MET C 268 18.10 11.09 -8.13
CA MET C 268 19.13 10.60 -7.24
C MET C 268 19.36 11.62 -6.13
N ARG C 269 19.73 11.12 -4.95
CA ARG C 269 20.04 11.96 -3.80
C ARG C 269 21.54 11.84 -3.53
N SER C 270 22.27 12.92 -3.76
CA SER C 270 23.72 12.89 -3.64
C SER C 270 24.23 14.29 -3.37
N ASP C 271 25.50 14.36 -2.98
CA ASP C 271 26.16 15.62 -2.64
C ASP C 271 27.54 15.69 -3.26
N ALA C 272 27.62 15.36 -4.55
CA ALA C 272 28.90 15.41 -5.23
C ALA C 272 28.90 16.48 -6.31
N PRO C 273 30.02 17.14 -6.54
CA PRO C 273 30.07 18.16 -7.59
C PRO C 273 29.96 17.57 -8.98
N ILE C 274 29.55 18.41 -9.92
CA ILE C 274 29.35 18.03 -11.31
C ILE C 274 30.55 18.50 -12.12
N GLY C 275 31.13 17.60 -12.91
CA GLY C 275 32.33 17.93 -13.65
C GLY C 275 32.23 17.72 -15.15
N LYS C 276 33.30 17.23 -15.78
CA LYS C 276 33.35 17.06 -17.22
C LYS C 276 34.15 15.80 -17.53
N CYS C 277 33.44 14.68 -17.72
CA CYS C 277 34.06 13.44 -18.17
C CYS C 277 32.98 12.51 -18.72
N LYS C 278 33.40 11.59 -19.57
CA LYS C 278 32.48 10.65 -20.21
C LYS C 278 32.43 9.36 -19.39
N SER C 279 31.67 9.40 -18.31
CA SER C 279 31.39 8.23 -17.49
C SER C 279 29.94 7.83 -17.67
N GLU C 280 29.69 6.55 -17.86
CA GLU C 280 28.36 6.06 -18.16
C GLU C 280 27.56 5.65 -16.93
N CYS C 281 28.23 5.30 -15.83
CA CYS C 281 27.56 4.80 -14.64
C CYS C 281 27.71 5.79 -13.50
N ILE C 282 26.58 6.14 -12.88
CA ILE C 282 26.52 7.14 -11.83
C ILE C 282 26.02 6.48 -10.56
N THR C 283 26.66 6.80 -9.45
CA THR C 283 26.27 6.41 -8.10
C THR C 283 26.28 7.67 -7.24
N PRO C 284 25.58 7.67 -6.11
CA PRO C 284 25.55 8.88 -5.28
C PRO C 284 26.93 9.33 -4.82
N ASN C 285 27.89 8.43 -4.68
CA ASN C 285 29.26 8.85 -4.36
C ASN C 285 29.90 9.58 -5.54
N GLY C 286 29.63 9.14 -6.76
CA GLY C 286 30.19 9.77 -7.93
C GLY C 286 30.03 8.87 -9.14
N SER C 287 30.73 9.22 -10.21
CA SER C 287 30.74 8.41 -11.40
C SER C 287 31.75 7.28 -11.24
N ILE C 288 31.40 6.10 -11.74
CA ILE C 288 32.28 4.94 -11.57
C ILE C 288 32.47 4.27 -12.93
N PRO C 289 33.68 3.81 -13.24
CA PRO C 289 33.87 3.05 -14.49
C PRO C 289 33.16 1.71 -14.44
N ASN C 290 32.78 1.23 -15.62
CA ASN C 290 31.99 0.02 -15.75
C ASN C 290 32.73 -1.12 -16.43
N ASP C 291 34.06 -1.06 -16.48
CA ASP C 291 34.82 -2.14 -17.09
C ASP C 291 34.66 -3.44 -16.29
N LYS C 292 34.73 -3.35 -14.98
CA LYS C 292 34.63 -4.52 -14.13
C LYS C 292 33.17 -4.93 -13.94
N PRO C 293 32.90 -6.23 -13.73
CA PRO C 293 31.51 -6.69 -13.65
C PRO C 293 30.81 -6.38 -12.34
N PHE C 294 31.52 -6.14 -11.24
CA PHE C 294 30.90 -5.95 -9.94
C PHE C 294 31.37 -4.65 -9.31
N GLN C 295 30.79 -4.31 -8.16
CA GLN C 295 31.12 -3.08 -7.47
C GLN C 295 30.92 -3.25 -5.97
N ASN C 296 31.42 -2.28 -5.21
CA ASN C 296 31.28 -2.27 -3.77
C ASN C 296 30.89 -0.90 -3.24
N VAL C 297 30.56 0.05 -4.11
CA VAL C 297 30.43 1.45 -3.68
C VAL C 297 29.05 1.72 -3.11
N ASN C 298 28.00 1.58 -3.92
CA ASN C 298 26.66 1.94 -3.49
C ASN C 298 25.65 1.05 -4.18
N ARG C 299 24.49 0.88 -3.53
CA ARG C 299 23.41 0.12 -4.11
C ARG C 299 22.68 0.92 -5.19
N ILE C 300 22.67 2.24 -5.08
CA ILE C 300 21.94 3.11 -6.00
C ILE C 300 22.82 3.39 -7.21
N THR C 301 22.32 3.03 -8.39
CA THR C 301 23.04 3.18 -9.65
C THR C 301 22.12 3.82 -10.69
N TYR C 302 22.71 4.25 -11.81
CA TYR C 302 21.92 4.76 -12.92
C TYR C 302 22.71 4.57 -14.21
N GLY C 303 22.36 3.55 -14.97
CA GLY C 303 22.81 3.45 -16.35
C GLY C 303 24.08 2.67 -16.57
N ALA C 304 23.97 1.46 -17.10
CA ALA C 304 25.12 0.63 -17.48
C ALA C 304 26.12 0.52 -16.33
N CYS C 305 25.67 -0.09 -15.24
CA CYS C 305 26.43 -0.14 -14.02
C CYS C 305 26.76 -1.59 -13.64
N PRO C 306 27.95 -1.85 -13.12
CA PRO C 306 28.25 -3.18 -12.59
C PRO C 306 27.40 -3.48 -11.37
N ARG C 307 27.11 -4.77 -11.18
CA ARG C 307 26.20 -5.18 -10.13
C ARG C 307 26.87 -5.05 -8.76
N TYR C 308 26.03 -4.92 -7.73
CA TYR C 308 26.51 -4.68 -6.38
C TYR C 308 26.73 -5.98 -5.64
N VAL C 309 27.92 -6.12 -5.05
CA VAL C 309 28.27 -7.22 -4.17
C VAL C 309 28.88 -6.63 -2.91
N LYS C 310 28.82 -7.40 -1.82
CA LYS C 310 29.35 -6.95 -0.54
C LYS C 310 30.74 -7.50 -0.26
N GLN C 311 31.56 -7.65 -1.29
CA GLN C 311 32.92 -8.17 -1.16
C GLN C 311 33.91 -7.07 -1.50
N SER C 312 34.94 -6.93 -0.65
CA SER C 312 35.96 -5.91 -0.91
C SER C 312 36.82 -6.29 -2.11
N THR C 313 37.21 -7.55 -2.22
CA THR C 313 38.07 -8.00 -3.30
C THR C 313 37.55 -9.32 -3.85
N LEU C 314 37.62 -9.45 -5.17
CA LEU C 314 37.23 -10.67 -5.87
C LEU C 314 38.17 -10.80 -7.07
N LYS C 315 39.21 -11.60 -6.94
CA LYS C 315 40.28 -11.64 -7.92
C LYS C 315 40.18 -12.91 -8.77
N LEU C 316 40.24 -12.72 -10.08
CA LEU C 316 40.18 -13.80 -11.06
C LEU C 316 41.59 -14.09 -11.54
N ALA C 317 41.95 -15.37 -11.54
CA ALA C 317 43.29 -15.81 -11.88
C ALA C 317 43.47 -15.71 -13.39
N THR C 318 44.00 -14.58 -13.85
CA THR C 318 44.31 -14.37 -15.25
C THR C 318 45.73 -14.85 -15.56
N GLY C 319 46.22 -15.78 -14.78
CA GLY C 319 47.58 -16.30 -14.94
C GLY C 319 47.61 -17.78 -14.66
N MET C 320 48.74 -18.24 -14.12
CA MET C 320 48.96 -19.65 -13.91
C MET C 320 49.73 -19.85 -12.61
N ARG C 321 49.67 -21.07 -12.08
CA ARG C 321 50.29 -21.37 -10.81
C ARG C 321 51.80 -21.26 -10.92
N ASN C 322 52.45 -20.94 -9.80
CA ASN C 322 53.90 -20.84 -9.74
C ASN C 322 54.43 -21.67 -8.59
N VAL C 323 55.56 -22.33 -8.81
CA VAL C 323 56.25 -23.10 -7.79
C VAL C 323 57.70 -22.67 -7.72
N PRO C 324 58.02 -21.50 -7.15
CA PRO C 324 59.41 -21.06 -7.05
C PRO C 324 60.06 -21.54 -5.76
N ALA C 364 64.62 -20.72 -24.20
CA ALA C 364 63.75 -21.08 -25.33
C ALA C 364 62.29 -20.80 -24.99
N ALA C 365 61.44 -20.82 -26.00
CA ALA C 365 60.02 -20.59 -25.79
C ALA C 365 59.22 -21.32 -26.86
N ASP C 366 58.01 -21.72 -26.50
CA ASP C 366 57.06 -22.35 -27.41
C ASP C 366 55.91 -21.40 -27.67
N LEU C 367 55.63 -21.14 -28.94
CA LEU C 367 54.66 -20.12 -29.30
C LEU C 367 53.24 -20.64 -29.40
N LYS C 368 53.06 -21.88 -29.86
CA LYS C 368 51.71 -22.38 -30.10
C LYS C 368 50.93 -22.56 -28.80
N SER C 369 51.54 -23.21 -27.80
CA SER C 369 50.86 -23.42 -26.53
C SER C 369 50.61 -22.10 -25.82
N THR C 370 51.59 -21.20 -25.84
CA THR C 370 51.41 -19.89 -25.23
C THR C 370 50.26 -19.14 -25.87
N GLN C 371 50.18 -19.18 -27.20
CA GLN C 371 49.10 -18.50 -27.89
C GLN C 371 47.75 -19.13 -27.57
N ALA C 372 47.70 -20.46 -27.47
CA ALA C 372 46.45 -21.11 -27.13
C ALA C 372 45.96 -20.69 -25.74
N ALA C 373 46.87 -20.72 -24.76
CA ALA C 373 46.48 -20.35 -23.40
C ALA C 373 46.06 -18.87 -23.34
N ILE C 374 46.82 -18.00 -24.00
CA ILE C 374 46.49 -16.59 -24.00
C ILE C 374 45.12 -16.37 -24.65
N ASP C 375 44.85 -17.06 -25.76
CA ASP C 375 43.58 -16.90 -26.44
C ASP C 375 42.42 -17.34 -25.57
N GLN C 376 42.55 -18.48 -24.89
CA GLN C 376 41.45 -18.94 -24.04
C GLN C 376 41.23 -17.99 -22.87
N ILE C 377 42.30 -17.54 -22.22
CA ILE C 377 42.14 -16.65 -21.08
C ILE C 377 41.52 -15.33 -21.51
N ASN C 378 41.97 -14.78 -22.65
CA ASN C 378 41.41 -13.53 -23.13
C ASN C 378 39.97 -13.70 -23.58
N GLY C 379 39.60 -14.87 -24.09
CA GLY C 379 38.20 -15.12 -24.39
C GLY C 379 37.33 -15.11 -23.15
N ILE C 380 37.79 -15.75 -22.08
CA ILE C 380 37.07 -15.69 -20.81
C ILE C 380 36.93 -14.25 -20.35
N LEU C 381 38.02 -13.49 -20.42
CA LEU C 381 37.99 -12.10 -19.97
C LEU C 381 37.02 -11.27 -20.81
N ASN C 382 37.01 -11.50 -22.13
CA ASN C 382 36.07 -10.79 -22.99
C ASN C 382 34.64 -11.12 -22.62
N ARG C 383 34.37 -12.39 -22.31
CA ARG C 383 33.02 -12.77 -21.90
C ARG C 383 32.61 -12.06 -20.61
N LEU C 384 33.54 -11.92 -19.66
CA LEU C 384 33.19 -11.30 -18.39
C LEU C 384 33.26 -9.78 -18.46
N ILE C 385 34.42 -9.25 -18.81
CA ILE C 385 34.68 -7.81 -18.69
C ILE C 385 34.06 -7.08 -19.88
N GLY C 386 33.24 -6.07 -19.57
CA GLY C 386 32.73 -5.14 -20.57
C GLY C 386 31.22 -5.21 -20.77
N LYS C 387 30.64 -6.40 -20.74
CA LYS C 387 29.21 -6.58 -21.02
C LYS C 387 28.42 -6.27 -19.77
N THR C 388 27.75 -5.13 -19.76
CA THR C 388 27.02 -4.66 -18.59
C THR C 388 25.63 -4.19 -18.99
N ASN C 389 24.62 -4.61 -18.24
CA ASN C 389 23.23 -4.26 -18.51
C ASN C 389 22.89 -2.89 -17.95
N GLU C 390 21.87 -2.27 -18.53
CA GLU C 390 21.45 -0.92 -18.19
C GLU C 390 20.13 -0.93 -17.43
N LYS C 391 20.07 -0.18 -16.34
CA LYS C 391 18.87 -0.07 -15.53
C LYS C 391 18.57 1.39 -15.27
N PHE C 392 17.33 1.80 -15.51
CA PHE C 392 16.88 3.17 -15.28
C PHE C 392 15.68 3.15 -14.34
N HIS C 393 15.70 4.01 -13.34
CA HIS C 393 14.57 4.22 -12.42
C HIS C 393 14.17 2.93 -11.70
N GLN C 394 15.04 2.50 -10.80
CA GLN C 394 14.73 1.41 -9.90
C GLN C 394 13.97 1.97 -8.68
N ILE C 395 13.81 1.15 -7.65
CA ILE C 395 13.10 1.54 -6.44
C ILE C 395 14.03 2.28 -5.49
N GLU C 396 13.46 2.90 -4.46
CA GLU C 396 14.27 3.59 -3.46
C GLU C 396 14.94 2.61 -2.51
N LYS C 397 16.17 2.92 -2.12
CA LYS C 397 16.95 2.04 -1.25
C LYS C 397 17.39 2.71 0.05
N GLU C 398 17.05 3.98 0.27
CA GLU C 398 17.39 4.68 1.50
C GLU C 398 16.17 5.43 1.99
N PHE C 399 15.88 5.31 3.28
CA PHE C 399 14.69 5.92 3.87
C PHE C 399 15.07 6.76 5.06
N SER C 400 14.58 7.99 5.11
CA SER C 400 14.84 8.91 6.19
C SER C 400 13.81 8.83 7.31
N GLU C 401 12.76 8.02 7.14
CA GLU C 401 11.73 7.87 8.16
C GLU C 401 11.54 6.40 8.47
N VAL C 402 10.52 6.07 9.27
CA VAL C 402 10.02 4.72 9.41
C VAL C 402 8.53 4.73 9.09
N GLU C 403 8.11 3.84 8.18
CA GLU C 403 6.73 3.79 7.73
C GLU C 403 6.05 2.48 8.07
N GLY C 404 6.66 1.35 7.72
CA GLY C 404 6.06 0.07 8.02
C GLY C 404 6.19 -0.99 6.95
N ARG C 405 5.05 -1.53 6.51
CA ARG C 405 5.05 -2.79 5.77
C ARG C 405 5.74 -2.64 4.42
N VAL C 406 5.42 -1.58 3.68
CA VAL C 406 5.99 -1.42 2.33
C VAL C 406 7.50 -1.20 2.41
N GLN C 407 7.94 -0.41 3.38
CA GLN C 407 9.38 -0.16 3.53
C GLN C 407 10.13 -1.43 3.89
N ASP C 408 9.57 -2.23 4.79
CA ASP C 408 10.18 -3.51 5.12
C ASP C 408 10.22 -4.44 3.91
N LEU C 409 9.17 -4.43 3.10
CA LEU C 409 9.17 -5.24 1.89
C LEU C 409 10.28 -4.80 0.94
N GLU C 410 10.46 -3.49 0.77
CA GLU C 410 11.50 -2.99 -0.11
C GLU C 410 12.89 -3.37 0.38
N LYS C 411 13.13 -3.20 1.68
CA LYS C 411 14.42 -3.57 2.25
C LYS C 411 14.68 -5.06 2.10
N TYR C 412 13.64 -5.88 2.31
CA TYR C 412 13.79 -7.33 2.13
C TYR C 412 14.15 -7.68 0.70
N VAL C 413 13.50 -7.04 -0.27
CA VAL C 413 13.78 -7.32 -1.67
C VAL C 413 15.23 -6.98 -2.00
N GLU C 414 15.69 -5.80 -1.55
CA GLU C 414 17.05 -5.40 -1.86
C GLU C 414 18.08 -6.31 -1.19
N ASP C 415 17.83 -6.70 0.06
CA ASP C 415 18.74 -7.61 0.75
C ASP C 415 18.82 -8.96 0.05
N THR C 416 17.67 -9.48 -0.39
CA THR C 416 17.67 -10.74 -1.13
C THR C 416 18.50 -10.63 -2.40
N LYS C 417 18.32 -9.53 -3.15
CA LYS C 417 19.09 -9.34 -4.37
C LYS C 417 20.59 -9.30 -4.08
N ILE C 418 20.99 -8.56 -3.05
CA ILE C 418 22.40 -8.41 -2.73
C ILE C 418 23.01 -9.74 -2.33
N ASP C 419 22.32 -10.50 -1.48
CA ASP C 419 22.85 -11.78 -1.05
C ASP C 419 22.98 -12.75 -2.22
N LEU C 420 21.95 -12.82 -3.08
CA LEU C 420 22.00 -13.74 -4.20
C LEU C 420 23.13 -13.39 -5.15
N TRP C 421 23.32 -12.10 -5.43
CA TRP C 421 24.38 -11.71 -6.36
C TRP C 421 25.77 -11.90 -5.73
N SER C 422 25.90 -11.74 -4.42
CA SER C 422 27.17 -12.04 -3.78
C SER C 422 27.52 -13.52 -3.88
N TYR C 423 26.53 -14.39 -3.63
CA TYR C 423 26.77 -15.83 -3.79
C TYR C 423 27.16 -16.15 -5.22
N ASN C 424 26.47 -15.55 -6.19
CA ASN C 424 26.78 -15.80 -7.60
C ASN C 424 28.21 -15.38 -7.92
N ALA C 425 28.63 -14.21 -7.43
CA ALA C 425 29.99 -13.74 -7.72
C ALA C 425 31.04 -14.67 -7.13
N GLU C 426 30.85 -15.09 -5.88
CA GLU C 426 31.81 -15.99 -5.25
C GLU C 426 31.93 -17.30 -6.02
N LEU C 427 30.78 -17.90 -6.38
CA LEU C 427 30.81 -19.16 -7.10
C LEU C 427 31.43 -18.99 -8.48
N LEU C 428 31.12 -17.90 -9.17
CA LEU C 428 31.65 -17.70 -10.52
C LEU C 428 33.16 -17.57 -10.49
N VAL C 429 33.69 -16.77 -9.55
CA VAL C 429 35.13 -16.62 -9.47
C VAL C 429 35.79 -17.94 -9.12
N ALA C 430 35.21 -18.69 -8.18
CA ALA C 430 35.79 -19.99 -7.83
C ALA C 430 35.82 -20.93 -9.02
N LEU C 431 34.71 -21.02 -9.76
CA LEU C 431 34.63 -21.90 -10.91
C LEU C 431 35.66 -21.52 -11.98
N ILE C 432 35.73 -20.23 -12.30
CA ILE C 432 36.63 -19.79 -13.35
C ILE C 432 38.08 -20.00 -12.95
N ASN C 433 38.42 -19.74 -11.69
CA ASN C 433 39.78 -20.00 -11.24
C ASN C 433 40.13 -21.47 -11.32
N GLN C 434 39.20 -22.34 -10.89
CA GLN C 434 39.46 -23.78 -10.93
C GLN C 434 39.70 -24.25 -12.36
N HIS C 435 38.84 -23.83 -13.28
CA HIS C 435 38.97 -24.28 -14.65
C HIS C 435 40.18 -23.63 -15.34
N THR C 436 40.54 -22.41 -14.96
CA THR C 436 41.73 -21.78 -15.52
C THR C 436 42.98 -22.53 -15.11
N ILE C 437 43.10 -22.87 -13.81
CA ILE C 437 44.23 -23.65 -13.36
C ILE C 437 44.25 -25.02 -14.02
N ASP C 438 43.08 -25.65 -14.15
CA ASP C 438 43.01 -26.96 -14.77
C ASP C 438 43.47 -26.92 -16.23
N LEU C 439 43.02 -25.90 -16.99
CA LEU C 439 43.38 -25.84 -18.39
C LEU C 439 44.86 -25.48 -18.58
N THR C 440 45.40 -24.62 -17.71
CA THR C 440 46.81 -24.29 -17.84
C THR C 440 47.70 -25.44 -17.38
N ASP C 441 47.21 -26.30 -16.49
CA ASP C 441 47.94 -27.51 -16.15
C ASP C 441 47.71 -28.63 -17.18
N SER C 442 46.68 -28.52 -18.00
CA SER C 442 46.44 -29.49 -19.05
C SER C 442 47.27 -29.21 -20.30
N GLU C 443 47.93 -28.06 -20.37
CA GLU C 443 48.81 -27.73 -21.46
C GLU C 443 50.24 -28.19 -21.19
N MET C 444 50.41 -29.21 -20.36
CA MET C 444 51.72 -29.71 -20.03
C MET C 444 51.72 -31.24 -19.94
N GLU D 1 -50.49 -7.88 -2.39
CA GLU D 1 -51.13 -9.14 -2.78
C GLU D 1 -50.42 -9.77 -3.96
N VAL D 2 -49.69 -10.85 -3.70
CA VAL D 2 -48.94 -11.58 -4.71
C VAL D 2 -49.59 -12.95 -4.86
N GLN D 3 -50.09 -13.25 -6.06
CA GLN D 3 -50.82 -14.49 -6.24
C GLN D 3 -50.69 -15.01 -7.66
N LEU D 4 -50.93 -16.32 -7.79
CA LEU D 4 -50.98 -17.03 -9.06
C LEU D 4 -52.30 -17.77 -9.12
N VAL D 5 -53.02 -17.63 -10.24
CA VAL D 5 -54.35 -18.22 -10.40
C VAL D 5 -54.32 -19.13 -11.63
N GLU D 6 -54.83 -20.35 -11.47
CA GLU D 6 -54.82 -21.34 -12.52
C GLU D 6 -56.22 -21.56 -13.08
N SER D 7 -56.27 -21.93 -14.35
CA SER D 7 -57.54 -22.23 -15.00
C SER D 7 -57.31 -23.26 -16.11
N GLY D 8 -58.35 -24.01 -16.43
CA GLY D 8 -58.33 -24.93 -17.53
C GLY D 8 -58.42 -26.40 -17.18
N GLY D 9 -58.54 -26.75 -15.91
CA GLY D 9 -58.66 -28.14 -15.55
C GLY D 9 -60.04 -28.71 -15.87
N GLY D 10 -60.12 -30.04 -15.83
CA GLY D 10 -61.38 -30.69 -16.12
C GLY D 10 -61.18 -32.18 -16.28
N LEU D 11 -62.13 -32.82 -16.94
CA LEU D 11 -62.11 -34.25 -17.21
C LEU D 11 -61.96 -34.47 -18.71
N VAL D 12 -60.93 -35.24 -19.09
CA VAL D 12 -60.66 -35.53 -20.48
C VAL D 12 -60.40 -37.02 -20.65
N GLN D 13 -60.63 -37.49 -21.87
CA GLN D 13 -60.39 -38.89 -22.20
C GLN D 13 -58.94 -39.12 -22.56
N PRO D 14 -58.45 -40.35 -22.44
CA PRO D 14 -57.06 -40.64 -22.82
C PRO D 14 -56.81 -40.33 -24.28
N GLY D 15 -55.59 -39.86 -24.57
CA GLY D 15 -55.20 -39.55 -25.93
C GLY D 15 -55.63 -38.20 -26.44
N ARG D 16 -56.24 -37.37 -25.61
CA ARG D 16 -56.71 -36.04 -26.02
C ARG D 16 -55.87 -34.97 -25.33
N SER D 17 -56.20 -33.71 -25.62
CA SER D 17 -55.36 -32.58 -25.29
C SER D 17 -56.03 -31.68 -24.26
N LEU D 18 -55.20 -30.87 -23.60
CA LEU D 18 -55.66 -29.92 -22.59
C LEU D 18 -54.72 -28.72 -22.58
N ARG D 19 -55.21 -27.59 -22.07
CA ARG D 19 -54.40 -26.38 -21.95
C ARG D 19 -54.72 -25.70 -20.63
N LEU D 20 -53.73 -25.61 -19.76
CA LEU D 20 -53.84 -24.89 -18.50
C LEU D 20 -53.16 -23.54 -18.60
N SER D 21 -53.73 -22.54 -17.94
CA SER D 21 -53.19 -21.19 -17.93
C SER D 21 -53.01 -20.71 -16.51
N CYS D 22 -51.90 -20.02 -16.27
CA CYS D 22 -51.56 -19.47 -14.96
C CYS D 22 -51.34 -17.98 -15.11
N ALA D 23 -52.07 -17.18 -14.35
CA ALA D 23 -51.99 -15.74 -14.37
C ALA D 23 -51.36 -15.25 -13.08
N ALA D 24 -50.34 -14.40 -13.20
CA ALA D 24 -49.59 -13.88 -12.06
C ALA D 24 -49.94 -12.42 -11.82
N SER D 25 -50.18 -12.07 -10.56
CA SER D 25 -50.47 -10.69 -10.21
C SER D 25 -49.74 -10.32 -8.92
N GLY D 26 -49.17 -9.12 -8.91
CA GLY D 26 -48.53 -8.59 -7.72
C GLY D 26 -47.02 -8.56 -7.73
N PHE D 27 -46.37 -8.98 -8.81
CA PHE D 27 -44.92 -8.95 -8.86
C PHE D 27 -44.46 -8.83 -10.31
N THR D 28 -43.21 -8.40 -10.48
CA THR D 28 -42.63 -8.25 -11.80
C THR D 28 -42.41 -9.63 -12.42
N PHE D 29 -43.14 -9.90 -13.50
CA PHE D 29 -43.17 -11.25 -14.06
C PHE D 29 -41.91 -11.60 -14.83
N HIS D 30 -41.27 -10.62 -15.46
CA HIS D 30 -40.15 -10.88 -16.35
C HIS D 30 -38.81 -10.96 -15.61
N ASN D 31 -38.83 -11.25 -14.31
CA ASN D 31 -37.62 -11.39 -13.53
C ASN D 31 -37.45 -12.77 -12.92
N TYR D 32 -38.47 -13.63 -12.98
CA TYR D 32 -38.47 -14.88 -12.25
C TYR D 32 -38.81 -16.04 -13.18
N ALA D 33 -38.19 -17.19 -12.91
CA ALA D 33 -38.50 -18.41 -13.63
C ALA D 33 -39.81 -19.00 -13.13
N MET D 34 -40.41 -19.85 -13.96
CA MET D 34 -41.69 -20.45 -13.63
C MET D 34 -41.69 -21.94 -13.94
N HIS D 35 -42.26 -22.72 -13.02
CA HIS D 35 -42.28 -24.17 -13.13
C HIS D 35 -43.70 -24.69 -12.90
N TRP D 36 -43.89 -25.97 -13.25
CA TRP D 36 -45.12 -26.69 -12.98
C TRP D 36 -44.80 -27.91 -12.11
N VAL D 37 -45.58 -28.12 -11.05
CA VAL D 37 -45.38 -29.25 -10.15
C VAL D 37 -46.72 -29.92 -9.89
N ARG D 38 -46.79 -31.23 -10.10
CA ARG D 38 -48.04 -31.95 -9.94
C ARG D 38 -47.98 -32.90 -8.75
N GLN D 39 -49.12 -33.07 -8.09
CA GLN D 39 -49.25 -33.96 -6.94
C GLN D 39 -50.40 -34.92 -7.19
N ALA D 40 -50.11 -36.22 -7.09
CA ALA D 40 -51.13 -37.25 -7.22
C ALA D 40 -52.00 -37.27 -5.96
N PRO D 41 -53.22 -37.82 -6.05
CA PRO D 41 -54.09 -37.85 -4.86
C PRO D 41 -53.54 -38.78 -3.78
N GLY D 42 -53.03 -38.20 -2.70
CA GLY D 42 -52.48 -38.97 -1.61
C GLY D 42 -51.05 -39.41 -1.79
N LYS D 43 -50.33 -38.88 -2.77
CA LYS D 43 -48.95 -39.25 -3.02
C LYS D 43 -48.05 -38.02 -2.93
N GLY D 44 -46.79 -38.19 -3.32
CA GLY D 44 -45.79 -37.16 -3.16
C GLY D 44 -45.88 -36.06 -4.22
N LEU D 45 -44.79 -35.32 -4.36
CA LEU D 45 -44.72 -34.18 -5.26
C LEU D 45 -43.75 -34.47 -6.41
N ASP D 46 -44.15 -34.12 -7.63
CA ASP D 46 -43.39 -34.42 -8.82
C ASP D 46 -43.17 -33.17 -9.67
N TRP D 47 -41.98 -33.02 -10.21
CA TRP D 47 -41.64 -31.90 -11.08
C TRP D 47 -41.99 -32.22 -12.53
N VAL D 48 -42.51 -31.22 -13.24
CA VAL D 48 -43.00 -31.47 -14.60
C VAL D 48 -42.24 -30.67 -15.64
N THR D 49 -42.33 -29.34 -15.59
CA THR D 49 -41.75 -28.49 -16.63
C THR D 49 -41.20 -27.22 -16.00
N GLY D 50 -40.25 -26.59 -16.69
CA GLY D 50 -39.71 -25.33 -16.22
C GLY D 50 -39.18 -24.41 -17.31
N ILE D 51 -39.41 -23.10 -17.16
CA ILE D 51 -38.99 -22.10 -18.12
C ILE D 51 -38.41 -20.90 -17.40
N THR D 52 -37.57 -20.14 -18.11
CA THR D 52 -36.91 -18.96 -17.57
C THR D 52 -37.64 -17.69 -18.05
N TRP D 53 -37.07 -16.53 -17.73
CA TRP D 53 -37.71 -15.27 -18.10
C TRP D 53 -37.51 -14.93 -19.57
N ASN D 54 -36.43 -15.38 -20.18
CA ASN D 54 -36.15 -15.13 -21.59
C ASN D 54 -36.63 -16.25 -22.50
N SER D 55 -37.24 -17.29 -21.94
CA SER D 55 -37.67 -18.47 -22.70
C SER D 55 -36.53 -19.04 -23.54
N VAL D 56 -35.33 -19.07 -22.96
CA VAL D 56 -34.15 -19.62 -23.62
C VAL D 56 -33.85 -21.03 -23.16
N ASN D 57 -33.79 -21.25 -21.85
CA ASN D 57 -33.57 -22.57 -21.28
C ASN D 57 -34.91 -23.12 -20.82
N VAL D 58 -35.36 -24.20 -21.45
CA VAL D 58 -36.61 -24.86 -21.10
C VAL D 58 -36.29 -26.32 -20.79
N ASP D 59 -36.80 -26.81 -19.66
CA ASP D 59 -36.51 -28.17 -19.24
C ASP D 59 -37.80 -28.94 -18.96
N TYR D 60 -37.75 -30.24 -19.25
CA TYR D 60 -38.89 -31.13 -19.12
C TYR D 60 -38.49 -32.36 -18.32
N ALA D 61 -39.48 -32.96 -17.66
CA ALA D 61 -39.26 -34.22 -16.97
C ALA D 61 -39.25 -35.38 -17.97
N ASP D 62 -38.69 -36.51 -17.53
CA ASP D 62 -38.53 -37.65 -18.43
C ASP D 62 -39.87 -38.22 -18.88
N SER D 63 -40.82 -38.34 -17.96
CA SER D 63 -42.10 -38.96 -18.28
C SER D 63 -43.02 -38.07 -19.10
N VAL D 64 -42.74 -36.77 -19.19
CA VAL D 64 -43.58 -35.85 -19.95
C VAL D 64 -42.74 -35.16 -21.01
N LYS D 65 -41.73 -35.88 -21.53
CA LYS D 65 -40.75 -35.24 -22.39
C LYS D 65 -41.32 -34.86 -23.75
N GLY D 66 -42.12 -35.73 -24.36
CA GLY D 66 -42.49 -35.53 -25.74
C GLY D 66 -43.82 -34.83 -26.01
N ARG D 67 -44.79 -35.02 -25.13
CA ARG D 67 -46.16 -34.60 -25.39
C ARG D 67 -46.59 -33.39 -24.56
N PHE D 68 -45.65 -32.68 -23.96
CA PHE D 68 -45.94 -31.53 -23.11
C PHE D 68 -45.19 -30.31 -23.62
N THR D 69 -45.85 -29.17 -23.62
CA THR D 69 -45.25 -27.92 -24.07
C THR D 69 -45.54 -26.82 -23.05
N ILE D 70 -44.52 -26.04 -22.72
CA ILE D 70 -44.65 -24.94 -21.77
C ILE D 70 -44.24 -23.64 -22.48
N SER D 71 -45.01 -22.58 -22.23
CA SER D 71 -44.76 -21.30 -22.88
C SER D 71 -45.05 -20.17 -21.90
N ARG D 72 -44.50 -19.00 -22.21
CA ARG D 72 -44.61 -17.83 -21.37
C ARG D 72 -44.96 -16.61 -22.21
N ASP D 73 -45.74 -15.70 -21.63
CA ASP D 73 -46.06 -14.42 -22.25
C ASP D 73 -45.82 -13.33 -21.21
N ASN D 74 -44.75 -12.55 -21.41
CA ASN D 74 -44.37 -11.53 -20.44
C ASN D 74 -45.28 -10.32 -20.53
N ALA D 75 -45.72 -9.97 -21.74
CA ALA D 75 -46.59 -8.81 -21.90
C ALA D 75 -47.92 -9.02 -21.20
N LYS D 76 -48.50 -10.22 -21.31
CA LYS D 76 -49.80 -10.52 -20.73
C LYS D 76 -49.69 -11.18 -19.36
N ASN D 77 -48.47 -11.42 -18.87
CA ASN D 77 -48.24 -12.02 -17.55
C ASN D 77 -48.94 -13.38 -17.44
N SER D 78 -48.51 -14.32 -18.28
CA SER D 78 -49.16 -15.61 -18.32
C SER D 78 -48.16 -16.74 -18.56
N LEU D 79 -48.49 -17.91 -18.01
CA LEU D 79 -47.73 -19.14 -18.21
C LEU D 79 -48.69 -20.22 -18.68
N TYR D 80 -48.39 -20.81 -19.84
CA TYR D 80 -49.29 -21.75 -20.48
C TYR D 80 -48.65 -23.14 -20.52
N LEU D 81 -49.46 -24.17 -20.24
CA LEU D 81 -49.05 -25.56 -20.40
C LEU D 81 -50.04 -26.26 -21.31
N GLN D 82 -49.51 -26.97 -22.32
CA GLN D 82 -50.31 -27.71 -23.28
C GLN D 82 -49.93 -29.17 -23.21
N MET D 83 -50.93 -30.04 -23.03
CA MET D 83 -50.74 -31.49 -23.02
C MET D 83 -51.41 -32.07 -24.26
N ASN D 84 -50.65 -32.84 -25.04
CA ASN D 84 -51.16 -33.36 -26.31
C ASN D 84 -51.81 -34.73 -26.14
N SER D 85 -51.04 -35.70 -25.65
CA SER D 85 -51.55 -37.05 -25.41
C SER D 85 -51.48 -37.34 -23.92
N LEU D 86 -52.60 -37.77 -23.35
CA LEU D 86 -52.73 -37.93 -21.91
C LEU D 86 -53.04 -39.38 -21.59
N ARG D 87 -52.42 -39.88 -20.53
CA ARG D 87 -52.67 -41.24 -20.04
C ARG D 87 -53.24 -41.17 -18.63
N ALA D 88 -53.53 -42.34 -18.08
CA ALA D 88 -54.16 -42.43 -16.76
C ALA D 88 -53.21 -42.09 -15.63
N GLU D 89 -51.92 -41.95 -15.90
CA GLU D 89 -50.94 -41.65 -14.86
C GLU D 89 -50.80 -40.16 -14.58
N ASP D 90 -51.58 -39.32 -15.27
CA ASP D 90 -51.44 -37.87 -15.15
C ASP D 90 -52.58 -37.22 -14.38
N THR D 91 -53.44 -38.01 -13.75
CA THR D 91 -54.54 -37.45 -12.96
C THR D 91 -53.97 -36.89 -11.67
N ALA D 92 -53.92 -35.57 -11.56
CA ALA D 92 -53.24 -34.96 -10.42
C ALA D 92 -53.70 -33.51 -10.27
N LEU D 93 -53.26 -32.90 -9.18
CA LEU D 93 -53.46 -31.49 -8.94
C LEU D 93 -52.19 -30.75 -9.34
N TYR D 94 -52.34 -29.73 -10.19
CA TYR D 94 -51.20 -29.03 -10.77
C TYR D 94 -51.03 -27.67 -10.09
N TYR D 95 -49.79 -27.37 -9.71
CA TYR D 95 -49.40 -26.11 -9.10
C TYR D 95 -48.49 -25.36 -10.07
N CYS D 96 -48.76 -24.07 -10.26
CA CYS D 96 -47.94 -23.18 -11.06
C CYS D 96 -47.05 -22.40 -10.09
N VAL D 97 -45.76 -22.74 -10.05
CA VAL D 97 -44.87 -22.20 -9.04
C VAL D 97 -43.90 -21.21 -9.67
N LYS D 98 -43.41 -20.29 -8.85
CA LYS D 98 -42.47 -19.26 -9.27
C LYS D 98 -41.15 -19.43 -8.54
N GLY D 99 -40.09 -18.90 -9.16
CA GLY D 99 -38.76 -19.05 -8.63
C GLY D 99 -38.34 -17.89 -7.76
N GLN D 100 -37.21 -18.08 -7.07
CA GLN D 100 -36.74 -17.14 -6.06
C GLN D 100 -35.63 -16.21 -6.54
N VAL D 101 -34.78 -16.67 -7.44
CA VAL D 101 -33.63 -15.88 -7.86
C VAL D 101 -34.09 -14.76 -8.80
N TRP D 102 -33.62 -13.54 -8.53
CA TRP D 102 -33.95 -12.38 -9.33
C TRP D 102 -33.12 -12.37 -10.60
N SER D 103 -33.78 -12.47 -11.75
CA SER D 103 -33.13 -12.46 -13.06
C SER D 103 -32.08 -13.57 -13.16
N GLY D 104 -32.56 -14.80 -13.08
CA GLY D 104 -31.70 -15.96 -13.24
C GLY D 104 -31.69 -16.44 -14.67
N TYR D 105 -30.48 -16.72 -15.18
CA TYR D 105 -30.34 -17.20 -16.54
C TYR D 105 -30.71 -18.67 -16.67
N TYR D 106 -30.36 -19.47 -15.67
CA TYR D 106 -30.59 -20.91 -15.67
C TYR D 106 -31.69 -21.25 -14.68
N LEU D 107 -32.16 -22.49 -14.76
CA LEU D 107 -33.24 -22.97 -13.91
C LEU D 107 -32.75 -23.65 -12.64
N THR D 108 -31.44 -23.81 -12.46
CA THR D 108 -30.96 -24.74 -11.45
C THR D 108 -30.93 -24.15 -10.05
N HIS D 109 -30.06 -23.17 -9.81
CA HIS D 109 -29.69 -22.77 -8.46
C HIS D 109 -30.74 -21.81 -7.88
N ASP D 110 -31.88 -22.38 -7.52
CA ASP D 110 -32.96 -21.58 -6.95
C ASP D 110 -33.93 -22.50 -6.22
N ALA D 111 -34.98 -21.89 -5.66
CA ALA D 111 -36.03 -22.59 -4.95
C ALA D 111 -37.37 -21.98 -5.29
N PHE D 112 -38.43 -22.75 -5.08
CA PHE D 112 -39.78 -22.29 -5.38
C PHE D 112 -40.31 -21.49 -4.19
N ASP D 113 -40.39 -20.18 -4.34
CA ASP D 113 -40.77 -19.30 -3.24
C ASP D 113 -42.25 -18.98 -3.19
N LEU D 114 -42.97 -19.15 -4.29
CA LEU D 114 -44.41 -18.91 -4.33
C LEU D 114 -45.09 -20.05 -5.05
N TRP D 115 -46.22 -20.49 -4.50
CA TRP D 115 -47.01 -21.56 -5.08
C TRP D 115 -48.45 -21.07 -5.24
N GLY D 116 -49.14 -21.64 -6.21
CA GLY D 116 -50.54 -21.33 -6.46
C GLY D 116 -51.40 -22.54 -6.20
N GLN D 117 -52.62 -22.29 -5.71
CA GLN D 117 -53.57 -23.38 -5.50
C GLN D 117 -53.94 -23.98 -6.84
N GLY D 118 -53.46 -25.18 -7.10
CA GLY D 118 -53.50 -25.75 -8.44
C GLY D 118 -54.89 -26.18 -8.86
N THR D 119 -54.96 -26.68 -10.09
CA THR D 119 -56.19 -27.16 -10.69
C THR D 119 -56.11 -28.66 -10.89
N THR D 120 -57.28 -29.30 -10.91
CA THR D 120 -57.37 -30.75 -10.96
C THR D 120 -57.49 -31.22 -12.40
N VAL D 121 -56.71 -32.24 -12.76
CA VAL D 121 -56.78 -32.84 -14.09
C VAL D 121 -57.05 -34.33 -13.89
N THR D 122 -58.13 -34.82 -14.49
CA THR D 122 -58.54 -36.22 -14.36
C THR D 122 -58.60 -36.83 -15.76
N VAL D 123 -57.84 -37.90 -15.96
CA VAL D 123 -57.80 -38.60 -17.24
C VAL D 123 -58.39 -39.99 -17.08
N SER D 124 -59.69 -40.12 -17.34
CA SER D 124 -60.38 -41.39 -17.14
C SER D 124 -61.52 -41.51 -18.14
N GLY D 125 -62.00 -42.74 -18.31
CA GLY D 125 -63.10 -43.01 -19.21
C GLY D 125 -64.38 -42.29 -18.84
N VAL E 2 -7.64 47.43 -18.58
CA VAL E 2 -6.53 46.60 -19.03
C VAL E 2 -6.03 47.09 -20.38
N GLN E 3 -5.04 47.98 -20.38
CA GLN E 3 -4.56 48.55 -21.62
C GLN E 3 -3.09 48.92 -21.51
N LEU E 4 -2.42 48.91 -22.66
CA LEU E 4 -1.03 49.33 -22.81
C LEU E 4 -1.00 50.47 -23.81
N VAL E 5 -0.72 51.68 -23.33
CA VAL E 5 -0.67 52.84 -24.19
C VAL E 5 0.79 53.13 -24.55
N GLU E 6 0.98 53.82 -25.67
CA GLU E 6 2.31 54.09 -26.20
C GLU E 6 2.47 55.57 -26.53
N SER E 7 3.71 56.04 -26.43
CA SER E 7 4.02 57.43 -26.75
C SER E 7 5.46 57.51 -27.22
N GLY E 8 5.75 58.58 -27.97
CA GLY E 8 7.11 58.86 -28.40
C GLY E 8 7.37 58.75 -29.88
N GLY E 9 6.39 58.36 -30.68
CA GLY E 9 6.61 58.25 -32.11
C GLY E 9 6.70 59.60 -32.79
N GLY E 10 7.23 59.59 -34.01
CA GLY E 10 7.37 60.83 -34.75
C GLY E 10 8.25 60.62 -35.97
N LEU E 11 8.75 61.72 -36.51
CA LEU E 11 9.61 61.72 -37.70
C LEU E 11 11.00 62.18 -37.29
N VAL E 12 12.00 61.33 -37.57
CA VAL E 12 13.38 61.64 -37.25
C VAL E 12 14.25 61.33 -38.46
N GLN E 13 15.39 62.03 -38.53
CA GLN E 13 16.31 61.85 -39.64
C GLN E 13 17.16 60.60 -39.43
N PRO E 14 17.71 60.04 -40.50
CA PRO E 14 18.57 58.86 -40.35
C PRO E 14 19.77 59.15 -39.46
N GLY E 15 20.14 58.14 -38.68
CA GLY E 15 21.31 58.23 -37.83
C GLY E 15 21.10 58.91 -36.48
N ARG E 16 19.86 59.20 -36.11
CA ARG E 16 19.57 59.86 -34.85
C ARG E 16 18.77 58.93 -33.93
N SER E 17 18.41 59.46 -32.76
CA SER E 17 17.90 58.65 -31.66
C SER E 17 16.42 58.94 -31.40
N LEU E 18 15.76 57.96 -30.79
CA LEU E 18 14.36 58.05 -30.43
C LEU E 18 14.12 57.27 -29.14
N ARG E 19 13.03 57.61 -28.45
CA ARG E 19 12.68 56.95 -27.20
C ARG E 19 11.17 56.75 -27.15
N LEU E 20 10.74 55.49 -27.11
CA LEU E 20 9.33 55.13 -27.02
C LEU E 20 9.02 54.61 -25.63
N SER E 21 7.84 54.97 -25.12
CA SER E 21 7.40 54.59 -23.79
C SER E 21 6.06 53.87 -23.87
N CYS E 22 5.92 52.80 -23.11
CA CYS E 22 4.69 52.03 -23.01
C CYS E 22 4.26 51.99 -21.55
N ALA E 23 3.02 52.39 -21.30
CA ALA E 23 2.45 52.43 -19.96
C ALA E 23 1.34 51.40 -19.84
N ALA E 24 1.41 50.59 -18.78
CA ALA E 24 0.49 49.48 -18.58
C ALA E 24 -0.46 49.79 -17.43
N SER E 25 -1.73 49.44 -17.60
CA SER E 25 -2.71 49.64 -16.55
C SER E 25 -3.71 48.50 -16.58
N GLY E 26 -4.17 48.10 -15.40
CA GLY E 26 -5.19 47.09 -15.26
C GLY E 26 -4.71 45.69 -14.92
N PHE E 27 -3.40 45.50 -14.74
CA PHE E 27 -2.89 44.19 -14.39
C PHE E 27 -1.58 44.33 -13.63
N THR E 28 -1.21 43.27 -12.93
CA THR E 28 0.03 43.26 -12.14
C THR E 28 1.22 43.25 -13.09
N PHE E 29 2.00 44.33 -13.09
CA PHE E 29 3.05 44.49 -14.09
C PHE E 29 4.26 43.62 -13.79
N HIS E 30 4.58 43.40 -12.53
CA HIS E 30 5.83 42.75 -12.17
C HIS E 30 5.74 41.24 -12.23
N ASN E 31 4.79 40.70 -12.98
CA ASN E 31 4.66 39.27 -13.17
C ASN E 31 4.87 38.83 -14.61
N TYR E 32 4.52 39.65 -15.59
CA TYR E 32 4.51 39.25 -16.99
C TYR E 32 5.69 39.83 -17.76
N ALA E 33 6.15 39.07 -18.74
CA ALA E 33 7.18 39.54 -19.65
C ALA E 33 6.59 40.50 -20.67
N MET E 34 7.41 41.43 -21.16
CA MET E 34 6.96 42.45 -22.10
C MET E 34 7.88 42.49 -23.31
N HIS E 35 7.30 42.55 -24.50
CA HIS E 35 8.04 42.58 -25.75
C HIS E 35 7.64 43.78 -26.58
N TRP E 36 8.43 44.02 -27.63
CA TRP E 36 8.12 44.99 -28.67
C TRP E 36 8.04 44.26 -30.01
N VAL E 37 7.04 44.59 -30.82
CA VAL E 37 6.88 43.98 -32.14
C VAL E 37 6.50 45.06 -33.15
N ARG E 38 7.22 45.11 -34.27
CA ARG E 38 6.99 46.15 -35.26
C ARG E 38 6.40 45.55 -36.53
N GLN E 39 5.57 46.34 -37.20
CA GLN E 39 4.92 45.95 -38.44
C GLN E 39 5.17 47.03 -39.49
N ALA E 40 5.76 46.63 -40.61
CA ALA E 40 5.96 47.54 -41.72
C ALA E 40 4.63 47.80 -42.42
N PRO E 41 4.53 48.89 -43.21
CA PRO E 41 3.23 49.19 -43.83
C PRO E 41 2.81 48.15 -44.85
N GLY E 42 1.84 47.34 -44.49
CA GLY E 42 1.32 46.31 -45.36
C GLY E 42 2.30 45.21 -45.73
N LYS E 43 3.20 44.85 -44.82
CA LYS E 43 4.18 43.79 -45.09
C LYS E 43 4.03 42.59 -44.17
N GLY E 44 4.08 42.78 -42.86
CA GLY E 44 4.01 41.66 -41.94
C GLY E 44 4.47 42.08 -40.55
N LEU E 45 4.55 41.09 -39.67
CA LEU E 45 4.92 41.31 -38.28
C LEU E 45 6.33 40.79 -38.01
N ASP E 46 7.10 41.58 -37.27
CA ASP E 46 8.48 41.24 -36.94
C ASP E 46 8.71 41.43 -35.45
N TRP E 47 9.63 40.63 -34.91
CA TRP E 47 9.98 40.66 -33.49
C TRP E 47 11.31 41.38 -33.32
N VAL E 48 11.38 42.27 -32.33
CA VAL E 48 12.56 43.11 -32.13
C VAL E 48 13.22 42.87 -30.78
N THR E 49 12.46 42.77 -29.70
CA THR E 49 13.08 42.64 -28.38
C THR E 49 12.04 42.24 -27.34
N GLY E 50 12.54 41.76 -26.21
CA GLY E 50 11.68 41.40 -25.08
C GLY E 50 12.46 41.33 -23.80
N ILE E 51 11.75 41.47 -22.68
CA ILE E 51 12.34 41.48 -21.35
C ILE E 51 11.42 40.78 -20.38
N THR E 52 12.01 40.21 -19.33
CA THR E 52 11.28 39.42 -18.34
C THR E 52 10.86 40.31 -17.16
N TRP E 53 10.31 39.68 -16.11
CA TRP E 53 9.84 40.44 -14.95
C TRP E 53 10.98 40.90 -14.06
N ASN E 54 12.10 40.18 -14.05
CA ASN E 54 13.25 40.55 -13.23
C ASN E 54 14.33 41.27 -14.01
N SER E 55 14.12 41.50 -15.31
CA SER E 55 15.12 42.11 -16.19
C SER E 55 16.45 41.37 -16.11
N VAL E 56 16.38 40.05 -16.12
CA VAL E 56 17.57 39.20 -16.08
C VAL E 56 17.90 38.66 -17.46
N ASN E 57 16.90 38.17 -18.19
CA ASN E 57 17.08 37.64 -19.53
C ASN E 57 16.53 38.66 -20.52
N VAL E 58 17.41 39.22 -21.35
CA VAL E 58 17.04 40.20 -22.36
C VAL E 58 17.54 39.70 -23.70
N ASP E 59 16.68 39.73 -24.71
CA ASP E 59 17.02 39.22 -26.04
C ASP E 59 16.66 40.26 -27.10
N TYR E 60 17.45 40.29 -28.17
CA TYR E 60 17.26 41.22 -29.26
C TYR E 60 17.25 40.47 -30.58
N ALA E 61 16.58 41.06 -31.57
CA ALA E 61 16.61 40.52 -32.92
C ALA E 61 17.97 40.79 -33.56
N ASP E 62 18.29 40.00 -34.58
CA ASP E 62 19.60 40.11 -35.22
C ASP E 62 19.78 41.46 -35.91
N SER E 63 18.74 41.96 -36.55
CA SER E 63 18.83 43.20 -37.30
C SER E 63 18.82 44.44 -36.43
N VAL E 64 18.55 44.31 -35.13
CA VAL E 64 18.51 45.45 -34.21
C VAL E 64 19.55 45.33 -33.10
N LYS E 65 20.48 44.40 -33.22
CA LYS E 65 21.48 44.21 -32.18
C LYS E 65 22.47 45.37 -32.16
N GLY E 66 22.75 45.89 -30.97
CA GLY E 66 23.78 46.87 -30.77
C GLY E 66 23.31 48.31 -30.82
N ARG E 67 22.15 48.59 -31.40
CA ARG E 67 21.64 49.95 -31.50
C ARG E 67 20.38 50.19 -30.69
N PHE E 68 19.71 49.13 -30.25
CA PHE E 68 18.42 49.23 -29.57
C PHE E 68 18.57 48.75 -28.14
N THR E 69 17.95 49.48 -27.21
CA THR E 69 17.99 49.13 -25.79
C THR E 69 16.59 49.07 -25.23
N ILE E 70 16.31 48.06 -24.41
CA ILE E 70 15.01 47.86 -23.79
C ILE E 70 15.18 47.89 -22.28
N SER E 71 14.30 48.60 -21.59
CA SER E 71 14.37 48.70 -20.14
C SER E 71 12.96 48.67 -19.57
N ARG E 72 12.88 48.42 -18.26
CA ARG E 72 11.59 48.31 -17.59
C ARG E 72 11.67 48.90 -16.19
N ASP E 73 10.59 49.54 -15.78
CA ASP E 73 10.45 50.05 -14.42
C ASP E 73 9.16 49.49 -13.84
N ASN E 74 9.29 48.57 -12.87
CA ASN E 74 8.12 47.92 -12.29
C ASN E 74 7.40 48.83 -11.31
N ALA E 75 8.12 49.70 -10.62
CA ALA E 75 7.48 50.61 -9.68
C ALA E 75 6.56 51.59 -10.40
N LYS E 76 6.99 52.10 -11.54
CA LYS E 76 6.21 53.07 -12.31
C LYS E 76 5.34 52.41 -13.38
N ASN E 77 5.39 51.08 -13.52
CA ASN E 77 4.60 50.35 -14.50
C ASN E 77 4.88 50.87 -15.91
N SER E 78 6.12 50.70 -16.35
CA SER E 78 6.50 51.26 -17.64
C SER E 78 7.56 50.41 -18.33
N LEU E 79 7.53 50.45 -19.66
CA LEU E 79 8.48 49.73 -20.50
C LEU E 79 9.03 50.70 -21.55
N TYR E 80 10.35 50.83 -21.62
CA TYR E 80 11.00 51.83 -22.45
C TYR E 80 11.83 51.17 -23.55
N LEU E 81 11.82 51.78 -24.74
CA LEU E 81 12.74 51.41 -25.81
C LEU E 81 13.49 52.63 -26.29
N GLN E 82 14.78 52.45 -26.55
CA GLN E 82 15.66 53.51 -27.01
C GLN E 82 16.34 53.07 -28.30
N MET E 83 16.21 53.87 -29.34
CA MET E 83 16.86 53.64 -30.63
C MET E 83 17.97 54.66 -30.82
N ASN E 84 19.12 54.20 -31.29
CA ASN E 84 20.30 55.05 -31.40
C ASN E 84 20.68 55.37 -32.83
N SER E 85 20.88 54.35 -33.67
CA SER E 85 21.31 54.55 -35.06
C SER E 85 20.21 54.02 -35.98
N LEU E 86 19.26 54.89 -36.29
CA LEU E 86 18.11 54.51 -37.09
C LEU E 86 18.43 54.56 -38.58
N ARG E 87 17.74 53.72 -39.34
CA ARG E 87 17.87 53.69 -40.80
C ARG E 87 16.47 53.62 -41.41
N ALA E 88 16.44 53.60 -42.75
CA ALA E 88 15.18 53.64 -43.48
C ALA E 88 14.42 52.33 -43.39
N GLU E 89 15.02 51.26 -42.87
CA GLU E 89 14.36 49.98 -42.77
C GLU E 89 13.54 49.83 -41.49
N ASP E 90 13.49 50.85 -40.65
CA ASP E 90 12.82 50.78 -39.36
C ASP E 90 11.55 51.61 -39.30
N THR E 91 11.08 52.14 -40.42
CA THR E 91 9.85 52.92 -40.44
C THR E 91 8.67 51.96 -40.34
N ALA E 92 8.02 51.93 -39.19
CA ALA E 92 7.00 50.92 -38.95
C ALA E 92 6.09 51.37 -37.81
N LEU E 93 5.07 50.56 -37.55
CA LEU E 93 4.18 50.75 -36.42
C LEU E 93 4.59 49.78 -35.31
N TYR E 94 4.81 50.30 -34.12
CA TYR E 94 5.35 49.53 -33.01
C TYR E 94 4.25 49.20 -32.01
N TYR E 95 4.21 47.94 -31.58
CA TYR E 95 3.27 47.43 -30.60
C TYR E 95 4.02 47.00 -29.36
N CYS E 96 3.53 47.42 -28.20
CA CYS E 96 4.04 46.99 -26.90
C CYS E 96 3.19 45.84 -26.42
N VAL E 97 3.73 44.63 -26.42
CA VAL E 97 2.95 43.43 -26.19
C VAL E 97 3.32 42.81 -24.85
N LYS E 98 2.37 42.05 -24.30
CA LYS E 98 2.50 41.45 -22.98
C LYS E 98 2.43 39.93 -23.09
N GLY E 99 3.23 39.25 -22.27
CA GLY E 99 3.26 37.80 -22.28
C GLY E 99 2.13 37.18 -21.48
N GLN E 100 2.04 35.85 -21.58
CA GLN E 100 0.90 35.11 -21.04
C GLN E 100 1.23 34.37 -19.75
N VAL E 101 2.45 33.84 -19.61
CA VAL E 101 2.80 33.07 -18.42
C VAL E 101 2.84 33.99 -17.20
N TRP E 102 2.31 33.50 -16.07
CA TRP E 102 2.13 34.34 -14.90
C TRP E 102 3.46 34.82 -14.34
N SER E 103 4.45 33.92 -14.25
CA SER E 103 5.78 34.30 -13.79
C SER E 103 6.78 33.43 -14.53
N GLY E 104 7.34 33.96 -15.62
CA GLY E 104 8.30 33.24 -16.44
C GLY E 104 9.70 33.75 -16.18
N TYR E 105 10.60 32.82 -15.89
CA TYR E 105 12.02 33.17 -15.77
C TYR E 105 12.65 33.40 -17.14
N TYR E 106 12.16 32.73 -18.16
CA TYR E 106 12.69 32.82 -19.51
C TYR E 106 11.66 33.44 -20.45
N LEU E 107 12.14 33.90 -21.59
CA LEU E 107 11.29 34.57 -22.56
C LEU E 107 10.59 33.60 -23.52
N THR E 108 10.93 32.32 -23.46
CA THR E 108 10.35 31.34 -24.35
C THR E 108 9.15 30.65 -23.70
N HIS E 109 8.54 29.71 -24.43
CA HIS E 109 7.44 28.90 -23.94
C HIS E 109 6.25 29.75 -23.49
N ASP E 110 5.88 30.72 -24.32
CA ASP E 110 4.74 31.58 -24.01
C ASP E 110 4.21 32.21 -25.30
N ALA E 111 3.10 32.94 -25.16
CA ALA E 111 2.44 33.62 -26.26
C ALA E 111 2.27 35.09 -25.90
N PHE E 112 1.64 35.83 -26.80
CA PHE E 112 1.38 37.26 -26.62
C PHE E 112 -0.13 37.45 -26.45
N ASP E 113 -0.56 37.65 -25.21
CA ASP E 113 -1.99 37.70 -24.92
C ASP E 113 -2.56 39.10 -24.82
N LEU E 114 -1.71 40.13 -24.92
CA LEU E 114 -2.19 41.51 -24.94
C LEU E 114 -1.32 42.33 -25.87
N TRP E 115 -1.98 43.14 -26.70
CA TRP E 115 -1.30 43.99 -27.66
C TRP E 115 -1.79 45.42 -27.51
N GLY E 116 -0.89 46.36 -27.67
CA GLY E 116 -1.26 47.75 -27.67
C GLY E 116 -1.51 48.27 -29.08
N GLN E 117 -2.09 49.46 -29.15
CA GLN E 117 -2.26 50.13 -30.43
C GLN E 117 -0.95 50.83 -30.77
N GLY E 118 -0.37 50.47 -31.91
CA GLY E 118 1.00 50.86 -32.18
C GLY E 118 1.18 52.35 -32.36
N THR E 119 2.43 52.77 -32.23
CA THR E 119 2.85 54.13 -32.53
C THR E 119 3.76 54.11 -33.76
N THR E 120 3.66 55.16 -34.57
CA THR E 120 4.33 55.20 -35.87
C THR E 120 5.71 55.82 -35.75
N VAL E 121 6.69 55.19 -36.38
CA VAL E 121 8.05 55.71 -36.44
C VAL E 121 8.46 55.78 -37.90
N THR E 122 8.86 56.98 -38.35
CA THR E 122 9.24 57.21 -39.73
C THR E 122 10.65 57.77 -39.77
N VAL E 123 11.51 57.15 -40.59
CA VAL E 123 12.91 57.56 -40.75
C VAL E 123 13.08 57.98 -42.20
N SER E 124 13.11 59.28 -42.45
CA SER E 124 13.22 59.80 -43.81
C SER E 124 13.78 61.21 -43.75
N GLY E 125 14.22 61.69 -44.92
CA GLY E 125 14.75 63.04 -45.03
C GLY E 125 13.73 64.11 -44.68
N GLU F 1 -9.15 19.05 48.71
CA GLU F 1 -8.44 18.63 47.50
C GLU F 1 -7.73 17.30 47.74
N VAL F 2 -6.46 17.24 47.36
CA VAL F 2 -5.66 16.02 47.49
C VAL F 2 -4.76 16.18 48.70
N GLN F 3 -4.86 15.25 49.65
CA GLN F 3 -4.00 15.33 50.82
C GLN F 3 -3.78 13.95 51.43
N LEU F 4 -2.65 13.84 52.13
CA LEU F 4 -2.28 12.64 52.88
C LEU F 4 -1.97 13.07 54.30
N VAL F 5 -2.71 12.52 55.27
CA VAL F 5 -2.59 12.91 56.67
C VAL F 5 -2.00 11.74 57.45
N GLU F 6 -0.96 12.01 58.22
CA GLU F 6 -0.24 10.98 58.96
C GLU F 6 -0.51 11.10 60.45
N SER F 7 -0.74 9.96 61.09
CA SER F 7 -1.03 9.89 62.51
C SER F 7 -0.14 8.83 63.16
N GLY F 8 0.12 9.02 64.44
CA GLY F 8 1.04 8.20 65.18
C GLY F 8 2.28 8.97 65.61
N GLY F 9 3.35 8.23 65.86
CA GLY F 9 4.61 8.84 66.22
C GLY F 9 4.63 9.28 67.66
N GLY F 10 5.75 9.89 68.04
CA GLY F 10 5.98 10.31 69.40
C GLY F 10 7.28 9.74 69.90
N LEU F 11 7.37 9.60 71.23
CA LEU F 11 8.59 9.14 71.88
C LEU F 11 8.45 7.69 72.30
N VAL F 12 9.40 6.86 71.89
CA VAL F 12 9.39 5.44 72.23
C VAL F 12 10.78 5.02 72.66
N GLN F 13 10.82 4.14 73.65
CA GLN F 13 12.11 3.64 74.12
C GLN F 13 12.69 2.65 73.12
N PRO F 14 14.02 2.49 73.11
CA PRO F 14 14.64 1.53 72.19
C PRO F 14 14.13 0.12 72.44
N GLY F 15 13.97 -0.64 71.35
CA GLY F 15 13.47 -1.99 71.41
C GLY F 15 11.96 -2.12 71.42
N ARG F 16 11.22 -1.03 71.47
CA ARG F 16 9.77 -1.04 71.47
C ARG F 16 9.24 -0.80 70.06
N SER F 17 7.93 -0.96 69.92
CA SER F 17 7.26 -0.97 68.62
C SER F 17 6.13 0.04 68.59
N LEU F 18 5.85 0.55 67.39
CA LEU F 18 4.69 1.42 67.21
C LEU F 18 4.28 1.43 65.74
N ARG F 19 3.08 1.95 65.50
CA ARG F 19 2.41 1.89 64.21
C ARG F 19 2.04 3.29 63.75
N LEU F 20 2.37 3.60 62.51
CA LEU F 20 2.04 4.86 61.87
C LEU F 20 0.97 4.62 60.81
N SER F 21 0.05 5.58 60.67
CA SER F 21 -1.03 5.47 59.70
C SER F 21 -1.02 6.68 58.78
N CYS F 22 -1.38 6.45 57.52
CA CYS F 22 -1.48 7.51 56.53
C CYS F 22 -2.82 7.37 55.82
N ALA F 23 -3.65 8.40 55.89
CA ALA F 23 -4.97 8.43 55.30
C ALA F 23 -4.96 9.34 54.09
N ALA F 24 -5.45 8.84 52.96
CA ALA F 24 -5.47 9.55 51.70
C ALA F 24 -6.86 10.03 51.37
N SER F 25 -6.99 11.30 50.98
CA SER F 25 -8.28 11.86 50.62
C SER F 25 -8.11 12.76 49.41
N GLY F 26 -8.85 12.49 48.34
CA GLY F 26 -8.86 13.33 47.15
C GLY F 26 -8.46 12.65 45.87
N PHE F 27 -8.16 11.36 45.85
CA PHE F 27 -7.74 10.69 44.63
C PHE F 27 -8.06 9.21 44.72
N THR F 28 -8.06 8.55 43.57
CA THR F 28 -8.30 7.11 43.51
C THR F 28 -7.11 6.37 44.10
N PHE F 29 -7.31 5.79 45.28
CA PHE F 29 -6.22 5.22 46.05
C PHE F 29 -5.75 3.88 45.49
N HIS F 30 -6.62 3.15 44.80
CA HIS F 30 -6.28 1.82 44.32
C HIS F 30 -5.61 1.85 42.95
N ASN F 31 -5.02 2.97 42.58
CA ASN F 31 -4.30 3.10 41.33
C ASN F 31 -2.82 3.42 41.49
N TYR F 32 -2.45 4.13 42.53
CA TYR F 32 -1.10 4.66 42.69
C TYR F 32 -0.32 3.88 43.76
N ALA F 33 0.98 3.74 43.53
CA ALA F 33 1.86 3.13 44.51
C ALA F 33 2.15 4.11 45.63
N MET F 34 2.40 3.58 46.82
CA MET F 34 2.62 4.41 48.00
C MET F 34 3.92 4.03 48.69
N HIS F 35 4.67 5.05 49.11
CA HIS F 35 5.96 4.87 49.74
C HIS F 35 5.99 5.55 51.10
N TRP F 36 6.95 5.14 51.92
CA TRP F 36 7.30 5.79 53.17
C TRP F 36 8.74 6.25 53.07
N VAL F 37 8.97 7.54 53.34
CA VAL F 37 10.31 8.13 53.33
C VAL F 37 10.52 8.84 54.66
N ARG F 38 11.77 9.10 54.99
CA ARG F 38 12.08 9.76 56.26
C ARG F 38 13.22 10.75 56.09
N GLN F 39 13.23 11.75 56.97
CA GLN F 39 14.25 12.78 56.98
C GLN F 39 14.74 12.99 58.40
N ALA F 40 16.04 12.83 58.61
CA ALA F 40 16.64 13.10 59.90
C ALA F 40 16.70 14.62 60.12
N PRO F 41 16.86 15.06 61.38
CA PRO F 41 16.84 16.50 61.63
C PRO F 41 18.02 17.22 61.00
N GLY F 42 17.75 17.96 59.92
CA GLY F 42 18.78 18.70 59.22
C GLY F 42 19.87 17.85 58.60
N LYS F 43 19.55 16.65 58.11
CA LYS F 43 20.54 15.78 57.51
C LYS F 43 20.27 15.50 56.04
N GLY F 44 19.10 14.98 55.70
CA GLY F 44 18.81 14.64 54.31
C GLY F 44 17.64 13.69 54.23
N LEU F 45 17.35 13.28 53.00
CA LEU F 45 16.19 12.44 52.71
C LEU F 45 16.64 11.01 52.42
N ASP F 46 16.02 10.06 53.11
CA ASP F 46 16.40 8.65 53.01
C ASP F 46 15.16 7.80 52.74
N TRP F 47 15.23 6.97 51.71
CA TRP F 47 14.12 6.11 51.35
C TRP F 47 13.97 4.98 52.38
N VAL F 48 12.72 4.64 52.71
CA VAL F 48 12.42 3.66 53.74
C VAL F 48 11.74 2.42 53.15
N THR F 49 10.55 2.58 52.58
CA THR F 49 9.86 1.40 52.08
C THR F 49 8.86 1.81 50.99
N GLY F 50 8.41 0.81 50.24
CA GLY F 50 7.46 1.06 49.16
C GLY F 50 6.58 -0.13 48.82
N ILE F 51 5.31 0.14 48.50
CA ILE F 51 4.35 -0.89 48.12
C ILE F 51 3.51 -0.38 46.95
N THR F 52 2.99 -1.32 46.17
CA THR F 52 2.18 -1.00 45.00
C THR F 52 0.71 -1.31 45.28
N TRP F 53 -0.15 -0.85 44.38
CA TRP F 53 -1.51 -1.33 44.37
C TRP F 53 -1.49 -2.84 44.14
N ASN F 54 -2.48 -3.53 44.69
CA ASN F 54 -2.67 -4.98 44.73
C ASN F 54 -1.62 -5.68 45.60
N SER F 55 -0.64 -4.95 46.13
CA SER F 55 0.27 -5.45 47.16
C SER F 55 0.97 -6.75 46.74
N VAL F 56 1.52 -6.75 45.54
CA VAL F 56 2.28 -7.89 45.04
C VAL F 56 3.79 -7.65 45.16
N ASN F 57 4.26 -6.46 44.79
CA ASN F 57 5.66 -6.10 44.91
C ASN F 57 5.84 -5.15 46.09
N VAL F 58 6.57 -5.61 47.10
CA VAL F 58 6.85 -4.81 48.30
C VAL F 58 8.36 -4.77 48.48
N ASP F 59 8.90 -3.57 48.71
CA ASP F 59 10.34 -3.41 48.83
C ASP F 59 10.69 -2.60 50.07
N TYR F 60 11.79 -2.99 50.72
CA TYR F 60 12.30 -2.29 51.89
C TYR F 60 13.77 -1.97 51.70
N ALA F 61 14.23 -0.96 52.42
CA ALA F 61 15.64 -0.59 52.41
C ALA F 61 16.44 -1.57 53.25
N ASP F 62 17.75 -1.60 53.02
CA ASP F 62 18.61 -2.55 53.70
C ASP F 62 18.64 -2.31 55.21
N SER F 63 18.69 -1.04 55.62
CA SER F 63 18.79 -0.71 57.03
C SER F 63 17.50 -0.95 57.80
N VAL F 64 16.39 -1.20 57.12
CA VAL F 64 15.10 -1.39 57.79
C VAL F 64 14.50 -2.74 57.41
N LYS F 65 15.36 -3.71 57.11
CA LYS F 65 14.90 -5.02 56.68
C LYS F 65 14.69 -5.93 57.88
N GLY F 66 13.54 -6.59 57.93
CA GLY F 66 13.23 -7.55 58.95
C GLY F 66 12.53 -6.99 60.17
N ARG F 67 12.56 -5.68 60.37
CA ARG F 67 11.91 -5.05 61.51
C ARG F 67 10.74 -4.15 61.13
N PHE F 68 10.56 -3.88 59.85
CA PHE F 68 9.52 -2.96 59.38
C PHE F 68 8.53 -3.71 58.51
N THR F 69 7.27 -3.29 58.57
CA THR F 69 6.23 -3.91 57.75
C THR F 69 5.27 -2.85 57.23
N ILE F 70 5.02 -2.84 55.92
CA ILE F 70 4.13 -1.89 55.29
C ILE F 70 2.93 -2.63 54.72
N SER F 71 1.75 -2.03 54.87
CA SER F 71 0.52 -2.66 54.42
C SER F 71 -0.45 -1.60 53.88
N ARG F 72 -1.44 -2.07 53.13
CA ARG F 72 -2.43 -1.24 52.48
C ARG F 72 -3.84 -1.67 52.87
N ASP F 73 -4.78 -0.74 52.72
CA ASP F 73 -6.20 -1.06 52.76
C ASP F 73 -6.89 -0.14 51.76
N ASN F 74 -7.18 -0.68 50.58
CA ASN F 74 -7.79 0.11 49.52
C ASN F 74 -9.25 0.42 49.80
N ALA F 75 -9.95 -0.48 50.49
CA ALA F 75 -11.34 -0.20 50.86
C ALA F 75 -11.42 0.98 51.83
N LYS F 76 -10.52 1.03 52.80
CA LYS F 76 -10.52 2.10 53.80
C LYS F 76 -9.59 3.25 53.45
N ASN F 77 -8.88 3.16 52.33
CA ASN F 77 -7.97 4.22 51.88
C ASN F 77 -6.91 4.53 52.93
N SER F 78 -6.08 3.54 53.24
CA SER F 78 -5.09 3.74 54.28
C SER F 78 -3.80 2.99 53.95
N LEU F 79 -2.68 3.56 54.41
CA LEU F 79 -1.37 2.95 54.31
C LEU F 79 -0.76 2.88 55.70
N TYR F 80 -0.35 1.69 56.11
CA TYR F 80 0.09 1.43 57.48
C TYR F 80 1.56 1.03 57.51
N LEU F 81 2.29 1.55 58.50
CA LEU F 81 3.65 1.13 58.77
C LEU F 81 3.75 0.63 60.21
N GLN F 82 4.43 -0.49 60.41
CA GLN F 82 4.64 -1.07 61.73
C GLN F 82 6.13 -1.25 61.93
N MET F 83 6.66 -0.65 63.00
CA MET F 83 8.07 -0.75 63.34
C MET F 83 8.22 -1.43 64.68
N ASN F 84 8.97 -2.55 64.71
CA ASN F 84 9.04 -3.43 65.87
C ASN F 84 10.30 -3.17 66.71
N SER F 85 11.48 -3.30 66.11
CA SER F 85 12.74 -3.07 66.81
C SER F 85 13.30 -1.73 66.33
N LEU F 86 13.56 -0.84 67.27
CA LEU F 86 13.95 0.52 66.97
C LEU F 86 15.29 0.85 67.60
N ARG F 87 16.06 1.69 66.93
CA ARG F 87 17.33 2.19 67.42
C ARG F 87 17.30 3.71 67.45
N ALA F 88 18.40 4.30 67.90
CA ALA F 88 18.51 5.75 67.95
C ALA F 88 18.73 6.36 66.56
N GLU F 89 18.96 5.55 65.55
CA GLU F 89 19.19 6.05 64.20
C GLU F 89 17.90 6.33 63.44
N ASP F 90 16.74 6.09 64.05
CA ASP F 90 15.46 6.25 63.38
C ASP F 90 14.69 7.48 63.84
N THR F 91 15.29 8.33 64.65
CA THR F 91 14.64 9.54 65.12
C THR F 91 14.53 10.50 63.94
N ALA F 92 13.34 10.60 63.35
CA ALA F 92 13.21 11.34 62.10
C ALA F 92 11.77 11.77 61.89
N LEU F 93 11.57 12.61 60.88
CA LEU F 93 10.25 13.00 60.42
C LEU F 93 9.88 12.11 59.24
N TYR F 94 8.73 11.45 59.33
CA TYR F 94 8.32 10.47 58.34
C TYR F 94 7.26 11.07 57.42
N TYR F 95 7.45 10.89 56.12
CA TYR F 95 6.57 11.35 55.07
C TYR F 95 5.91 10.17 54.37
N CYS F 96 4.61 10.28 54.16
CA CYS F 96 3.83 9.32 53.38
C CYS F 96 3.71 9.88 51.96
N VAL F 97 4.17 9.12 50.97
CA VAL F 97 4.41 9.63 49.63
C VAL F 97 3.58 8.87 48.62
N LYS F 98 3.01 9.58 47.65
CA LYS F 98 2.22 9.01 46.57
C LYS F 98 3.04 8.92 45.29
N GLY F 99 2.77 7.88 44.51
CA GLY F 99 3.44 7.70 43.24
C GLY F 99 2.76 8.43 42.09
N GLN F 100 3.40 8.38 40.92
CA GLN F 100 2.96 9.14 39.77
C GLN F 100 2.33 8.31 38.67
N VAL F 101 2.85 7.12 38.39
CA VAL F 101 2.29 6.28 37.34
C VAL F 101 0.87 5.87 37.72
N TRP F 102 -0.03 5.91 36.72
CA TRP F 102 -1.45 5.73 37.00
C TRP F 102 -1.76 4.32 37.50
N SER F 103 -1.09 3.30 36.96
CA SER F 103 -1.27 1.93 37.44
C SER F 103 0.01 1.18 37.11
N GLY F 104 0.85 0.99 38.11
CA GLY F 104 2.13 0.34 37.89
C GLY F 104 2.24 -1.00 38.57
N TYR F 105 2.49 -2.05 37.80
CA TYR F 105 2.74 -3.36 38.40
C TYR F 105 4.02 -3.35 39.22
N TYR F 106 5.06 -2.72 38.71
CA TYR F 106 6.36 -2.67 39.37
C TYR F 106 6.55 -1.32 40.05
N LEU F 107 7.44 -1.30 41.03
CA LEU F 107 7.62 -0.13 41.87
C LEU F 107 8.56 0.90 41.27
N THR F 108 9.30 0.54 40.23
CA THR F 108 10.32 1.40 39.66
C THR F 108 9.74 2.22 38.51
N HIS F 109 10.61 2.97 37.83
CA HIS F 109 10.24 3.80 36.68
C HIS F 109 9.14 4.80 37.05
N ASP F 110 9.23 5.37 38.25
CA ASP F 110 8.17 6.21 38.79
C ASP F 110 8.79 7.49 39.37
N ALA F 111 7.93 8.31 39.96
CA ALA F 111 8.34 9.53 40.62
C ALA F 111 7.35 9.84 41.72
N PHE F 112 7.80 10.64 42.68
CA PHE F 112 6.98 11.02 43.83
C PHE F 112 6.29 12.34 43.51
N ASP F 113 4.97 12.30 43.34
CA ASP F 113 4.22 13.49 42.93
C ASP F 113 3.50 14.18 44.07
N LEU F 114 3.17 13.46 45.15
CA LEU F 114 2.50 14.07 46.29
C LEU F 114 3.18 13.61 47.57
N TRP F 115 3.36 14.56 48.49
CA TRP F 115 3.98 14.30 49.78
C TRP F 115 3.06 14.80 50.87
N GLY F 116 3.19 14.23 52.06
CA GLY F 116 2.41 14.63 53.21
C GLY F 116 3.32 15.22 54.26
N GLN F 117 2.78 16.12 55.08
CA GLN F 117 3.52 16.67 56.21
C GLN F 117 3.69 15.57 57.25
N GLY F 118 4.91 15.09 57.41
CA GLY F 118 5.15 13.88 58.15
C GLY F 118 4.98 14.03 59.65
N THR F 119 5.21 12.93 60.34
CA THR F 119 5.09 12.86 61.79
C THR F 119 6.45 12.55 62.40
N THR F 120 6.67 13.02 63.63
CA THR F 120 7.96 12.91 64.27
C THR F 120 8.04 11.63 65.11
N VAL F 121 9.10 10.86 64.91
CA VAL F 121 9.36 9.67 65.69
C VAL F 121 10.71 9.85 66.39
N THR F 122 10.70 9.75 67.72
CA THR F 122 11.90 9.91 68.53
C THR F 122 12.13 8.63 69.32
N VAL F 123 13.36 8.13 69.29
CA VAL F 123 13.76 6.91 69.99
C VAL F 123 14.86 7.31 70.96
N SER F 124 14.51 7.47 72.23
CA SER F 124 15.47 7.91 73.23
C SER F 124 15.02 7.45 74.61
N GLY F 125 15.95 7.47 75.55
CA GLY F 125 15.67 7.09 76.92
C GLY F 125 14.65 7.97 77.61
N ASP G 1 -33.31 -38.22 -11.32
CA ASP G 1 -31.87 -38.49 -11.33
C ASP G 1 -31.35 -38.68 -9.92
N ILE G 2 -31.35 -37.61 -9.13
CA ILE G 2 -30.87 -37.66 -7.76
C ILE G 2 -32.02 -38.05 -6.85
N VAL G 3 -31.83 -39.12 -6.07
CA VAL G 3 -32.86 -39.65 -5.19
C VAL G 3 -32.66 -39.06 -3.81
N MET G 4 -33.74 -38.55 -3.22
CA MET G 4 -33.72 -37.96 -1.89
C MET G 4 -34.41 -38.89 -0.91
N THR G 5 -33.78 -39.13 0.24
CA THR G 5 -34.32 -40.02 1.25
C THR G 5 -34.52 -39.25 2.55
N GLN G 6 -35.70 -39.42 3.15
CA GLN G 6 -36.03 -38.81 4.43
C GLN G 6 -36.10 -39.88 5.50
N SER G 7 -35.48 -39.61 6.66
CA SER G 7 -35.25 -40.69 7.62
C SER G 7 -36.54 -41.13 8.32
N PRO G 8 -37.26 -40.28 9.06
CA PRO G 8 -38.48 -40.75 9.72
C PRO G 8 -39.69 -40.59 8.82
N PRO G 9 -40.40 -41.68 8.52
CA PRO G 9 -41.62 -41.55 7.71
C PRO G 9 -42.80 -40.98 8.48
N SER G 10 -42.77 -41.02 9.81
CA SER G 10 -43.87 -40.54 10.63
C SER G 10 -43.34 -40.28 12.02
N LEU G 11 -43.76 -39.17 12.62
CA LEU G 11 -43.23 -38.74 13.91
C LEU G 11 -44.36 -38.24 14.78
N SER G 12 -44.27 -38.54 16.08
CA SER G 12 -45.23 -38.06 17.07
C SER G 12 -44.46 -37.40 18.20
N ALA G 13 -44.89 -36.21 18.60
CA ALA G 13 -44.21 -35.47 19.65
C ALA G 13 -45.23 -34.69 20.47
N THR G 14 -44.81 -34.34 21.68
CA THR G 14 -45.65 -33.56 22.59
C THR G 14 -45.41 -32.08 22.36
N VAL G 15 -46.42 -31.28 22.74
CA VAL G 15 -46.31 -29.84 22.58
C VAL G 15 -45.17 -29.32 23.44
N GLY G 16 -44.21 -28.65 22.80
CA GLY G 16 -43.03 -28.15 23.48
C GLY G 16 -41.78 -28.98 23.30
N ASP G 17 -41.89 -30.15 22.68
CA ASP G 17 -40.75 -31.04 22.51
C ASP G 17 -39.91 -30.62 21.29
N ARG G 18 -38.74 -31.24 21.17
CA ARG G 18 -37.81 -30.98 20.08
C ARG G 18 -37.94 -32.05 19.01
N VAL G 19 -38.06 -31.64 17.76
CA VAL G 19 -38.28 -32.53 16.63
C VAL G 19 -37.18 -32.32 15.61
N THR G 20 -36.65 -33.43 15.06
CA THR G 20 -35.59 -33.39 14.08
C THR G 20 -35.98 -34.24 12.88
N ILE G 21 -35.79 -33.70 11.67
CA ILE G 21 -36.03 -34.42 10.43
C ILE G 21 -34.74 -34.40 9.62
N THR G 22 -34.37 -35.55 9.05
CA THR G 22 -33.11 -35.71 8.35
C THR G 22 -33.36 -36.06 6.89
N CYS G 23 -32.51 -35.53 6.01
CA CYS G 23 -32.58 -35.78 4.57
C CYS G 23 -31.19 -36.12 4.05
N ARG G 24 -31.13 -37.07 3.13
CA ARG G 24 -29.89 -37.51 2.50
C ARG G 24 -30.07 -37.56 1.00
N ALA G 25 -28.95 -37.34 0.29
CA ALA G 25 -28.93 -37.29 -1.16
C ALA G 25 -28.00 -38.35 -1.70
N SER G 26 -28.31 -38.83 -2.91
CA SER G 26 -27.47 -39.83 -3.55
C SER G 26 -26.14 -39.22 -3.99
N GLN G 27 -26.18 -38.07 -4.65
CA GLN G 27 -25.00 -37.39 -5.12
C GLN G 27 -24.70 -36.20 -4.21
N SER G 28 -23.74 -35.37 -4.63
CA SER G 28 -23.33 -34.19 -3.87
C SER G 28 -24.04 -32.97 -4.42
N ILE G 29 -24.85 -32.33 -3.58
CA ILE G 29 -25.49 -31.07 -3.90
C ILE G 29 -24.86 -30.00 -3.02
N SER G 30 -24.41 -28.90 -3.64
CA SER G 30 -23.61 -27.90 -2.95
C SER G 30 -24.49 -27.06 -2.03
N ASN G 31 -25.02 -27.74 -0.99
CA ASN G 31 -25.88 -27.14 0.01
C ASN G 31 -27.09 -26.44 -0.61
N TYR G 32 -27.55 -26.93 -1.76
CA TYR G 32 -28.75 -26.41 -2.40
C TYR G 32 -29.93 -27.31 -2.07
N LEU G 33 -30.35 -27.24 -0.80
CA LEU G 33 -31.47 -28.02 -0.29
C LEU G 33 -32.49 -27.08 0.30
N ASN G 34 -33.76 -27.29 -0.05
CA ASN G 34 -34.87 -26.46 0.42
C ASN G 34 -35.88 -27.31 1.14
N TRP G 35 -36.44 -26.79 2.22
CA TRP G 35 -37.42 -27.49 3.03
C TRP G 35 -38.81 -26.88 2.81
N TYR G 36 -39.79 -27.73 2.62
CA TYR G 36 -41.16 -27.31 2.33
C TYR G 36 -42.11 -27.94 3.33
N GLN G 37 -43.11 -27.16 3.77
CA GLN G 37 -44.12 -27.61 4.70
C GLN G 37 -45.49 -27.51 4.02
N GLN G 38 -46.26 -28.58 4.08
CA GLN G 38 -47.59 -28.62 3.47
C GLN G 38 -48.60 -29.12 4.49
N LYS G 39 -49.56 -28.27 4.82
CA LYS G 39 -50.73 -28.65 5.60
C LYS G 39 -51.71 -29.39 4.70
N PRO G 40 -52.62 -30.18 5.28
CA PRO G 40 -53.60 -30.88 4.45
C PRO G 40 -54.57 -29.90 3.81
N GLY G 41 -54.74 -30.03 2.49
CA GLY G 41 -55.68 -29.20 1.77
C GLY G 41 -55.16 -27.85 1.33
N LYS G 42 -53.87 -27.58 1.49
CA LYS G 42 -53.28 -26.29 1.11
C LYS G 42 -52.04 -26.51 0.28
N ALA G 43 -51.52 -25.42 -0.27
CA ALA G 43 -50.33 -25.44 -1.10
C ALA G 43 -49.07 -25.42 -0.24
N PRO G 44 -47.99 -26.04 -0.72
CA PRO G 44 -46.75 -26.05 0.06
C PRO G 44 -46.18 -24.66 0.23
N LYS G 45 -45.48 -24.47 1.35
CA LYS G 45 -44.84 -23.21 1.71
C LYS G 45 -43.37 -23.46 2.00
N LEU G 46 -42.50 -22.67 1.38
CA LEU G 46 -41.06 -22.87 1.56
C LEU G 46 -40.63 -22.36 2.92
N LEU G 47 -39.89 -23.19 3.66
CA LEU G 47 -39.42 -22.82 4.99
C LEU G 47 -38.00 -22.25 4.95
N ILE G 48 -37.04 -23.04 4.49
CA ILE G 48 -35.64 -22.62 4.45
C ILE G 48 -35.05 -23.03 3.11
N SER G 49 -34.23 -22.14 2.55
CA SER G 49 -33.52 -22.37 1.30
C SER G 49 -32.03 -22.25 1.54
N GLY G 50 -31.26 -23.11 0.87
CA GLY G 50 -29.84 -23.18 1.13
C GLY G 50 -29.46 -23.89 2.40
N ALA G 51 -30.43 -24.54 3.05
CA ALA G 51 -30.24 -25.38 4.24
C ALA G 51 -29.94 -24.56 5.50
N SER G 52 -29.77 -23.25 5.35
CA SER G 52 -29.48 -22.41 6.50
C SER G 52 -30.08 -21.02 6.45
N SER G 53 -30.86 -20.69 5.42
CA SER G 53 -31.39 -19.34 5.25
C SER G 53 -32.89 -19.36 5.48
N LEU G 54 -33.31 -18.87 6.64
CA LEU G 54 -34.73 -18.80 6.96
C LEU G 54 -35.41 -17.76 6.10
N GLN G 55 -36.59 -18.10 5.58
CA GLN G 55 -37.38 -17.14 4.84
C GLN G 55 -38.16 -16.23 5.80
N LEU G 56 -38.52 -15.07 5.29
CA LEU G 56 -39.26 -14.11 6.11
C LEU G 56 -40.65 -14.65 6.42
N GLY G 57 -41.10 -14.42 7.66
CA GLY G 57 -42.39 -14.88 8.11
C GLY G 57 -42.40 -16.23 8.79
N VAL G 58 -41.32 -17.00 8.65
CA VAL G 58 -41.25 -18.31 9.30
C VAL G 58 -40.78 -18.12 10.74
N PRO G 59 -41.44 -18.75 11.72
CA PRO G 59 -41.03 -18.58 13.11
C PRO G 59 -39.62 -19.09 13.36
N SER G 60 -38.98 -18.50 14.36
CA SER G 60 -37.56 -18.75 14.61
C SER G 60 -37.28 -20.13 15.18
N ARG G 61 -38.30 -20.89 15.58
CA ARG G 61 -38.06 -22.22 16.11
C ARG G 61 -37.62 -23.19 15.02
N PHE G 62 -37.81 -22.85 13.76
CA PHE G 62 -37.32 -23.66 12.66
C PHE G 62 -35.86 -23.34 12.39
N SER G 63 -35.02 -24.35 12.34
CA SER G 63 -33.61 -24.16 12.02
C SER G 63 -33.17 -25.25 11.04
N GLY G 64 -32.16 -24.92 10.24
CA GLY G 64 -31.61 -25.87 9.30
C GLY G 64 -30.11 -25.95 9.44
N SER G 65 -29.59 -27.16 9.24
CA SER G 65 -28.16 -27.38 9.44
C SER G 65 -27.68 -28.50 8.52
N GLU G 66 -26.37 -28.52 8.31
CA GLU G 66 -25.69 -29.56 7.54
C GLU G 66 -24.78 -30.33 8.50
N SER G 67 -25.23 -31.50 8.93
CA SER G 67 -24.49 -32.31 9.88
C SER G 67 -23.54 -33.25 9.12
N GLY G 68 -22.54 -32.64 8.50
CA GLY G 68 -21.54 -33.38 7.75
C GLY G 68 -22.00 -33.74 6.35
N THR G 69 -22.85 -34.76 6.23
CA THR G 69 -23.41 -35.15 4.96
C THR G 69 -24.92 -35.23 4.95
N ASP G 70 -25.57 -35.12 6.10
CA ASP G 70 -27.02 -35.11 6.21
C ASP G 70 -27.52 -33.68 6.38
N PHE G 71 -28.76 -33.44 5.99
CA PHE G 71 -29.39 -32.14 6.16
C PHE G 71 -30.49 -32.27 7.20
N THR G 72 -30.44 -31.43 8.23
CA THR G 72 -31.34 -31.54 9.36
C THR G 72 -32.21 -30.30 9.46
N LEU G 73 -33.52 -30.51 9.65
CA LEU G 73 -34.45 -29.46 10.00
C LEU G 73 -34.95 -29.71 11.42
N THR G 74 -34.84 -28.70 12.26
CA THR G 74 -35.12 -28.81 13.69
C THR G 74 -36.21 -27.85 14.10
N ILE G 75 -37.21 -28.36 14.82
CA ILE G 75 -38.24 -27.57 15.46
C ILE G 75 -38.00 -27.64 16.97
N SER G 76 -37.72 -26.49 17.57
CA SER G 76 -37.33 -26.46 18.97
C SER G 76 -38.53 -26.62 19.90
N SER G 77 -39.50 -25.73 19.80
CA SER G 77 -40.71 -25.78 20.61
C SER G 77 -41.88 -26.08 19.68
N LEU G 78 -42.23 -27.36 19.56
CA LEU G 78 -43.32 -27.77 18.69
C LEU G 78 -44.64 -27.21 19.20
N GLN G 79 -45.51 -26.84 18.28
CA GLN G 79 -46.80 -26.25 18.56
C GLN G 79 -47.86 -26.98 17.75
N PRO G 80 -49.14 -26.87 18.14
CA PRO G 80 -50.19 -27.53 17.37
C PRO G 80 -50.26 -27.09 15.92
N GLU G 81 -49.81 -25.87 15.61
CA GLU G 81 -49.83 -25.38 14.25
C GLU G 81 -48.76 -26.03 13.37
N ASP G 82 -47.84 -26.80 13.96
CA ASP G 82 -46.75 -27.41 13.22
C ASP G 82 -47.03 -28.87 12.86
N CYS G 83 -48.29 -29.21 12.59
CA CYS G 83 -48.67 -30.54 12.11
C CYS G 83 -48.87 -30.47 10.61
N ALA G 84 -47.93 -31.05 9.86
CA ALA G 84 -47.97 -31.00 8.40
C ALA G 84 -47.02 -32.06 7.87
N THR G 85 -46.81 -32.05 6.55
CA THR G 85 -45.85 -32.93 5.90
C THR G 85 -44.67 -32.09 5.41
N TYR G 86 -43.46 -32.57 5.62
CA TYR G 86 -42.25 -31.83 5.33
C TYR G 86 -41.45 -32.55 4.26
N TYR G 87 -41.04 -31.81 3.24
CA TYR G 87 -40.28 -32.34 2.11
C TYR G 87 -38.94 -31.64 1.99
N CYS G 88 -37.95 -32.37 1.50
CA CYS G 88 -36.64 -31.80 1.16
C CYS G 88 -36.43 -31.91 -0.34
N GLN G 89 -35.97 -30.82 -0.95
CA GLN G 89 -35.82 -30.74 -2.39
C GLN G 89 -34.44 -30.22 -2.74
N GLN G 90 -33.93 -30.64 -3.88
CA GLN G 90 -32.64 -30.22 -4.41
C GLN G 90 -32.81 -29.14 -5.47
N GLY G 91 -31.72 -28.43 -5.74
CA GLY G 91 -31.72 -27.43 -6.78
C GLY G 91 -30.50 -27.48 -7.68
N TYR G 92 -29.55 -28.35 -7.35
CA TYR G 92 -28.29 -28.40 -8.09
C TYR G 92 -28.53 -28.73 -9.55
N ILE G 93 -29.07 -29.91 -9.84
CA ILE G 93 -29.26 -30.39 -11.20
C ILE G 93 -30.73 -30.71 -11.40
N MET G 94 -31.31 -30.15 -12.46
CA MET G 94 -32.66 -30.52 -12.85
C MET G 94 -32.65 -31.94 -13.43
N PRO G 95 -33.75 -32.69 -13.25
CA PRO G 95 -35.04 -32.30 -12.69
C PRO G 95 -35.06 -32.22 -11.17
N GLY G 96 -35.88 -31.32 -10.63
CA GLY G 96 -36.03 -31.23 -9.19
C GLY G 96 -36.71 -32.48 -8.64
N THR G 97 -36.15 -33.03 -7.56
CA THR G 97 -36.64 -34.26 -6.98
C THR G 97 -37.03 -34.02 -5.53
N PHE G 98 -38.29 -34.31 -5.20
CA PHE G 98 -38.78 -34.22 -3.83
C PHE G 98 -38.69 -35.58 -3.17
N GLY G 99 -38.25 -35.59 -1.92
CA GLY G 99 -38.31 -36.81 -1.14
C GLY G 99 -39.68 -37.04 -0.55
N GLN G 100 -39.93 -38.29 -0.15
CA GLN G 100 -41.20 -38.63 0.49
C GLN G 100 -41.31 -37.91 1.83
N GLY G 101 -42.49 -37.40 2.11
CA GLY G 101 -42.66 -36.51 3.25
C GLY G 101 -42.62 -37.22 4.58
N THR G 102 -42.46 -36.42 5.63
CA THR G 102 -42.51 -36.87 7.01
C THR G 102 -43.74 -36.27 7.67
N LYS G 103 -44.61 -37.11 8.20
CA LYS G 103 -45.86 -36.68 8.80
C LYS G 103 -45.69 -36.55 10.30
N VAL G 104 -46.11 -35.41 10.86
CA VAL G 104 -45.93 -35.10 12.26
C VAL G 104 -47.29 -34.97 12.93
N ASP G 105 -47.45 -35.63 14.07
CA ASP G 105 -48.68 -35.58 14.85
C ASP G 105 -48.37 -35.09 16.26
N ILE G 106 -49.40 -34.64 16.95
CA ILE G 106 -49.29 -34.12 18.31
C ILE G 106 -49.99 -35.08 19.26
N LYS G 107 -49.30 -35.44 20.34
CA LYS G 107 -49.86 -36.37 21.33
C LYS G 107 -50.81 -35.65 22.28
N ASP H 1 17.01 31.31 -37.06
CA ASP H 1 15.57 31.45 -36.95
C ASP H 1 14.87 30.21 -37.49
N ILE H 2 13.61 30.03 -37.11
CA ILE H 2 12.81 28.90 -37.56
C ILE H 2 11.73 29.44 -38.48
N VAL H 3 11.89 29.18 -39.79
CA VAL H 3 10.99 29.73 -40.78
C VAL H 3 9.62 29.06 -40.67
N MET H 4 8.56 29.86 -40.84
CA MET H 4 7.20 29.37 -40.80
C MET H 4 6.55 29.56 -42.16
N THR H 5 5.79 28.56 -42.61
CA THR H 5 5.16 28.59 -43.92
C THR H 5 3.67 28.36 -43.78
N GLN H 6 2.87 29.24 -44.38
CA GLN H 6 1.42 29.11 -44.41
C GLN H 6 0.97 28.80 -45.82
N SER H 7 0.04 27.83 -45.96
CA SER H 7 -0.22 27.27 -47.28
C SER H 7 -1.00 28.24 -48.18
N PRO H 8 -2.23 28.63 -47.88
CA PRO H 8 -2.97 29.48 -48.80
C PRO H 8 -2.67 30.96 -48.57
N PRO H 9 -2.06 31.64 -49.53
CA PRO H 9 -1.82 33.08 -49.35
C PRO H 9 -3.10 33.88 -49.28
N SER H 10 -4.16 33.45 -49.96
CA SER H 10 -5.45 34.12 -49.91
C SER H 10 -6.54 33.08 -50.15
N LEU H 11 -7.67 33.24 -49.46
CA LEU H 11 -8.74 32.27 -49.52
C LEU H 11 -10.08 32.99 -49.55
N SER H 12 -11.02 32.46 -50.32
CA SER H 12 -12.37 33.01 -50.42
C SER H 12 -13.36 31.89 -50.17
N ALA H 13 -14.36 32.16 -49.32
CA ALA H 13 -15.34 31.15 -48.95
C ALA H 13 -16.69 31.81 -48.75
N THR H 14 -17.74 31.00 -48.88
CA THR H 14 -19.10 31.48 -48.68
C THR H 14 -19.46 31.46 -47.20
N VAL H 15 -20.45 32.27 -46.84
CA VAL H 15 -20.89 32.35 -45.45
C VAL H 15 -21.53 31.03 -45.06
N GLY H 16 -21.01 30.42 -43.99
CA GLY H 16 -21.48 29.13 -43.53
C GLY H 16 -20.58 27.96 -43.90
N ASP H 17 -19.60 28.16 -44.76
CA ASP H 17 -18.75 27.08 -45.22
C ASP H 17 -17.64 26.80 -44.21
N ARG H 18 -16.76 25.86 -44.56
CA ARG H 18 -15.66 25.44 -43.71
C ARG H 18 -14.35 25.94 -44.29
N VAL H 19 -13.52 26.54 -43.44
CA VAL H 19 -12.26 27.15 -43.83
C VAL H 19 -11.14 26.49 -43.03
N THR H 20 -10.05 26.12 -43.71
CA THR H 20 -8.91 25.48 -43.07
C THR H 20 -7.64 26.19 -43.48
N ILE H 21 -6.78 26.49 -42.49
CA ILE H 21 -5.49 27.11 -42.71
C ILE H 21 -4.42 26.19 -42.13
N THR H 22 -3.35 25.96 -42.89
CA THR H 22 -2.30 25.02 -42.52
C THR H 22 -0.97 25.76 -42.39
N CYS H 23 -0.17 25.34 -41.42
CA CYS H 23 1.13 25.92 -41.15
C CYS H 23 2.16 24.83 -40.92
N ARG H 24 3.39 25.08 -41.38
CA ARG H 24 4.50 24.17 -41.23
C ARG H 24 5.71 24.92 -40.70
N ALA H 25 6.55 24.21 -39.96
CA ALA H 25 7.73 24.77 -39.34
C ALA H 25 8.97 24.05 -39.82
N SER H 26 10.07 24.80 -39.93
CA SER H 26 11.31 24.22 -40.41
C SER H 26 11.86 23.17 -39.44
N GLN H 27 11.86 23.49 -38.15
CA GLN H 27 12.35 22.59 -37.12
C GLN H 27 11.19 22.04 -36.31
N SER H 28 11.51 21.33 -35.23
CA SER H 28 10.51 20.75 -34.35
C SER H 28 10.26 21.68 -33.18
N ILE H 29 9.00 22.10 -33.01
CA ILE H 29 8.56 22.88 -31.87
C ILE H 29 7.51 22.07 -31.12
N SER H 30 7.67 21.96 -29.81
CA SER H 30 6.84 21.06 -29.00
C SER H 30 5.45 21.65 -28.83
N ASN H 31 4.72 21.70 -29.95
CA ASN H 31 3.35 22.19 -30.00
C ASN H 31 3.23 23.60 -29.42
N TYR H 32 4.29 24.40 -29.53
CA TYR H 32 4.25 25.78 -29.07
C TYR H 32 3.99 26.70 -30.26
N LEU H 33 2.75 26.63 -30.74
CA LEU H 33 2.30 27.43 -31.87
C LEU H 33 1.09 28.25 -31.47
N ASN H 34 1.12 29.53 -31.84
CA ASN H 34 0.06 30.46 -31.54
C ASN H 34 -0.53 31.03 -32.82
N TRP H 35 -1.84 31.25 -32.81
CA TRP H 35 -2.56 31.79 -33.96
C TRP H 35 -3.05 33.19 -33.64
N TYR H 36 -2.88 34.11 -34.58
CA TYR H 36 -3.26 35.50 -34.39
C TYR H 36 -4.16 35.95 -35.52
N GLN H 37 -5.15 36.77 -35.20
CA GLN H 37 -6.09 37.33 -36.17
C GLN H 37 -6.01 38.84 -36.13
N GLN H 38 -5.85 39.47 -37.28
CA GLN H 38 -5.74 40.92 -37.39
C GLN H 38 -6.72 41.43 -38.43
N LYS H 39 -7.72 42.18 -37.99
CA LYS H 39 -8.57 42.93 -38.88
C LYS H 39 -7.80 44.15 -39.39
N PRO H 40 -8.23 44.72 -40.52
CA PRO H 40 -7.53 45.92 -41.03
C PRO H 40 -7.67 47.09 -40.07
N GLY H 41 -6.55 47.72 -39.77
CA GLY H 41 -6.55 48.91 -38.94
C GLY H 41 -6.63 48.68 -37.45
N LYS H 42 -6.42 47.45 -36.98
CA LYS H 42 -6.52 47.13 -35.57
C LYS H 42 -5.33 46.28 -35.13
N ALA H 43 -5.17 46.16 -33.82
CA ALA H 43 -4.12 45.37 -33.22
C ALA H 43 -4.45 43.88 -33.30
N PRO H 44 -3.43 43.03 -33.40
CA PRO H 44 -3.69 41.59 -33.45
C PRO H 44 -4.31 41.07 -32.17
N LYS H 45 -5.12 40.03 -32.32
CA LYS H 45 -5.77 39.36 -31.20
C LYS H 45 -5.41 37.88 -31.24
N LEU H 46 -4.90 37.36 -30.13
CA LEU H 46 -4.51 35.96 -30.07
C LEU H 46 -5.74 35.07 -30.04
N LEU H 47 -5.76 34.05 -30.89
CA LEU H 47 -6.89 33.14 -31.00
C LEU H 47 -6.65 31.84 -30.24
N ILE H 48 -5.58 31.13 -30.57
CA ILE H 48 -5.27 29.84 -29.97
C ILE H 48 -3.81 29.84 -29.53
N SER H 49 -3.56 29.40 -28.30
CA SER H 49 -2.22 29.24 -27.76
C SER H 49 -1.98 27.77 -27.45
N GLY H 50 -0.78 27.30 -27.75
CA GLY H 50 -0.48 25.89 -27.60
C GLY H 50 -1.03 25.01 -28.70
N ALA H 51 -1.59 25.61 -29.76
CA ALA H 51 -2.09 24.93 -30.95
C ALA H 51 -3.38 24.17 -30.70
N SER H 52 -3.82 24.10 -29.45
CA SER H 52 -5.08 23.41 -29.14
C SER H 52 -5.89 24.07 -28.03
N SER H 53 -5.42 25.13 -27.41
CA SER H 53 -6.08 25.74 -26.26
C SER H 53 -6.75 27.04 -26.69
N LEU H 54 -8.07 27.06 -26.64
CA LEU H 54 -8.83 28.22 -27.06
C LEU H 54 -8.88 29.25 -25.94
N GLN H 55 -8.54 30.50 -26.27
CA GLN H 55 -8.59 31.56 -25.28
C GLN H 55 -10.02 31.98 -25.00
N LEU H 56 -10.23 32.55 -23.82
CA LEU H 56 -11.56 32.98 -23.43
C LEU H 56 -12.02 34.14 -24.31
N GLY H 57 -13.30 34.11 -24.68
CA GLY H 57 -13.88 35.11 -25.54
C GLY H 57 -13.85 34.79 -27.02
N VAL H 58 -13.01 33.86 -27.44
CA VAL H 58 -12.96 33.45 -28.85
C VAL H 58 -14.14 32.53 -29.14
N PRO H 59 -14.87 32.75 -30.23
CA PRO H 59 -16.01 31.87 -30.53
C PRO H 59 -15.57 30.44 -30.77
N SER H 60 -16.48 29.51 -30.44
CA SER H 60 -16.16 28.09 -30.46
C SER H 60 -15.97 27.54 -31.88
N ARG H 61 -16.31 28.30 -32.92
CA ARG H 61 -16.11 27.81 -34.28
C ARG H 61 -14.64 27.72 -34.64
N PHE H 62 -13.77 28.43 -33.93
CA PHE H 62 -12.33 28.33 -34.16
C PHE H 62 -11.78 27.11 -33.43
N SER H 63 -11.07 26.26 -34.17
CA SER H 63 -10.45 25.08 -33.59
C SER H 63 -9.02 24.96 -34.07
N GLY H 64 -8.18 24.41 -33.23
CA GLY H 64 -6.78 24.19 -33.58
C GLY H 64 -6.39 22.75 -33.39
N SER H 65 -5.64 22.22 -34.35
CA SER H 65 -5.28 20.81 -34.34
C SER H 65 -3.87 20.62 -34.86
N GLU H 66 -3.29 19.48 -34.50
CA GLU H 66 -1.97 19.07 -34.97
C GLU H 66 -2.11 17.74 -35.70
N SER H 67 -1.61 17.69 -36.93
CA SER H 67 -1.70 16.49 -37.75
C SER H 67 -0.48 16.40 -38.64
N GLY H 68 0.29 15.32 -38.50
CA GLY H 68 1.39 15.04 -39.39
C GLY H 68 2.43 16.14 -39.46
N THR H 69 2.84 16.63 -38.30
CA THR H 69 3.79 17.74 -38.17
C THR H 69 3.31 19.01 -38.86
N ASP H 70 1.99 19.15 -39.02
CA ASP H 70 1.39 20.35 -39.55
C ASP H 70 0.36 20.86 -38.55
N PHE H 71 0.14 22.16 -38.56
CA PHE H 71 -0.78 22.79 -37.62
C PHE H 71 -1.95 23.39 -38.38
N THR H 72 -3.16 23.10 -37.95
CA THR H 72 -4.35 23.50 -38.68
C THR H 72 -5.26 24.36 -37.81
N LEU H 73 -5.77 25.44 -38.39
CA LEU H 73 -6.79 26.28 -37.80
C LEU H 73 -8.05 26.17 -38.64
N THR H 74 -9.16 25.81 -38.01
CA THR H 74 -10.40 25.50 -38.71
C THR H 74 -11.51 26.43 -38.23
N ILE H 75 -12.26 26.98 -39.18
CA ILE H 75 -13.49 27.73 -38.91
C ILE H 75 -14.64 26.94 -39.53
N SER H 76 -15.63 26.60 -38.70
CA SER H 76 -16.70 25.72 -39.15
C SER H 76 -17.79 26.48 -39.89
N SER H 77 -18.12 27.69 -39.44
CA SER H 77 -19.15 28.53 -40.07
C SER H 77 -18.57 29.92 -40.24
N LEU H 78 -18.09 30.23 -41.44
CA LEU H 78 -17.41 31.49 -41.68
C LEU H 78 -18.38 32.66 -41.70
N GLN H 79 -18.58 33.30 -40.55
CA GLN H 79 -19.43 34.46 -40.47
C GLN H 79 -18.72 35.67 -41.08
N PRO H 80 -19.48 36.70 -41.47
CA PRO H 80 -18.84 37.88 -42.09
C PRO H 80 -17.85 38.59 -41.19
N GLU H 81 -17.92 38.38 -39.88
CA GLU H 81 -16.98 39.02 -38.96
C GLU H 81 -15.60 38.37 -38.97
N ASP H 82 -15.42 37.29 -39.73
CA ASP H 82 -14.16 36.55 -39.75
C ASP H 82 -13.34 36.82 -41.01
N CYS H 83 -13.38 38.06 -41.51
CA CYS H 83 -12.54 38.47 -42.63
C CYS H 83 -11.37 39.25 -42.06
N ALA H 84 -10.19 38.64 -42.04
CA ALA H 84 -9.00 39.24 -41.47
C ALA H 84 -7.78 38.48 -41.98
N THR H 85 -6.62 38.83 -41.46
CA THR H 85 -5.37 38.14 -41.78
C THR H 85 -4.97 37.28 -40.59
N TYR H 86 -4.60 36.03 -40.86
CA TYR H 86 -4.29 35.06 -39.83
C TYR H 86 -2.82 34.69 -39.89
N TYR H 87 -2.13 34.83 -38.77
CA TYR H 87 -0.70 34.59 -38.66
C TYR H 87 -0.42 33.46 -37.68
N CYS H 88 0.76 32.85 -37.85
CA CYS H 88 1.23 31.77 -36.99
C CYS H 88 2.55 32.19 -36.36
N GLN H 89 2.76 31.77 -35.11
CA GLN H 89 3.98 32.11 -34.40
C GLN H 89 4.43 30.92 -33.56
N GLN H 90 5.71 30.89 -33.24
CA GLN H 90 6.29 29.88 -32.37
C GLN H 90 6.71 30.50 -31.05
N GLY H 91 7.06 29.65 -30.09
CA GLY H 91 7.53 30.10 -28.80
C GLY H 91 8.63 29.25 -28.22
N TYR H 92 9.08 28.24 -28.96
CA TYR H 92 10.12 27.35 -28.45
C TYR H 92 11.45 28.08 -28.32
N ILE H 93 12.00 28.54 -29.43
CA ILE H 93 13.18 29.39 -29.42
C ILE H 93 12.69 30.81 -29.63
N MET H 94 13.52 31.78 -29.23
CA MET H 94 13.13 33.19 -29.24
C MET H 94 14.01 34.05 -30.14
N PRO H 95 14.01 33.81 -31.46
CA PRO H 95 14.36 34.89 -32.38
C PRO H 95 13.13 35.66 -32.83
N GLY H 96 11.96 35.01 -32.77
CA GLY H 96 10.71 35.64 -33.16
C GLY H 96 10.40 35.40 -34.62
N THR H 97 9.41 34.56 -34.92
CA THR H 97 9.24 34.06 -36.28
C THR H 97 7.78 34.02 -36.69
N PHE H 98 7.08 35.15 -36.58
CA PHE H 98 5.75 35.28 -37.17
C PHE H 98 5.79 34.94 -38.65
N GLY H 99 4.89 34.07 -39.07
CA GLY H 99 4.80 33.71 -40.46
C GLY H 99 3.99 34.70 -41.28
N GLN H 100 4.03 34.52 -42.59
CA GLN H 100 3.25 35.38 -43.48
C GLN H 100 1.76 35.08 -43.34
N GLY H 101 0.95 36.06 -43.68
CA GLY H 101 -0.47 35.98 -43.39
C GLY H 101 -1.30 35.34 -44.48
N THR H 102 -2.47 34.87 -44.08
CA THR H 102 -3.48 34.35 -44.99
C THR H 102 -4.69 35.27 -44.94
N LYS H 103 -5.08 35.81 -46.08
CA LYS H 103 -6.17 36.77 -46.16
C LYS H 103 -7.45 36.06 -46.60
N VAL H 104 -8.53 36.28 -45.85
CA VAL H 104 -9.80 35.60 -46.09
C VAL H 104 -10.84 36.63 -46.52
N ASP H 105 -11.52 36.34 -47.63
CA ASP H 105 -12.59 37.18 -48.15
C ASP H 105 -13.89 36.39 -48.19
N ILE H 106 -15.00 37.11 -48.26
CA ILE H 106 -16.33 36.53 -48.27
C ILE H 106 -17.02 36.88 -49.57
N LYS H 107 -17.62 35.88 -50.21
CA LYS H 107 -18.34 36.07 -51.46
C LYS H 107 -19.69 36.73 -51.21
N ASP I 1 21.24 0.91 44.83
CA ASP I 1 22.44 1.35 45.53
C ASP I 1 23.29 2.25 44.65
N ILE I 2 22.68 3.31 44.12
CA ILE I 2 23.36 4.29 43.29
C ILE I 2 23.74 5.48 44.16
N VAL I 3 24.93 6.04 43.91
CA VAL I 3 25.43 7.18 44.65
C VAL I 3 25.23 8.40 43.76
N MET I 4 24.29 9.26 44.14
CA MET I 4 24.05 10.49 43.41
C MET I 4 24.92 11.61 43.96
N THR I 5 25.61 12.32 43.07
CA THR I 5 26.50 13.41 43.45
C THR I 5 25.96 14.72 42.92
N GLN I 6 25.88 15.72 43.78
CA GLN I 6 25.33 17.02 43.42
C GLN I 6 26.39 18.10 43.54
N SER I 7 26.22 19.16 42.73
CA SER I 7 27.14 20.28 42.80
C SER I 7 26.44 21.55 42.33
N PRO I 8 26.71 22.69 42.96
CA PRO I 8 27.56 22.90 44.15
C PRO I 8 26.83 22.64 45.45
N PRO I 9 27.55 22.37 46.55
CA PRO I 9 26.88 22.20 47.84
C PRO I 9 26.11 23.43 48.30
N SER I 10 26.59 24.63 47.98
CA SER I 10 25.90 25.85 48.34
C SER I 10 26.15 26.90 47.26
N LEU I 11 25.11 27.66 46.92
CA LEU I 11 25.18 28.62 45.84
C LEU I 11 24.52 29.93 46.27
N SER I 12 25.05 31.04 45.75
CA SER I 12 24.50 32.36 45.98
C SER I 12 24.40 33.11 44.67
N ALA I 13 23.30 33.82 44.47
CA ALA I 13 23.08 34.54 43.23
C ALA I 13 22.19 35.75 43.50
N THR I 14 22.25 36.72 42.59
CA THR I 14 21.44 37.91 42.69
C THR I 14 20.05 37.67 42.09
N VAL I 15 19.10 38.52 42.47
CA VAL I 15 17.75 38.42 41.95
C VAL I 15 17.78 38.75 40.46
N GLY I 16 17.55 37.74 39.62
CA GLY I 16 17.55 37.92 38.19
C GLY I 16 18.66 37.17 37.46
N ASP I 17 19.63 36.60 38.18
CA ASP I 17 20.73 35.91 37.53
C ASP I 17 20.30 34.52 37.06
N ARG I 18 21.26 33.78 36.52
CA ARG I 18 21.03 32.43 36.03
C ARG I 18 21.74 31.44 36.94
N VAL I 19 21.01 30.41 37.38
CA VAL I 19 21.51 29.45 38.36
C VAL I 19 21.45 28.07 37.73
N THR I 20 22.51 27.28 37.93
CA THR I 20 22.59 25.93 37.38
C THR I 20 23.05 24.96 38.46
N ILE I 21 22.35 23.83 38.58
CA ILE I 21 22.71 22.77 39.51
C ILE I 21 22.94 21.49 38.71
N THR I 22 24.03 20.79 39.00
CA THR I 22 24.41 19.61 38.25
C THR I 22 24.38 18.37 39.15
N CYS I 23 24.00 17.24 38.56
CA CYS I 23 23.86 15.99 39.29
C CYS I 23 24.37 14.86 38.41
N ARG I 24 25.17 13.97 39.01
CA ARG I 24 25.75 12.82 38.34
C ARG I 24 25.38 11.54 39.08
N ALA I 25 25.38 10.44 38.34
CA ALA I 25 24.99 9.13 38.85
C ALA I 25 26.14 8.14 38.70
N SER I 26 26.17 7.15 39.59
CA SER I 26 27.21 6.13 39.52
C SER I 26 27.03 5.24 38.29
N GLN I 27 25.82 4.77 38.05
CA GLN I 27 25.51 3.89 36.94
C GLN I 27 24.66 4.62 35.92
N SER I 28 24.22 3.90 34.90
CA SER I 28 23.44 4.46 33.81
C SER I 28 21.95 4.30 34.13
N ILE I 29 21.31 5.41 34.48
CA ILE I 29 19.86 5.45 34.63
C ILE I 29 19.28 6.04 33.36
N SER I 30 18.32 5.35 32.76
CA SER I 30 17.82 5.72 31.44
C SER I 30 16.95 6.96 31.51
N ASN I 31 17.57 8.10 31.80
CA ASN I 31 16.89 9.39 31.86
C ASN I 31 15.73 9.38 32.83
N TYR I 32 15.92 8.71 33.97
CA TYR I 32 14.93 8.71 35.04
C TYR I 32 15.52 9.46 36.22
N LEU I 33 15.38 10.78 36.19
CA LEU I 33 15.86 11.64 37.26
C LEU I 33 14.78 12.65 37.60
N ASN I 34 14.52 12.81 38.90
CA ASN I 34 13.47 13.70 39.39
C ASN I 34 14.09 14.75 40.28
N TRP I 35 13.66 15.99 40.11
CA TRP I 35 14.18 17.12 40.88
C TRP I 35 13.14 17.53 41.93
N TYR I 36 13.60 17.71 43.16
CA TYR I 36 12.73 18.06 44.28
C TYR I 36 13.21 19.33 44.94
N GLN I 37 12.27 20.20 45.30
CA GLN I 37 12.55 21.46 45.95
C GLN I 37 11.89 21.48 47.32
N GLN I 38 12.66 21.79 48.35
CA GLN I 38 12.16 21.82 49.72
C GLN I 38 12.51 23.14 50.37
N LYS I 39 11.50 23.89 50.77
CA LYS I 39 11.66 25.08 51.59
C LYS I 39 11.83 24.68 53.05
N PRO I 40 12.40 25.56 53.87
CA PRO I 40 12.57 25.21 55.29
C PRO I 40 11.23 25.10 55.99
N GLY I 41 10.98 23.93 56.57
CA GLY I 41 9.77 23.69 57.33
C GLY I 41 8.60 23.17 56.54
N LYS I 42 8.80 22.73 55.30
CA LYS I 42 7.72 22.25 54.46
C LYS I 42 8.11 20.94 53.81
N ALA I 43 7.14 20.31 53.15
CA ALA I 43 7.35 19.04 52.48
C ALA I 43 7.96 19.26 51.10
N PRO I 44 8.73 18.30 50.61
CA PRO I 44 9.32 18.44 49.27
C PRO I 44 8.24 18.52 48.20
N LYS I 45 8.57 19.26 47.14
CA LYS I 45 7.69 19.43 45.99
C LYS I 45 8.45 19.03 44.73
N LEU I 46 7.86 18.13 43.95
CA LEU I 46 8.52 17.66 42.73
C LEU I 46 8.45 18.73 41.65
N LEU I 47 9.60 19.02 41.03
CA LEU I 47 9.68 20.03 39.98
C LEU I 47 9.67 19.41 38.59
N ILE I 48 10.61 18.51 38.32
CA ILE I 48 10.77 17.90 37.00
C ILE I 48 10.89 16.40 37.16
N SER I 49 10.14 15.67 36.34
CA SER I 49 10.21 14.22 36.27
C SER I 49 10.66 13.81 34.87
N GLY I 50 11.53 12.82 34.80
CA GLY I 50 12.10 12.43 33.52
C GLY I 50 13.21 13.33 33.03
N ALA I 51 13.67 14.26 33.86
CA ALA I 51 14.79 15.15 33.59
C ALA I 51 14.45 16.23 32.55
N SER I 52 13.30 16.13 31.91
CA SER I 52 12.92 17.12 30.92
C SER I 52 11.45 17.51 30.94
N SER I 53 10.63 16.93 31.82
CA SER I 53 9.20 17.18 31.82
C SER I 53 8.84 18.05 33.02
N LEU I 54 8.36 19.25 32.76
CA LEU I 54 7.89 20.13 33.82
C LEU I 54 6.54 19.65 34.31
N GLN I 55 6.39 19.58 35.63
CA GLN I 55 5.09 19.28 36.20
C GLN I 55 4.19 20.50 36.13
N LEU I 56 2.89 20.26 36.22
CA LEU I 56 1.93 21.35 36.15
C LEU I 56 2.04 22.23 37.39
N GLY I 57 1.94 23.54 37.18
CA GLY I 57 2.01 24.50 38.26
C GLY I 57 3.41 25.01 38.58
N VAL I 58 4.44 24.44 37.95
CA VAL I 58 5.81 24.89 38.16
C VAL I 58 6.11 26.02 37.19
N PRO I 59 6.69 27.13 37.64
CA PRO I 59 6.99 28.24 36.73
C PRO I 59 7.94 27.83 35.62
N SER I 60 7.77 28.45 34.46
CA SER I 60 8.53 28.08 33.27
C SER I 60 10.00 28.45 33.35
N ARG I 61 10.41 29.22 34.36
CA ARG I 61 11.81 29.55 34.51
C ARG I 61 12.67 28.35 34.88
N PHE I 62 12.05 27.25 35.30
CA PHE I 62 12.76 26.02 35.62
C PHE I 62 12.87 25.16 34.37
N SER I 63 14.08 24.69 34.09
CA SER I 63 14.31 23.80 32.95
C SER I 63 15.22 22.66 33.37
N GLY I 64 15.02 21.51 32.74
CA GLY I 64 15.87 20.34 32.98
C GLY I 64 16.48 19.88 31.68
N SER I 65 17.74 19.47 31.74
CA SER I 65 18.46 19.06 30.54
C SER I 65 19.42 17.92 30.87
N GLU I 66 19.74 17.15 29.84
CA GLU I 66 20.70 16.05 29.93
C GLU I 66 21.94 16.47 29.17
N SER I 67 22.88 17.10 29.87
CA SER I 67 24.12 17.57 29.27
C SER I 67 25.15 16.44 29.36
N GLY I 68 25.37 15.76 28.24
CA GLY I 68 26.27 14.62 28.25
C GLY I 68 25.75 13.54 29.18
N THR I 69 26.59 13.11 30.11
CA THR I 69 26.21 12.15 31.13
C THR I 69 25.72 12.80 32.41
N ASP I 70 25.68 14.12 32.47
CA ASP I 70 25.25 14.84 33.66
C ASP I 70 23.84 15.41 33.44
N PHE I 71 23.16 15.67 34.55
CA PHE I 71 21.81 16.21 34.51
C PHE I 71 21.82 17.60 35.13
N THR I 72 21.23 18.56 34.44
CA THR I 72 21.29 19.95 34.87
C THR I 72 19.88 20.51 35.07
N LEU I 73 19.72 21.23 36.18
CA LEU I 73 18.53 22.01 36.45
C LEU I 73 18.89 23.48 36.41
N THR I 74 18.16 24.26 35.62
CA THR I 74 18.47 25.65 35.36
C THR I 74 17.32 26.55 35.78
N ILE I 75 17.63 27.59 36.54
CA ILE I 75 16.70 28.67 36.86
C ILE I 75 17.17 29.90 36.10
N SER I 76 16.36 30.35 35.14
CA SER I 76 16.76 31.42 34.24
C SER I 76 16.77 32.77 34.93
N SER I 77 15.73 33.07 35.71
CA SER I 77 15.61 34.35 36.40
C SER I 77 15.25 34.05 37.85
N LEU I 78 16.26 34.00 38.72
CA LEU I 78 16.03 33.69 40.11
C LEU I 78 15.20 34.77 40.78
N GLN I 79 14.31 34.35 41.66
CA GLN I 79 13.42 35.23 42.40
C GLN I 79 13.51 34.91 43.87
N PRO I 80 13.13 35.83 44.75
CA PRO I 80 13.25 35.56 46.19
C PRO I 80 12.45 34.37 46.67
N GLU I 81 11.50 33.88 45.89
CA GLU I 81 10.74 32.69 46.25
C GLU I 81 11.48 31.39 45.95
N ASP I 82 12.66 31.46 45.34
CA ASP I 82 13.41 30.29 44.93
C ASP I 82 14.61 30.02 45.84
N CYS I 83 14.46 30.29 47.14
CA CYS I 83 15.47 29.96 48.12
C CYS I 83 15.03 28.69 48.83
N ALA I 84 15.65 27.57 48.46
CA ALA I 84 15.28 26.28 49.00
C ALA I 84 16.44 25.32 48.82
N THR I 85 16.20 24.04 49.09
CA THR I 85 17.19 22.98 48.88
C THR I 85 16.68 22.05 47.80
N TYR I 86 17.55 21.70 46.86
CA TYR I 86 17.18 20.93 45.68
C TYR I 86 17.88 19.58 45.70
N TYR I 87 17.13 18.53 45.38
CA TYR I 87 17.62 17.16 45.38
C TYR I 87 17.36 16.51 44.02
N CYS I 88 18.24 15.60 43.64
CA CYS I 88 18.06 14.78 42.46
C CYS I 88 17.92 13.33 42.88
N GLN I 89 16.92 12.66 42.33
CA GLN I 89 16.58 11.29 42.72
C GLN I 89 16.45 10.41 41.48
N GLN I 90 16.81 9.14 41.63
CA GLN I 90 16.67 8.16 40.58
C GLN I 90 15.36 7.39 40.73
N GLY I 91 15.00 6.65 39.68
CA GLY I 91 13.83 5.81 39.71
C GLY I 91 14.02 4.50 38.99
N TYR I 92 15.23 4.25 38.48
CA TYR I 92 15.49 3.04 37.71
C TYR I 92 15.46 1.81 38.60
N ILE I 93 16.34 1.76 39.59
CA ILE I 93 16.39 0.65 40.55
C ILE I 93 15.59 1.04 41.77
N MET I 94 15.03 0.04 42.44
CA MET I 94 14.02 0.29 43.47
C MET I 94 14.54 1.13 44.63
N PRO I 95 15.71 0.83 45.25
CA PRO I 95 16.16 1.67 46.37
C PRO I 95 16.31 3.13 45.96
N GLY I 96 15.43 3.99 46.47
CA GLY I 96 15.49 5.39 46.16
C GLY I 96 16.76 6.04 46.66
N THR I 97 17.49 6.70 45.78
CA THR I 97 18.79 7.29 46.10
C THR I 97 18.72 8.79 45.90
N PHE I 98 18.31 9.51 46.94
CA PHE I 98 18.38 10.96 46.92
C PHE I 98 19.82 11.41 47.01
N GLY I 99 20.14 12.51 46.33
CA GLY I 99 21.44 13.14 46.46
C GLY I 99 21.48 14.04 47.68
N GLN I 100 22.57 14.77 47.79
CA GLN I 100 22.71 15.77 48.84
C GLN I 100 21.91 17.01 48.43
N GLY I 101 22.10 18.10 49.16
CA GLY I 101 21.33 19.32 48.94
C GLY I 101 22.19 20.45 48.40
N THR I 102 21.63 21.23 47.48
CA THR I 102 22.24 22.45 46.98
C THR I 102 21.43 23.62 47.54
N LYS I 103 21.95 24.27 48.56
CA LYS I 103 21.26 25.36 49.23
C LYS I 103 21.53 26.67 48.49
N VAL I 104 20.46 27.36 48.12
CA VAL I 104 20.55 28.58 47.32
C VAL I 104 20.13 29.76 48.18
N ASP I 105 20.97 30.80 48.21
CA ASP I 105 20.69 32.00 48.99
C ASP I 105 20.77 33.22 48.09
N ILE I 106 19.88 34.18 48.30
CA ILE I 106 19.85 35.40 47.52
C ILE I 106 20.74 36.45 48.17
N LYS I 107 21.17 37.42 47.37
CA LYS I 107 22.03 38.49 47.86
C LYS I 107 21.28 39.82 47.91
#